data_8GPZ
# 
_entry.id   8GPZ 
# 
_audit_conform.dict_name       mmcif_pdbx.dic 
_audit_conform.dict_version    5.380 
_audit_conform.dict_location   http://mmcif.pdb.org/dictionaries/ascii/mmcif_pdbx.dic 
# 
loop_
_database_2.database_id 
_database_2.database_code 
_database_2.pdbx_database_accession 
_database_2.pdbx_DOI 
PDB   8GPZ         pdb_00008gpz 10.2210/pdb8gpz/pdb 
WWPDB D_1300031870 ?            ?                   
# 
_pdbx_database_status.status_code                     REL 
_pdbx_database_status.status_code_sf                  REL 
_pdbx_database_status.status_code_mr                  ? 
_pdbx_database_status.entry_id                        8GPZ 
_pdbx_database_status.recvd_initial_deposition_date   2022-08-27 
_pdbx_database_status.SG_entry                        N 
_pdbx_database_status.deposit_site                    PDBJ 
_pdbx_database_status.process_site                    PDBJ 
_pdbx_database_status.status_code_cs                  ? 
_pdbx_database_status.status_code_nmr_data            ? 
_pdbx_database_status.methods_development_category    ? 
_pdbx_database_status.pdb_format_compatible           Y 
# 
loop_
_audit_author.name 
_audit_author.pdbx_ordinal 
_audit_author.identifier_ORCID 
'Park, T.H.' 1 0000-0001-8059-8273 
'Lee, B.I.'  2 0000-0003-1270-8439 
# 
_citation.abstract                  ? 
_citation.abstract_id_CAS           ? 
_citation.book_id_ISBN              ? 
_citation.book_publisher            ? 
_citation.book_publisher_city       ? 
_citation.book_title                ? 
_citation.coordinate_linkage        ? 
_citation.country                   UK 
_citation.database_id_Medline       ? 
_citation.details                   ? 
_citation.id                        primary 
_citation.journal_abbrev            'Sci Rep' 
_citation.journal_id_ASTM           ? 
_citation.journal_id_CSD            ? 
_citation.journal_id_ISSN           2045-2322 
_citation.journal_full              ? 
_citation.journal_issue             ? 
_citation.journal_volume            13 
_citation.language                  ? 
_citation.page_first                10805 
_citation.page_last                 10805 
_citation.title                     
;Crystal structure of [1,2,4]triazolo[4,3-b]pyridazine derivatives as BRD4 bromodomain inhibitors and structure-activity relationship study.
;
_citation.year                      2023 
_citation.database_id_CSD           ? 
_citation.pdbx_database_id_DOI      10.1038/s41598-023-37527-w 
_citation.pdbx_database_id_PubMed   37402749 
_citation.pdbx_database_id_patent   ? 
_citation.unpublished_flag          ? 
# 
loop_
_citation_author.citation_id 
_citation_author.name 
_citation_author.ordinal 
_citation_author.identifier_ORCID 
primary 'Kim, J.H.'  1 ? 
primary 'Pandit, N.' 2 ? 
primary 'Yoo, M.'    3 ? 
primary 'Park, T.H.' 4 ? 
primary 'Choi, J.U.' 5 ? 
primary 'Park, C.H.' 6 ? 
primary 'Jung, K.Y.' 7 ? 
primary 'Lee, B.I.'  8 ? 
# 
_cell.angle_alpha                  90.000 
_cell.angle_alpha_esd              ? 
_cell.angle_beta                   90.000 
_cell.angle_beta_esd               ? 
_cell.angle_gamma                  90.000 
_cell.angle_gamma_esd              ? 
_cell.entry_id                     8GPZ 
_cell.details                      ? 
_cell.formula_units_Z              ? 
_cell.length_a                     32.158 
_cell.length_a_esd                 ? 
_cell.length_b                     47.318 
_cell.length_b_esd                 ? 
_cell.length_c                     79.540 
_cell.length_c_esd                 ? 
_cell.volume                       ? 
_cell.volume_esd                   ? 
_cell.Z_PDB                        4 
_cell.reciprocal_angle_alpha       ? 
_cell.reciprocal_angle_beta        ? 
_cell.reciprocal_angle_gamma       ? 
_cell.reciprocal_angle_alpha_esd   ? 
_cell.reciprocal_angle_beta_esd    ? 
_cell.reciprocal_angle_gamma_esd   ? 
_cell.reciprocal_length_a          ? 
_cell.reciprocal_length_b          ? 
_cell.reciprocal_length_c          ? 
_cell.reciprocal_length_a_esd      ? 
_cell.reciprocal_length_b_esd      ? 
_cell.reciprocal_length_c_esd      ? 
_cell.pdbx_unique_axis             ? 
_cell.pdbx_esd_method              ? 
# 
_symmetry.entry_id                         8GPZ 
_symmetry.cell_setting                     ? 
_symmetry.Int_Tables_number                19 
_symmetry.space_group_name_Hall            ? 
_symmetry.space_group_name_H-M             'P 21 21 21' 
_symmetry.pdbx_full_space_group_name_H-M   ? 
# 
loop_
_entity.id 
_entity.type 
_entity.src_method 
_entity.pdbx_description 
_entity.formula_weight 
_entity.pdbx_number_of_molecules 
_entity.pdbx_ec 
_entity.pdbx_mutation 
_entity.pdbx_fragment 
_entity.details 
1 polymer     man 'Bromodomain-containing protein 4'                                     14754.074 1  ? ? ? ? 
2 non-polymer syn 'FORMIC ACID'                                                          46.025    2  ? ? ? ? 
3 non-polymer syn 'SODIUM ION'                                                           22.990    1  ? ? ? ? 
4 non-polymer syn '3-methyl-6-(4-methylpiperidin-1-yl)-[1,2,4]triazolo[4,3-b]pyridazine' 231.297   1  ? ? ? ? 
5 water       nat water                                                                  18.015    86 ? ? ? ? 
# 
_entity_name_com.entity_id   1 
_entity_name_com.name        'Protein HUNK1' 
# 
_entity_poly.entity_id                      1 
_entity_poly.type                           'polypeptide(L)' 
_entity_poly.nstd_linkage                   no 
_entity_poly.nstd_monomer                   no 
_entity_poly.pdbx_seq_one_letter_code       
;MNPPPPETSNPNKPKRQTNQLQYLLRVVLKTLWKHQFAWPFQQPVDAVKLNLPDYYKIIKTPMDMGTIKKRLENNYYWNA
QECIQDFNTMFTNCYIYNKPGDDIVLMAEALEKLFLQKINELPT
;
_entity_poly.pdbx_seq_one_letter_code_can   
;MNPPPPETSNPNKPKRQTNQLQYLLRVVLKTLWKHQFAWPFQQPVDAVKLNLPDYYKIIKTPMDMGTIKKRLENNYYWNA
QECIQDFNTMFTNCYIYNKPGDDIVLMAEALEKLFLQKINELPT
;
_entity_poly.pdbx_strand_id                 A 
_entity_poly.pdbx_target_identifier         ? 
# 
loop_
_entity_poly_seq.entity_id 
_entity_poly_seq.num 
_entity_poly_seq.mon_id 
_entity_poly_seq.hetero 
1 1   MET n 
1 2   ASN n 
1 3   PRO n 
1 4   PRO n 
1 5   PRO n 
1 6   PRO n 
1 7   GLU n 
1 8   THR n 
1 9   SER n 
1 10  ASN n 
1 11  PRO n 
1 12  ASN n 
1 13  LYS n 
1 14  PRO n 
1 15  LYS n 
1 16  ARG n 
1 17  GLN n 
1 18  THR n 
1 19  ASN n 
1 20  GLN n 
1 21  LEU n 
1 22  GLN n 
1 23  TYR n 
1 24  LEU n 
1 25  LEU n 
1 26  ARG n 
1 27  VAL n 
1 28  VAL n 
1 29  LEU n 
1 30  LYS n 
1 31  THR n 
1 32  LEU n 
1 33  TRP n 
1 34  LYS n 
1 35  HIS n 
1 36  GLN n 
1 37  PHE n 
1 38  ALA n 
1 39  TRP n 
1 40  PRO n 
1 41  PHE n 
1 42  GLN n 
1 43  GLN n 
1 44  PRO n 
1 45  VAL n 
1 46  ASP n 
1 47  ALA n 
1 48  VAL n 
1 49  LYS n 
1 50  LEU n 
1 51  ASN n 
1 52  LEU n 
1 53  PRO n 
1 54  ASP n 
1 55  TYR n 
1 56  TYR n 
1 57  LYS n 
1 58  ILE n 
1 59  ILE n 
1 60  LYS n 
1 61  THR n 
1 62  PRO n 
1 63  MET n 
1 64  ASP n 
1 65  MET n 
1 66  GLY n 
1 67  THR n 
1 68  ILE n 
1 69  LYS n 
1 70  LYS n 
1 71  ARG n 
1 72  LEU n 
1 73  GLU n 
1 74  ASN n 
1 75  ASN n 
1 76  TYR n 
1 77  TYR n 
1 78  TRP n 
1 79  ASN n 
1 80  ALA n 
1 81  GLN n 
1 82  GLU n 
1 83  CYS n 
1 84  ILE n 
1 85  GLN n 
1 86  ASP n 
1 87  PHE n 
1 88  ASN n 
1 89  THR n 
1 90  MET n 
1 91  PHE n 
1 92  THR n 
1 93  ASN n 
1 94  CYS n 
1 95  TYR n 
1 96  ILE n 
1 97  TYR n 
1 98  ASN n 
1 99  LYS n 
1 100 PRO n 
1 101 GLY n 
1 102 ASP n 
1 103 ASP n 
1 104 ILE n 
1 105 VAL n 
1 106 LEU n 
1 107 MET n 
1 108 ALA n 
1 109 GLU n 
1 110 ALA n 
1 111 LEU n 
1 112 GLU n 
1 113 LYS n 
1 114 LEU n 
1 115 PHE n 
1 116 LEU n 
1 117 GLN n 
1 118 LYS n 
1 119 ILE n 
1 120 ASN n 
1 121 GLU n 
1 122 LEU n 
1 123 PRO n 
1 124 THR n 
# 
_entity_src_gen.entity_id                          1 
_entity_src_gen.pdbx_src_id                        1 
_entity_src_gen.pdbx_alt_source_flag               sample 
_entity_src_gen.pdbx_seq_type                      'Biological sequence' 
_entity_src_gen.pdbx_beg_seq_num                   1 
_entity_src_gen.pdbx_end_seq_num                   124 
_entity_src_gen.gene_src_common_name               human 
_entity_src_gen.gene_src_genus                     ? 
_entity_src_gen.pdbx_gene_src_gene                 'BRD4, HUNK1' 
_entity_src_gen.gene_src_species                   ? 
_entity_src_gen.gene_src_strain                    ? 
_entity_src_gen.gene_src_tissue                    ? 
_entity_src_gen.gene_src_tissue_fraction           ? 
_entity_src_gen.gene_src_details                   ? 
_entity_src_gen.pdbx_gene_src_fragment             ? 
_entity_src_gen.pdbx_gene_src_scientific_name      'Homo sapiens' 
_entity_src_gen.pdbx_gene_src_ncbi_taxonomy_id     9606 
_entity_src_gen.pdbx_gene_src_variant              ? 
_entity_src_gen.pdbx_gene_src_cell_line            ? 
_entity_src_gen.pdbx_gene_src_atcc                 ? 
_entity_src_gen.pdbx_gene_src_organ                ? 
_entity_src_gen.pdbx_gene_src_organelle            ? 
_entity_src_gen.pdbx_gene_src_cell                 ? 
_entity_src_gen.pdbx_gene_src_cellular_location    ? 
_entity_src_gen.host_org_common_name               ? 
_entity_src_gen.pdbx_host_org_scientific_name      'Escherichia coli' 
_entity_src_gen.pdbx_host_org_ncbi_taxonomy_id     562 
_entity_src_gen.host_org_genus                     ? 
_entity_src_gen.pdbx_host_org_gene                 ? 
_entity_src_gen.pdbx_host_org_organ                ? 
_entity_src_gen.host_org_species                   ? 
_entity_src_gen.pdbx_host_org_tissue               ? 
_entity_src_gen.pdbx_host_org_tissue_fraction      ? 
_entity_src_gen.pdbx_host_org_strain               ? 
_entity_src_gen.pdbx_host_org_variant              ? 
_entity_src_gen.pdbx_host_org_cell_line            ? 
_entity_src_gen.pdbx_host_org_atcc                 ? 
_entity_src_gen.pdbx_host_org_culture_collection   ? 
_entity_src_gen.pdbx_host_org_cell                 ? 
_entity_src_gen.pdbx_host_org_organelle            ? 
_entity_src_gen.pdbx_host_org_cellular_location    ? 
_entity_src_gen.pdbx_host_org_vector_type          ? 
_entity_src_gen.pdbx_host_org_vector               ? 
_entity_src_gen.host_org_details                   ? 
_entity_src_gen.expression_system_id               ? 
_entity_src_gen.plasmid_name                       ? 
_entity_src_gen.plasmid_details                    ? 
_entity_src_gen.pdbx_description                   ? 
# 
_struct_ref.id                         1 
_struct_ref.db_name                    UNP 
_struct_ref.db_code                    BRD4_HUMAN 
_struct_ref.pdbx_db_accession          O60885 
_struct_ref.pdbx_db_isoform            ? 
_struct_ref.entity_id                  1 
_struct_ref.pdbx_seq_one_letter_code   
;NPPPPETSNPNKPKRQTNQLQYLLRVVLKTLWKHQFAWPFQQPVDAVKLNLPDYYKIIKTPMDMGTIKKRLENNYYWNAQ
ECIQDFNTMFTNCYIYNKPGDDIVLMAEALEKLFLQKINELPT
;
_struct_ref.pdbx_align_begin           44 
# 
_struct_ref_seq.align_id                      1 
_struct_ref_seq.ref_id                        1 
_struct_ref_seq.pdbx_PDB_id_code              8GPZ 
_struct_ref_seq.pdbx_strand_id                A 
_struct_ref_seq.seq_align_beg                 2 
_struct_ref_seq.pdbx_seq_align_beg_ins_code   ? 
_struct_ref_seq.seq_align_end                 124 
_struct_ref_seq.pdbx_seq_align_end_ins_code   ? 
_struct_ref_seq.pdbx_db_accession             O60885 
_struct_ref_seq.db_align_beg                  44 
_struct_ref_seq.pdbx_db_align_beg_ins_code    ? 
_struct_ref_seq.db_align_end                  166 
_struct_ref_seq.pdbx_db_align_end_ins_code    ? 
_struct_ref_seq.pdbx_auth_seq_align_beg       44 
_struct_ref_seq.pdbx_auth_seq_align_end       166 
# 
_struct_ref_seq_dif.align_id                     1 
_struct_ref_seq_dif.pdbx_pdb_id_code             8GPZ 
_struct_ref_seq_dif.mon_id                       MET 
_struct_ref_seq_dif.pdbx_pdb_strand_id           A 
_struct_ref_seq_dif.seq_num                      1 
_struct_ref_seq_dif.pdbx_pdb_ins_code            ? 
_struct_ref_seq_dif.pdbx_seq_db_name             UNP 
_struct_ref_seq_dif.pdbx_seq_db_accession_code   O60885 
_struct_ref_seq_dif.db_mon_id                    ? 
_struct_ref_seq_dif.pdbx_seq_db_seq_num          ? 
_struct_ref_seq_dif.details                      'initiating methionine' 
_struct_ref_seq_dif.pdbx_auth_seq_num            43 
_struct_ref_seq_dif.pdbx_ordinal                 1 
# 
loop_
_chem_comp.id 
_chem_comp.type 
_chem_comp.mon_nstd_flag 
_chem_comp.name 
_chem_comp.pdbx_synonyms 
_chem_comp.formula 
_chem_comp.formula_weight 
ALA 'L-peptide linking' y ALANINE                                                                ? 'C3 H7 N O2'     89.093  
ARG 'L-peptide linking' y ARGININE                                                               ? 'C6 H15 N4 O2 1' 175.209 
ASN 'L-peptide linking' y ASPARAGINE                                                             ? 'C4 H8 N2 O3'    132.118 
ASP 'L-peptide linking' y 'ASPARTIC ACID'                                                        ? 'C4 H7 N O4'     133.103 
CYS 'L-peptide linking' y CYSTEINE                                                               ? 'C3 H7 N O2 S'   121.158 
FMT non-polymer         . 'FORMIC ACID'                                                          ? 'C H2 O2'        46.025  
GLN 'L-peptide linking' y GLUTAMINE                                                              ? 'C5 H10 N2 O3'   146.144 
GLU 'L-peptide linking' y 'GLUTAMIC ACID'                                                        ? 'C5 H9 N O4'     147.129 
GLY 'peptide linking'   y GLYCINE                                                                ? 'C2 H5 N O2'     75.067  
HIS 'L-peptide linking' y HISTIDINE                                                              ? 'C6 H10 N3 O2 1' 156.162 
HOH non-polymer         . WATER                                                                  ? 'H2 O'           18.015  
ILE 'L-peptide linking' y ISOLEUCINE                                                             ? 'C6 H13 N O2'    131.173 
KC3 non-polymer         . '3-methyl-6-(4-methylpiperidin-1-yl)-[1,2,4]triazolo[4,3-b]pyridazine' ? 'C12 H17 N5'     231.297 
LEU 'L-peptide linking' y LEUCINE                                                                ? 'C6 H13 N O2'    131.173 
LYS 'L-peptide linking' y LYSINE                                                                 ? 'C6 H15 N2 O2 1' 147.195 
MET 'L-peptide linking' y METHIONINE                                                             ? 'C5 H11 N O2 S'  149.211 
NA  non-polymer         . 'SODIUM ION'                                                           ? 'Na 1'           22.990  
PHE 'L-peptide linking' y PHENYLALANINE                                                          ? 'C9 H11 N O2'    165.189 
PRO 'L-peptide linking' y PROLINE                                                                ? 'C5 H9 N O2'     115.130 
SER 'L-peptide linking' y SERINE                                                                 ? 'C3 H7 N O3'     105.093 
THR 'L-peptide linking' y THREONINE                                                              ? 'C4 H9 N O3'     119.119 
TRP 'L-peptide linking' y TRYPTOPHAN                                                             ? 'C11 H12 N2 O2'  204.225 
TYR 'L-peptide linking' y TYROSINE                                                               ? 'C9 H11 N O3'    181.189 
VAL 'L-peptide linking' y VALINE                                                                 ? 'C5 H11 N O2'    117.146 
# 
_exptl.absorpt_coefficient_mu     ? 
_exptl.absorpt_correction_T_max   ? 
_exptl.absorpt_correction_T_min   ? 
_exptl.absorpt_correction_type    ? 
_exptl.absorpt_process_details    ? 
_exptl.entry_id                   8GPZ 
_exptl.crystals_number            1 
_exptl.details                    ? 
_exptl.method                     'X-RAY DIFFRACTION' 
_exptl.method_details             ? 
# 
_exptl_crystal.colour                       ? 
_exptl_crystal.density_diffrn               ? 
_exptl_crystal.density_Matthews             2.05 
_exptl_crystal.density_method               ? 
_exptl_crystal.density_percent_sol          40.02 
_exptl_crystal.description                  ? 
_exptl_crystal.F_000                        ? 
_exptl_crystal.id                           1 
_exptl_crystal.preparation                  ? 
_exptl_crystal.size_max                     ? 
_exptl_crystal.size_mid                     ? 
_exptl_crystal.size_min                     ? 
_exptl_crystal.size_rad                     ? 
_exptl_crystal.colour_lustre                ? 
_exptl_crystal.colour_modifier              ? 
_exptl_crystal.colour_primary               ? 
_exptl_crystal.density_meas                 ? 
_exptl_crystal.density_meas_esd             ? 
_exptl_crystal.density_meas_gt              ? 
_exptl_crystal.density_meas_lt              ? 
_exptl_crystal.density_meas_temp            ? 
_exptl_crystal.density_meas_temp_esd        ? 
_exptl_crystal.density_meas_temp_gt         ? 
_exptl_crystal.density_meas_temp_lt         ? 
_exptl_crystal.pdbx_crystal_image_url       ? 
_exptl_crystal.pdbx_crystal_image_format    ? 
_exptl_crystal.pdbx_mosaicity               ? 
_exptl_crystal.pdbx_mosaicity_esd           ? 
_exptl_crystal.pdbx_mosaic_method           ? 
_exptl_crystal.pdbx_mosaic_block_size       ? 
_exptl_crystal.pdbx_mosaic_block_size_esd   ? 
# 
_exptl_crystal_grow.apparatus       ? 
_exptl_crystal_grow.atmosphere      ? 
_exptl_crystal_grow.crystal_id      1 
_exptl_crystal_grow.details         ? 
_exptl_crystal_grow.method          'VAPOR DIFFUSION, HANGING DROP' 
_exptl_crystal_grow.method_ref      ? 
_exptl_crystal_grow.pH              ? 
_exptl_crystal_grow.pressure        ? 
_exptl_crystal_grow.pressure_esd    ? 
_exptl_crystal_grow.seeding         ? 
_exptl_crystal_grow.seeding_ref     ? 
_exptl_crystal_grow.temp            287 
_exptl_crystal_grow.temp_details    ? 
_exptl_crystal_grow.temp_esd        ? 
_exptl_crystal_grow.time            ? 
_exptl_crystal_grow.pdbx_details    '6 M Sodium formate, 10% Glycerol' 
_exptl_crystal_grow.pdbx_pH_range   ? 
# 
_diffrn.ambient_environment              ? 
_diffrn.ambient_temp                     100 
_diffrn.ambient_temp_details             ? 
_diffrn.ambient_temp_esd                 ? 
_diffrn.crystal_id                       1 
_diffrn.crystal_support                  ? 
_diffrn.crystal_treatment                ? 
_diffrn.details                          ? 
_diffrn.id                               1 
_diffrn.ambient_pressure                 ? 
_diffrn.ambient_pressure_esd             ? 
_diffrn.ambient_pressure_gt              ? 
_diffrn.ambient_pressure_lt              ? 
_diffrn.ambient_temp_gt                  ? 
_diffrn.ambient_temp_lt                  ? 
_diffrn.pdbx_serial_crystal_experiment   N 
# 
_diffrn_detector.details                      ? 
_diffrn_detector.detector                     PIXEL 
_diffrn_detector.diffrn_id                    1 
_diffrn_detector.type                         'DECTRIS PILATUS 6M' 
_diffrn_detector.area_resol_mean              ? 
_diffrn_detector.dtime                        ? 
_diffrn_detector.pdbx_frames_total            ? 
_diffrn_detector.pdbx_collection_time_total   ? 
_diffrn_detector.pdbx_collection_date         2019-03-05 
_diffrn_detector.pdbx_frequency               ? 
# 
_diffrn_radiation.collimation                      ? 
_diffrn_radiation.diffrn_id                        1 
_diffrn_radiation.filter_edge                      ? 
_diffrn_radiation.inhomogeneity                    ? 
_diffrn_radiation.monochromator                    ? 
_diffrn_radiation.polarisn_norm                    ? 
_diffrn_radiation.polarisn_ratio                   ? 
_diffrn_radiation.probe                            ? 
_diffrn_radiation.type                             ? 
_diffrn_radiation.xray_symbol                      ? 
_diffrn_radiation.wavelength_id                    1 
_diffrn_radiation.pdbx_monochromatic_or_laue_m_l   M 
_diffrn_radiation.pdbx_wavelength_list             ? 
_diffrn_radiation.pdbx_wavelength                  ? 
_diffrn_radiation.pdbx_diffrn_protocol             'SINGLE WAVELENGTH' 
_diffrn_radiation.pdbx_analyzer                    ? 
_diffrn_radiation.pdbx_scattering_type             x-ray 
# 
_diffrn_radiation_wavelength.id           1 
_diffrn_radiation_wavelength.wavelength   0.979 
_diffrn_radiation_wavelength.wt           1.0 
# 
_diffrn_source.current                     ? 
_diffrn_source.details                     ? 
_diffrn_source.diffrn_id                   1 
_diffrn_source.power                       ? 
_diffrn_source.size                        ? 
_diffrn_source.source                      SYNCHROTRON 
_diffrn_source.target                      ? 
_diffrn_source.type                        'PAL/PLS BEAMLINE 11C' 
_diffrn_source.voltage                     ? 
_diffrn_source.take-off_angle              ? 
_diffrn_source.pdbx_wavelength_list        0.979 
_diffrn_source.pdbx_wavelength             ? 
_diffrn_source.pdbx_synchrotron_beamline   11C 
_diffrn_source.pdbx_synchrotron_site       PAL/PLS 
# 
_reflns.B_iso_Wilson_estimate                          ? 
_reflns.entry_id                                       8GPZ 
_reflns.data_reduction_details                         ? 
_reflns.data_reduction_method                          ? 
_reflns.d_resolution_high                              1.5280 
_reflns.d_resolution_low                               50 
_reflns.details                                        ? 
_reflns.limit_h_max                                    ? 
_reflns.limit_h_min                                    ? 
_reflns.limit_k_max                                    ? 
_reflns.limit_k_min                                    ? 
_reflns.limit_l_max                                    ? 
_reflns.limit_l_min                                    ? 
_reflns.number_all                                     ? 
_reflns.number_obs                                     18654 
_reflns.observed_criterion                             ? 
_reflns.observed_criterion_F_max                       ? 
_reflns.observed_criterion_F_min                       ? 
_reflns.observed_criterion_I_max                       ? 
_reflns.observed_criterion_I_min                       ? 
_reflns.observed_criterion_sigma_F                     ? 
_reflns.observed_criterion_sigma_I                     ? 
_reflns.percent_possible_obs                           97.7 
_reflns.R_free_details                                 ? 
_reflns.Rmerge_F_all                                   ? 
_reflns.Rmerge_F_obs                                   ? 
_reflns.Friedel_coverage                               ? 
_reflns.number_gt                                      ? 
_reflns.threshold_expression                           ? 
_reflns.pdbx_redundancy                                6.2 
_reflns.pdbx_Rmerge_I_obs                              ? 
_reflns.pdbx_Rmerge_I_all                              ? 
_reflns.pdbx_Rsym_value                                0.095 
_reflns.pdbx_netI_over_av_sigmaI                       ? 
_reflns.pdbx_netI_over_sigmaI                          17.222 
_reflns.pdbx_res_netI_over_av_sigmaI_2                 ? 
_reflns.pdbx_res_netI_over_sigmaI_2                    ? 
_reflns.pdbx_chi_squared                               ? 
_reflns.pdbx_scaling_rejects                           ? 
_reflns.pdbx_d_res_high_opt                            ? 
_reflns.pdbx_d_res_low_opt                             ? 
_reflns.pdbx_d_res_opt_method                          ? 
_reflns.phase_calculation_details                      ? 
_reflns.pdbx_Rrim_I_all                                0.104 
_reflns.pdbx_Rpim_I_all                                0.041 
_reflns.pdbx_d_opt                                     ? 
_reflns.pdbx_number_measured_all                       ? 
_reflns.pdbx_diffrn_id                                 1 
_reflns.pdbx_ordinal                                   1 
_reflns.pdbx_CC_half                                   0.999 
_reflns.pdbx_CC_star                                   ? 
_reflns.pdbx_R_split                                   ? 
_reflns.pdbx_aniso_diffraction_limit_axis_1_ortho[1]   ? 
_reflns.pdbx_aniso_diffraction_limit_axis_1_ortho[2]   ? 
_reflns.pdbx_aniso_diffraction_limit_axis_1_ortho[3]   ? 
_reflns.pdbx_aniso_diffraction_limit_axis_2_ortho[1]   ? 
_reflns.pdbx_aniso_diffraction_limit_axis_2_ortho[2]   ? 
_reflns.pdbx_aniso_diffraction_limit_axis_2_ortho[3]   ? 
_reflns.pdbx_aniso_diffraction_limit_axis_3_ortho[1]   ? 
_reflns.pdbx_aniso_diffraction_limit_axis_3_ortho[2]   ? 
_reflns.pdbx_aniso_diffraction_limit_axis_3_ortho[3]   ? 
_reflns.pdbx_aniso_diffraction_limit_1                 ? 
_reflns.pdbx_aniso_diffraction_limit_2                 ? 
_reflns.pdbx_aniso_diffraction_limit_3                 ? 
_reflns.pdbx_aniso_B_tensor_eigenvector_1_ortho[1]     ? 
_reflns.pdbx_aniso_B_tensor_eigenvector_1_ortho[2]     ? 
_reflns.pdbx_aniso_B_tensor_eigenvector_1_ortho[3]     ? 
_reflns.pdbx_aniso_B_tensor_eigenvector_2_ortho[1]     ? 
_reflns.pdbx_aniso_B_tensor_eigenvector_2_ortho[2]     ? 
_reflns.pdbx_aniso_B_tensor_eigenvector_2_ortho[3]     ? 
_reflns.pdbx_aniso_B_tensor_eigenvector_3_ortho[1]     ? 
_reflns.pdbx_aniso_B_tensor_eigenvector_3_ortho[2]     ? 
_reflns.pdbx_aniso_B_tensor_eigenvector_3_ortho[3]     ? 
_reflns.pdbx_aniso_B_tensor_eigenvalue_1               ? 
_reflns.pdbx_aniso_B_tensor_eigenvalue_2               ? 
_reflns.pdbx_aniso_B_tensor_eigenvalue_3               ? 
_reflns.pdbx_orthogonalization_convention              ? 
_reflns.pdbx_percent_possible_ellipsoidal              ? 
_reflns.pdbx_percent_possible_spherical                ? 
_reflns.pdbx_percent_possible_ellipsoidal_anomalous    ? 
_reflns.pdbx_percent_possible_spherical_anomalous      ? 
_reflns.pdbx_redundancy_anomalous                      ? 
_reflns.pdbx_CC_half_anomalous                         ? 
_reflns.pdbx_absDiff_over_sigma_anomalous              ? 
_reflns.pdbx_percent_possible_anomalous                ? 
_reflns.pdbx_observed_signal_threshold                 ? 
_reflns.pdbx_signal_type                               ? 
_reflns.pdbx_signal_details                            ? 
_reflns.pdbx_signal_software_id                        ? 
_reflns.pdbx_CC_split_method                           ? 
# 
_reflns_shell.d_res_high                                    1.53 
_reflns_shell.d_res_low                                     1.56 
_reflns_shell.meanI_over_sigI_all                           ? 
_reflns_shell.meanI_over_sigI_obs                           2 
_reflns_shell.number_measured_all                           ? 
_reflns_shell.number_measured_obs                           ? 
_reflns_shell.number_possible                               ? 
_reflns_shell.number_unique_all                             ? 
_reflns_shell.number_unique_obs                             791 
_reflns_shell.percent_possible_all                          86.2 
_reflns_shell.percent_possible_obs                          ? 
_reflns_shell.Rmerge_F_all                                  ? 
_reflns_shell.Rmerge_F_obs                                  ? 
_reflns_shell.Rmerge_I_all                                  ? 
_reflns_shell.Rmerge_I_obs                                  ? 
_reflns_shell.meanI_over_sigI_gt                            ? 
_reflns_shell.meanI_over_uI_all                             ? 
_reflns_shell.meanI_over_uI_gt                              ? 
_reflns_shell.number_measured_gt                            ? 
_reflns_shell.number_unique_gt                              ? 
_reflns_shell.percent_possible_gt                           ? 
_reflns_shell.Rmerge_F_gt                                   ? 
_reflns_shell.Rmerge_I_gt                                   ? 
_reflns_shell.pdbx_redundancy                               5.1 
_reflns_shell.pdbx_Rsym_value                               0.691 
_reflns_shell.pdbx_chi_squared                              ? 
_reflns_shell.pdbx_netI_over_sigmaI_all                     ? 
_reflns_shell.pdbx_netI_over_sigmaI_obs                     ? 
_reflns_shell.pdbx_Rrim_I_all                               0.762 
_reflns_shell.pdbx_Rpim_I_all                               0.314 
_reflns_shell.pdbx_rejects                                  ? 
_reflns_shell.pdbx_ordinal                                  1 
_reflns_shell.pdbx_diffrn_id                                1 
_reflns_shell.pdbx_CC_half                                  0.782 
_reflns_shell.pdbx_CC_star                                  ? 
_reflns_shell.pdbx_R_split                                  ? 
_reflns_shell.pdbx_percent_possible_ellipsoidal             ? 
_reflns_shell.pdbx_percent_possible_spherical               ? 
_reflns_shell.pdbx_percent_possible_ellipsoidal_anomalous   ? 
_reflns_shell.pdbx_percent_possible_spherical_anomalous     ? 
_reflns_shell.pdbx_redundancy_anomalous                     ? 
_reflns_shell.pdbx_CC_half_anomalous                        ? 
_reflns_shell.pdbx_absDiff_over_sigma_anomalous             ? 
_reflns_shell.pdbx_percent_possible_anomalous               ? 
# 
_refine.aniso_B[1][1]                            ? 
_refine.aniso_B[1][2]                            ? 
_refine.aniso_B[1][3]                            ? 
_refine.aniso_B[2][2]                            ? 
_refine.aniso_B[2][3]                            ? 
_refine.aniso_B[3][3]                            ? 
_refine.B_iso_max                                35.740 
_refine.B_iso_mean                               14.9001 
_refine.B_iso_min                                7.210 
_refine.correlation_coeff_Fo_to_Fc               ? 
_refine.correlation_coeff_Fo_to_Fc_free          ? 
_refine.details                                  ? 
_refine.diff_density_max                         ? 
_refine.diff_density_max_esd                     ? 
_refine.diff_density_min                         ? 
_refine.diff_density_min_esd                     ? 
_refine.diff_density_rms                         ? 
_refine.diff_density_rms_esd                     ? 
_refine.entry_id                                 8GPZ 
_refine.pdbx_refine_id                           'X-RAY DIFFRACTION' 
_refine.ls_abs_structure_details                 ? 
_refine.ls_abs_structure_Flack                   ? 
_refine.ls_abs_structure_Flack_esd               ? 
_refine.ls_abs_structure_Rogers                  ? 
_refine.ls_abs_structure_Rogers_esd              ? 
_refine.ls_d_res_high                            1.5280 
_refine.ls_d_res_low                             40.6660 
_refine.ls_extinction_coef                       ? 
_refine.ls_extinction_coef_esd                   ? 
_refine.ls_extinction_expression                 ? 
_refine.ls_extinction_method                     ? 
_refine.ls_goodness_of_fit_all                   ? 
_refine.ls_goodness_of_fit_all_esd               ? 
_refine.ls_goodness_of_fit_obs                   ? 
_refine.ls_goodness_of_fit_obs_esd               ? 
_refine.ls_hydrogen_treatment                    ? 
_refine.ls_matrix_type                           ? 
_refine.ls_number_constraints                    ? 
_refine.ls_number_parameters                     ? 
_refine.ls_number_reflns_all                     ? 
_refine.ls_number_reflns_obs                     16687 
_refine.ls_number_reflns_R_free                  837 
_refine.ls_number_reflns_R_work                  15850 
_refine.ls_number_restraints                     ? 
_refine.ls_percent_reflns_obs                    87.6400 
_refine.ls_percent_reflns_R_free                 5.0200 
_refine.ls_R_factor_all                          ? 
_refine.ls_R_factor_obs                          0.1872 
_refine.ls_R_factor_R_free                       0.2118 
_refine.ls_R_factor_R_free_error                 ? 
_refine.ls_R_factor_R_free_error_details         ? 
_refine.ls_R_factor_R_work                       0.1859 
_refine.ls_R_Fsqd_factor_obs                     ? 
_refine.ls_R_I_factor_obs                        ? 
_refine.ls_redundancy_reflns_all                 ? 
_refine.ls_redundancy_reflns_obs                 ? 
_refine.ls_restrained_S_all                      ? 
_refine.ls_restrained_S_obs                      ? 
_refine.ls_shift_over_esd_max                    ? 
_refine.ls_shift_over_esd_mean                   ? 
_refine.ls_structure_factor_coef                 ? 
_refine.ls_weighting_details                     ? 
_refine.ls_weighting_scheme                      ? 
_refine.ls_wR_factor_all                         ? 
_refine.ls_wR_factor_obs                         ? 
_refine.ls_wR_factor_R_free                      ? 
_refine.ls_wR_factor_R_work                      ? 
_refine.occupancy_max                            ? 
_refine.occupancy_min                            ? 
_refine.solvent_model_details                    'FLAT BULK SOLVENT MODEL' 
_refine.solvent_model_param_bsol                 ? 
_refine.solvent_model_param_ksol                 ? 
_refine.pdbx_R_complete                          ? 
_refine.ls_R_factor_gt                           ? 
_refine.ls_goodness_of_fit_gt                    ? 
_refine.ls_goodness_of_fit_ref                   ? 
_refine.ls_shift_over_su_max                     ? 
_refine.ls_shift_over_su_max_lt                  ? 
_refine.ls_shift_over_su_mean                    ? 
_refine.ls_shift_over_su_mean_lt                 ? 
_refine.pdbx_ls_sigma_I                          ? 
_refine.pdbx_ls_sigma_F                          1.360 
_refine.pdbx_ls_sigma_Fsqd                       ? 
_refine.pdbx_data_cutoff_high_absF               ? 
_refine.pdbx_data_cutoff_high_rms_absF           ? 
_refine.pdbx_data_cutoff_low_absF                ? 
_refine.pdbx_isotropic_thermal_model             ? 
_refine.pdbx_ls_cross_valid_method               THROUGHOUT 
_refine.pdbx_method_to_determine_struct          'MOLECULAR REPLACEMENT' 
_refine.pdbx_starting_model                      6kei 
_refine.pdbx_stereochemistry_target_values       ML 
_refine.pdbx_R_Free_selection_details            ? 
_refine.pdbx_stereochem_target_val_spec_case     ? 
_refine.pdbx_overall_ESU_R                       ? 
_refine.pdbx_overall_ESU_R_Free                  ? 
_refine.pdbx_solvent_vdw_probe_radii             1.1100 
_refine.pdbx_solvent_ion_probe_radii             ? 
_refine.pdbx_solvent_shrinkage_radii             0.9000 
_refine.pdbx_real_space_R                        ? 
_refine.pdbx_density_correlation                 ? 
_refine.pdbx_pd_number_of_powder_patterns        ? 
_refine.pdbx_pd_number_of_points                 ? 
_refine.pdbx_pd_meas_number_of_points            ? 
_refine.pdbx_pd_proc_ls_prof_R_factor            ? 
_refine.pdbx_pd_proc_ls_prof_wR_factor           ? 
_refine.pdbx_pd_Marquardt_correlation_coeff      ? 
_refine.pdbx_pd_Fsqrd_R_factor                   ? 
_refine.pdbx_pd_ls_matrix_band_width             ? 
_refine.pdbx_overall_phase_error                 21.8300 
_refine.pdbx_overall_SU_R_free_Cruickshank_DPI   ? 
_refine.pdbx_overall_SU_R_free_Blow_DPI          ? 
_refine.pdbx_overall_SU_R_Blow_DPI               ? 
_refine.pdbx_TLS_residual_ADP_flag               ? 
_refine.pdbx_diffrn_id                           1 
_refine.overall_SU_B                             ? 
_refine.overall_SU_ML                            0.1500 
_refine.overall_SU_R_Cruickshank_DPI             ? 
_refine.overall_SU_R_free                        ? 
_refine.overall_FOM_free_R_set                   ? 
_refine.overall_FOM_work_R_set                   ? 
_refine.pdbx_average_fsc_overall                 ? 
_refine.pdbx_average_fsc_work                    ? 
_refine.pdbx_average_fsc_free                    ? 
# 
_refine_hist.pdbx_refine_id                   'X-RAY DIFFRACTION' 
_refine_hist.cycle_id                         final 
_refine_hist.details                          ? 
_refine_hist.d_res_high                       1.5280 
_refine_hist.d_res_low                        40.6660 
_refine_hist.number_atoms_solvent             86 
_refine_hist.number_atoms_total               1129 
_refine_hist.number_reflns_all                ? 
_refine_hist.number_reflns_obs                ? 
_refine_hist.number_reflns_R_free             ? 
_refine_hist.number_reflns_R_work             ? 
_refine_hist.R_factor_all                     ? 
_refine_hist.R_factor_obs                     ? 
_refine_hist.R_factor_R_free                  ? 
_refine_hist.R_factor_R_work                  ? 
_refine_hist.pdbx_number_residues_total       124 
_refine_hist.pdbx_B_iso_mean_ligand           16.11 
_refine_hist.pdbx_B_iso_mean_solvent          21.93 
_refine_hist.pdbx_number_atoms_protein        1019 
_refine_hist.pdbx_number_atoms_nucleic_acid   0 
_refine_hist.pdbx_number_atoms_ligand         24 
_refine_hist.pdbx_number_atoms_lipid          ? 
_refine_hist.pdbx_number_atoms_carb           ? 
_refine_hist.pdbx_pseudo_atom_details         ? 
# 
loop_
_refine_ls_shell.pdbx_refine_id 
_refine_ls_shell.d_res_high 
_refine_ls_shell.d_res_low 
_refine_ls_shell.number_reflns_all 
_refine_ls_shell.number_reflns_obs 
_refine_ls_shell.number_reflns_R_free 
_refine_ls_shell.number_reflns_R_work 
_refine_ls_shell.percent_reflns_obs 
_refine_ls_shell.percent_reflns_R_free 
_refine_ls_shell.R_factor_all 
_refine_ls_shell.R_factor_obs 
_refine_ls_shell.R_factor_R_free 
_refine_ls_shell.R_factor_R_free_error 
_refine_ls_shell.R_factor_R_work 
_refine_ls_shell.redundancy_reflns_all 
_refine_ls_shell.redundancy_reflns_obs 
_refine_ls_shell.wR_factor_all 
_refine_ls_shell.wR_factor_obs 
_refine_ls_shell.wR_factor_R_free 
_refine_ls_shell.wR_factor_R_work 
_refine_ls_shell.pdbx_R_complete 
_refine_ls_shell.pdbx_total_number_of_bins_used 
_refine_ls_shell.pdbx_phase_error 
_refine_ls_shell.pdbx_fsc_work 
_refine_ls_shell.pdbx_fsc_free 
'X-RAY DIFFRACTION' 1.5284 1.6241  . . 108 1747 60.0000  . . . 0.2377 0.0000 0.1904 . . . . . . . . . . . 
'X-RAY DIFFRACTION' 1.6241 1.7495  . . 117 2203 75.0000  . . . 0.2438 0.0000 0.2014 . . . . . . . . . . . 
'X-RAY DIFFRACTION' 1.7495 1.9256  . . 135 2763 93.0000  . . . 0.2495 0.0000 0.2019 . . . . . . . . . . . 
'X-RAY DIFFRACTION' 1.9256 2.2042  . . 157 2977 99.0000  . . . 0.2405 0.0000 0.1836 . . . . . . . . . . . 
'X-RAY DIFFRACTION' 2.2042 2.7770  . . 137 3036 100.0000 . . . 0.2236 0.0000 0.1888 . . . . . . . . . . . 
'X-RAY DIFFRACTION' 2.7770 40.6660 . . 183 3124 99.0000  . . . 0.1842 0.0000 0.1785 . . . . . . . . . . . 
# 
_struct.entry_id                     8GPZ 
_struct.title                        'Crystal structure of BRD4 bromodomain 1 (BD1) in complex with C239-0012' 
_struct.pdbx_model_details           ? 
_struct.pdbx_formula_weight          ? 
_struct.pdbx_formula_weight_method   ? 
_struct.pdbx_model_type_details      ? 
_struct.pdbx_CASP_flag               N 
# 
_struct_keywords.entry_id        8GPZ 
_struct_keywords.text            'BD1, complex, inhibitor, TRANSCRIPTION' 
_struct_keywords.pdbx_keywords   TRANSCRIPTION 
# 
loop_
_struct_asym.id 
_struct_asym.pdbx_blank_PDB_chainid_flag 
_struct_asym.pdbx_modified 
_struct_asym.entity_id 
_struct_asym.details 
A N N 1 ? 
B N N 2 ? 
C N N 2 ? 
D N N 3 ? 
E N N 4 ? 
F N N 5 ? 
# 
loop_
_struct_conf.conf_type_id 
_struct_conf.id 
_struct_conf.pdbx_PDB_helix_id 
_struct_conf.beg_label_comp_id 
_struct_conf.beg_label_asym_id 
_struct_conf.beg_label_seq_id 
_struct_conf.pdbx_beg_PDB_ins_code 
_struct_conf.end_label_comp_id 
_struct_conf.end_label_asym_id 
_struct_conf.end_label_seq_id 
_struct_conf.pdbx_end_PDB_ins_code 
_struct_conf.beg_auth_comp_id 
_struct_conf.beg_auth_asym_id 
_struct_conf.beg_auth_seq_id 
_struct_conf.end_auth_comp_id 
_struct_conf.end_auth_asym_id 
_struct_conf.end_auth_seq_id 
_struct_conf.pdbx_PDB_helix_class 
_struct_conf.details 
_struct_conf.pdbx_PDB_helix_length 
HELX_P HELX_P1 AA1 THR A 18  ? VAL A 27  ? THR A 60  VAL A 69  1 ? 10 
HELX_P HELX_P2 AA2 VAL A 27  ? HIS A 35  ? VAL A 69  HIS A 77  1 ? 9  
HELX_P HELX_P3 AA3 ALA A 38  ? GLN A 42  ? ALA A 80  GLN A 84  5 ? 5  
HELX_P HELX_P4 AA4 ASP A 54  ? ILE A 59  ? ASP A 96  ILE A 101 1 ? 6  
HELX_P HELX_P5 AA5 ASP A 64  ? ASN A 74  ? ASP A 106 ASN A 116 1 ? 11 
HELX_P HELX_P6 AA6 ASN A 79  ? ASN A 98  ? ASN A 121 ASN A 140 1 ? 20 
HELX_P HELX_P7 AA7 ASP A 102 ? ASN A 120 ? ASP A 144 ASN A 162 1 ? 19 
# 
_struct_conf_type.id          HELX_P 
_struct_conf_type.criteria    ? 
_struct_conf_type.reference   ? 
# 
loop_
_struct_conn.id 
_struct_conn.conn_type_id 
_struct_conn.pdbx_leaving_atom_flag 
_struct_conn.pdbx_PDB_id 
_struct_conn.ptnr1_label_asym_id 
_struct_conn.ptnr1_label_comp_id 
_struct_conn.ptnr1_label_seq_id 
_struct_conn.ptnr1_label_atom_id 
_struct_conn.pdbx_ptnr1_label_alt_id 
_struct_conn.pdbx_ptnr1_PDB_ins_code 
_struct_conn.pdbx_ptnr1_standard_comp_id 
_struct_conn.ptnr1_symmetry 
_struct_conn.ptnr2_label_asym_id 
_struct_conn.ptnr2_label_comp_id 
_struct_conn.ptnr2_label_seq_id 
_struct_conn.ptnr2_label_atom_id 
_struct_conn.pdbx_ptnr2_label_alt_id 
_struct_conn.pdbx_ptnr2_PDB_ins_code 
_struct_conn.ptnr1_auth_asym_id 
_struct_conn.ptnr1_auth_comp_id 
_struct_conn.ptnr1_auth_seq_id 
_struct_conn.ptnr2_auth_asym_id 
_struct_conn.ptnr2_auth_comp_id 
_struct_conn.ptnr2_auth_seq_id 
_struct_conn.ptnr2_symmetry 
_struct_conn.pdbx_ptnr3_label_atom_id 
_struct_conn.pdbx_ptnr3_label_seq_id 
_struct_conn.pdbx_ptnr3_label_comp_id 
_struct_conn.pdbx_ptnr3_label_asym_id 
_struct_conn.pdbx_ptnr3_label_alt_id 
_struct_conn.pdbx_ptnr3_PDB_ins_code 
_struct_conn.details 
_struct_conn.pdbx_dist_value 
_struct_conn.pdbx_value_order 
_struct_conn.pdbx_role 
metalc1 metalc ? ? A TYR 23  OH ? ? ? 1_555 D NA  . NA ? ? A TYR 65  A NA  203 1_555 ? ? ? ? ? ? ? 2.354 ? ? 
metalc2 metalc ? ? A LYS 118 O  ? ? ? 1_555 D NA  . NA ? ? A LYS 160 A NA  203 1_555 ? ? ? ? ? ? ? 2.281 ? ? 
metalc3 metalc ? ? A GLU 121 O  ? ? ? 1_555 D NA  . NA ? ? A GLU 163 A NA  203 1_555 ? ? ? ? ? ? ? 2.310 ? ? 
metalc4 metalc ? ? D NA  .   NA ? ? ? 1_555 F HOH . O  ? ? A NA  203 A HOH 331 1_555 ? ? ? ? ? ? ? 2.308 ? ? 
metalc5 metalc ? ? D NA  .   NA ? ? ? 1_555 F HOH . O  ? ? A NA  203 A HOH 373 1_555 ? ? ? ? ? ? ? 2.477 ? ? 
# 
_struct_conn_type.id          metalc 
_struct_conn_type.criteria    ? 
_struct_conn_type.reference   ? 
# 
_atom_sites.entry_id                    8GPZ 
_atom_sites.Cartn_transf_matrix[1][1]   ? 
_atom_sites.Cartn_transf_matrix[1][2]   ? 
_atom_sites.Cartn_transf_matrix[1][3]   ? 
_atom_sites.Cartn_transf_matrix[2][1]   ? 
_atom_sites.Cartn_transf_matrix[2][2]   ? 
_atom_sites.Cartn_transf_matrix[2][3]   ? 
_atom_sites.Cartn_transf_matrix[3][1]   ? 
_atom_sites.Cartn_transf_matrix[3][2]   ? 
_atom_sites.Cartn_transf_matrix[3][3]   ? 
_atom_sites.Cartn_transf_vector[1]      ? 
_atom_sites.Cartn_transf_vector[2]      ? 
_atom_sites.Cartn_transf_vector[3]      ? 
_atom_sites.fract_transf_matrix[1][1]   0.01086562 
_atom_sites.fract_transf_matrix[1][2]   -0.02906467 
_atom_sites.fract_transf_matrix[1][3]   0.00203584 
_atom_sites.fract_transf_matrix[2][1]   -0.00586102 
_atom_sites.fract_transf_matrix[2][2]   -0.00076986 
_atom_sites.fract_transf_matrix[2][3]   0.02029043 
_atom_sites.fract_transf_matrix[3][1]   -0.01125172 
_atom_sites.fract_transf_matrix[3][2]   -0.00444585 
_atom_sites.fract_transf_matrix[3][3]   -0.00341882 
_atom_sites.fract_transf_vector[1]      -0.685901 
_atom_sites.fract_transf_vector[2]      0.063120 
_atom_sites.fract_transf_vector[3]      1.107884 
_atom_sites.solution_primary            ? 
_atom_sites.solution_secondary          ? 
_atom_sites.solution_hydrogens          ? 
_atom_sites.special_details             ? 
# 
loop_
_atom_type.symbol 
C  
N  
NA 
O  
S  
# 
loop_
_atom_site.group_PDB 
_atom_site.id 
_atom_site.type_symbol 
_atom_site.label_atom_id 
_atom_site.label_alt_id 
_atom_site.label_comp_id 
_atom_site.label_asym_id 
_atom_site.label_entity_id 
_atom_site.label_seq_id 
_atom_site.pdbx_PDB_ins_code 
_atom_site.Cartn_x 
_atom_site.Cartn_y 
_atom_site.Cartn_z 
_atom_site.occupancy 
_atom_site.B_iso_or_equiv 
_atom_site.pdbx_formal_charge 
_atom_site.auth_seq_id 
_atom_site.auth_comp_id 
_atom_site.auth_asym_id 
_atom_site.auth_atom_id 
_atom_site.pdbx_PDB_model_num 
ATOM   1    N  N   . MET A 1 1   ? 6.890   -3.837  -19.717 1.00 32.33 ? 43  MET A N   1 
ATOM   2    C  CA  . MET A 1 1   ? 5.574   -3.233  -19.847 1.00 26.56 ? 43  MET A CA  1 
ATOM   3    C  C   . MET A 1 1   ? 4.881   -3.229  -18.484 1.00 19.08 ? 43  MET A C   1 
ATOM   4    O  O   . MET A 1 1   ? 5.350   -3.847  -17.507 1.00 22.49 ? 43  MET A O   1 
ATOM   5    C  CB  . MET A 1 1   ? 4.731   -3.977  -20.891 1.00 21.07 ? 43  MET A CB  1 
ATOM   6    N  N   . ASN A 1 2   ? 3.777   -2.509  -18.420 1.00 21.14 ? 44  ASN A N   1 
ATOM   7    C  CA  . ASN A 1 2   ? 2.987   -2.484  -17.201 1.00 18.58 ? 44  ASN A CA  1 
ATOM   8    C  C   . ASN A 1 2   ? 1.846   -3.482  -17.306 1.00 16.17 ? 44  ASN A C   1 
ATOM   9    O  O   . ASN A 1 2   ? 1.205   -3.579  -18.356 1.00 20.49 ? 44  ASN A O   1 
ATOM   10   C  CB  . ASN A 1 2   ? 2.402   -1.091  -16.952 1.00 16.10 ? 44  ASN A CB  1 
ATOM   11   C  CG  . ASN A 1 2   ? 3.444   -0.082  -16.512 1.00 15.39 ? 44  ASN A CG  1 
ATOM   12   O  OD1 . ASN A 1 2   ? 4.305   -0.382  -15.685 1.00 16.92 ? 44  ASN A OD1 1 
ATOM   13   N  ND2 . ASN A 1 2   ? 3.362   1.129   -17.057 1.00 17.44 ? 44  ASN A ND2 1 
ATOM   14   N  N   . PRO A 1 3   ? 1.592   -4.235  -16.247 1.00 12.31 ? 45  PRO A N   1 
ATOM   15   C  CA  . PRO A 1 3   ? 0.342   -4.990  -16.141 1.00 14.87 ? 45  PRO A CA  1 
ATOM   16   C  C   . PRO A 1 3   ? -0.785  -4.080  -15.689 1.00 17.14 ? 45  PRO A C   1 
ATOM   17   O  O   . PRO A 1 3   ? -0.533  -2.933  -15.282 1.00 15.39 ? 45  PRO A O   1 
ATOM   18   C  CB  . PRO A 1 3   ? 0.670   -6.043  -15.076 1.00 16.66 ? 45  PRO A CB  1 
ATOM   19   C  CG  . PRO A 1 3   ? 1.661   -5.362  -14.194 1.00 15.51 ? 45  PRO A CG  1 
ATOM   20   C  CD  . PRO A 1 3   ? 2.460   -4.431  -15.078 1.00 14.01 ? 45  PRO A CD  1 
ATOM   21   N  N   . PRO A 1 4   ? -2.038  -4.530  -15.737 1.00 16.49 ? 46  PRO A N   1 
ATOM   22   C  CA  . PRO A 1 4   ? -3.107  -3.715  -15.185 1.00 15.42 ? 46  PRO A CA  1 
ATOM   23   C  C   . PRO A 1 4   ? -2.919  -3.564  -13.690 1.00 14.97 ? 46  PRO A C   1 
ATOM   24   O  O   . PRO A 1 4   ? -2.337  -4.443  -13.026 1.00 17.36 ? 46  PRO A O   1 
ATOM   25   C  CB  . PRO A 1 4   ? -4.376  -4.512  -15.520 1.00 18.16 ? 46  PRO A CB  1 
ATOM   26   C  CG  . PRO A 1 4   ? -3.915  -5.904  -15.684 1.00 15.70 ? 46  PRO A CG  1 
ATOM   27   C  CD  . PRO A 1 4   ? -2.548  -5.804  -16.282 1.00 16.26 ? 46  PRO A CD  1 
ATOM   28   N  N   . PRO A 1 5   ? -3.359  -2.448  -13.121 1.00 15.06 ? 47  PRO A N   1 
ATOM   29   C  CA  . PRO A 1 5   ? -3.192  -2.228  -11.681 1.00 14.36 ? 47  PRO A CA  1 
ATOM   30   C  C   . PRO A 1 5   ? -4.135  -3.111  -10.886 1.00 15.72 ? 47  PRO A C   1 
ATOM   31   O  O   . PRO A 1 5   ? -5.095  -3.671  -11.444 1.00 17.25 ? 47  PRO A O   1 
ATOM   32   C  CB  . PRO A 1 5   ? -3.543  -0.743  -11.516 1.00 17.23 ? 47  PRO A CB  1 
ATOM   33   C  CG  . PRO A 1 5   ? -4.455  -0.457  -12.638 1.00 20.30 ? 47  PRO A CG  1 
ATOM   34   C  CD  . PRO A 1 5   ? -4.016  -1.309  -13.782 1.00 17.31 ? 47  PRO A CD  1 
ATOM   35   N  N   . PRO A 1 6   ? -3.891  -3.275  -9.588  1.00 14.07 ? 48  PRO A N   1 
ATOM   36   C  CA  . PRO A 1 6   ? -4.785  -4.099  -8.769  1.00 12.51 ? 48  PRO A CA  1 
ATOM   37   C  C   . PRO A 1 6   ? -6.196  -3.542  -8.776  1.00 14.03 ? 48  PRO A C   1 
ATOM   38   O  O   . PRO A 1 6   ? -6.406  -2.329  -8.893  1.00 14.04 ? 48  PRO A O   1 
ATOM   39   C  CB  . PRO A 1 6   ? -4.163  -4.015  -7.369  1.00 14.67 ? 48  PRO A CB  1 
ATOM   40   C  CG  . PRO A 1 6   ? -2.726  -3.671  -7.611  1.00 17.16 ? 48  PRO A CG  1 
ATOM   41   C  CD  . PRO A 1 6   ? -2.725  -2.791  -8.823  1.00 16.10 ? 48  PRO A CD  1 
ATOM   42   N  N   . GLU A 1 7   ? -7.169  -4.448  -8.648  1.00 15.62 ? 49  GLU A N   1 
ATOM   43   C  CA  . GLU A 1 7   ? -8.565  -4.043  -8.657  1.00 14.47 ? 49  GLU A CA  1 
ATOM   44   C  C   . GLU A 1 7   ? -8.880  -3.230  -7.412  1.00 13.45 ? 49  GLU A C   1 
ATOM   45   O  O   . GLU A 1 7   ? -8.275  -3.416  -6.350  1.00 15.45 ? 49  GLU A O   1 
ATOM   46   C  CB  . GLU A 1 7   ? -9.487  -5.263  -8.734  1.00 13.70 ? 49  GLU A CB  1 
ATOM   47   C  CG  . GLU A 1 7   ? -9.582  -6.069  -7.446  1.00 14.32 ? 49  GLU A CG  1 
ATOM   48   C  CD  . GLU A 1 7   ? -10.460 -7.304  -7.578  1.00 17.25 ? 49  GLU A CD  1 
ATOM   49   O  OE1 . GLU A 1 7   ? -10.734 -7.961  -6.544  1.00 16.50 ? 49  GLU A OE1 1 
ATOM   50   O  OE2 . GLU A 1 7   ? -10.869 -7.628  -8.713  1.00 18.39 ? 49  GLU A OE2 1 
ATOM   51   N  N   . THR A 1 8   ? -9.808  -2.284  -7.561  1.00 15.83 ? 50  THR A N   1 
ATOM   52   C  CA  . THR A 1 8   ? -10.325 -1.521  -6.437  1.00 14.98 ? 50  THR A CA  1 
ATOM   53   C  C   . THR A 1 8   ? -11.817 -1.730  -6.253  1.00 17.47 ? 50  THR A C   1 
ATOM   54   O  O   . THR A 1 8   ? -12.409 -1.130  -5.349  1.00 15.62 ? 50  THR A O   1 
ATOM   55   C  CB  . THR A 1 8   ? -10.028 -0.027  -6.615  1.00 16.53 ? 50  THR A CB  1 
ATOM   56   O  OG1 . THR A 1 8   ? -10.628 0.438   -7.831  1.00 19.03 ? 50  THR A OG1 1 
ATOM   57   C  CG2 . THR A 1 8   ? -8.534  0.194   -6.695  1.00 16.47 ? 50  THR A CG2 1 
ATOM   58   N  N   . SER A 1 9   ? -12.438 -2.540  -7.103  1.00 13.41 ? 51  SER A N   1 
ATOM   59   C  CA  . SER A 1 9   ? -13.823 -2.943  -6.937  1.00 14.77 ? 51  SER A CA  1 
ATOM   60   C  C   . SER A 1 9   ? -13.968 -4.375  -7.420  1.00 14.03 ? 51  SER A C   1 
ATOM   61   O  O   . SER A 1 9   ? -13.180 -4.865  -8.232  1.00 15.29 ? 51  SER A O   1 
ATOM   62   C  CB  . SER A 1 9   ? -14.778 -2.019  -7.695  1.00 21.15 ? 51  SER A CB  1 
ATOM   63   O  OG  . SER A 1 9   ? -14.618 -2.190  -9.082  1.00 26.57 ? 51  SER A OG  1 
ATOM   64   N  N   . ASN A 1 10  ? -14.987 -5.041  -6.902  1.00 13.06 ? 52  ASN A N   1 
ATOM   65   C  CA  . ASN A 1 10  ? -15.234 -6.451  -7.155  1.00 16.71 ? 52  ASN A CA  1 
ATOM   66   C  C   . ASN A 1 10  ? -16.629 -6.732  -6.632  1.00 13.73 ? 52  ASN A C   1 
ATOM   67   O  O   . ASN A 1 10  ? -16.807 -6.959  -5.429  1.00 14.30 ? 52  ASN A O   1 
ATOM   68   C  CB  . ASN A 1 10  ? -14.201 -7.337  -6.458  1.00 15.19 ? 52  ASN A CB  1 
ATOM   69   C  CG  . ASN A 1 10  ? -14.326 -8.802  -6.840  1.00 20.12 ? 52  ASN A CG  1 
ATOM   70   O  OD1 . ASN A 1 10  ? -15.422 -9.307  -7.106  1.00 18.75 ? 52  ASN A OD1 1 
ATOM   71   N  ND2 . ASN A 1 10  ? -13.197 -9.496  -6.861  1.00 20.54 ? 52  ASN A ND2 1 
ATOM   72   N  N   . PRO A 1 11  ? -17.643 -6.693  -7.493  1.00 14.31 ? 53  PRO A N   1 
ATOM   73   C  CA  . PRO A 1 11  ? -19.021 -6.727  -6.989  1.00 14.39 ? 53  PRO A CA  1 
ATOM   74   C  C   . PRO A 1 11  ? -19.351 -7.995  -6.233  1.00 14.04 ? 53  PRO A C   1 
ATOM   75   O  O   . PRO A 1 11  ? -20.163 -7.958  -5.300  1.00 15.33 ? 53  PRO A O   1 
ATOM   76   C  CB  . PRO A 1 11  ? -19.861 -6.589  -8.269  1.00 12.01 ? 53  PRO A CB  1 
ATOM   77   C  CG  . PRO A 1 11  ? -18.962 -5.943  -9.239  1.00 15.74 ? 53  PRO A CG  1 
ATOM   78   C  CD  . PRO A 1 11  ? -17.590 -6.455  -8.942  1.00 14.81 ? 53  PRO A CD  1 
ATOM   79   N  N   . ASN A 1 12  ? -18.729 -9.120  -6.584  1.00 12.11 ? 54  ASN A N   1 
ATOM   80   C  CA  . ASN A 1 12  ? -19.029 -10.369 -5.893  1.00 12.90 ? 54  ASN A CA  1 
ATOM   81   C  C   . ASN A 1 12  ? -18.321 -10.495 -4.552  1.00 15.98 ? 54  ASN A C   1 
ATOM   82   O  O   . ASN A 1 12  ? -18.727 -11.325 -3.734  1.00 16.65 ? 54  ASN A O   1 
ATOM   83   C  CB  . ASN A 1 12  ? -18.659 -11.566 -6.769  1.00 15.63 ? 54  ASN A CB  1 
ATOM   84   C  CG  . ASN A 1 12  ? -19.757 -11.922 -7.762  1.00 15.16 ? 54  ASN A CG  1 
ATOM   85   O  OD1 . ASN A 1 12  ? -20.946 -11.759 -7.477  1.00 14.76 ? 54  ASN A OD1 1 
ATOM   86   N  ND2 . ASN A 1 12  ? -19.362 -12.420 -8.929  1.00 16.97 ? 54  ASN A ND2 1 
ATOM   87   N  N   . LYS A 1 13  ? -17.278 -9.707  -4.310  1.00 11.69 ? 55  LYS A N   1 
ATOM   88   C  CA  . LYS A 1 13  ? -16.519 -9.842  -3.075  1.00 14.51 ? 55  LYS A CA  1 
ATOM   89   C  C   . LYS A 1 13  ? -17.319 -9.243  -1.923  1.00 12.67 ? 55  LYS A C   1 
ATOM   90   O  O   . LYS A 1 13  ? -17.874 -8.149  -2.066  1.00 12.69 ? 55  LYS A O   1 
ATOM   91   C  CB  . LYS A 1 13  ? -15.168 -9.145  -3.226  1.00 13.72 ? 55  LYS A CB  1 
ATOM   92   C  CG  . LYS A 1 13  ? -14.289 -9.133  -1.992  1.00 13.13 ? 55  LYS A CG  1 
ATOM   93   C  CD  . LYS A 1 13  ? -13.060 -8.267  -2.284  1.00 15.14 ? 55  LYS A CD  1 
ATOM   94   C  CE  . LYS A 1 13  ? -11.942 -8.521  -1.286  1.00 15.27 ? 55  LYS A CE  1 
ATOM   95   N  NZ  . LYS A 1 13  ? -12.349 -8.071  0.058   1.00 15.18 ? 55  LYS A NZ  1 
ATOM   96   N  N   . PRO A 1 14  ? -17.433 -9.934  -0.791  1.00 13.70 ? 56  PRO A N   1 
ATOM   97   C  CA  . PRO A 1 14  ? -18.155 -9.366  0.353   1.00 14.63 ? 56  PRO A CA  1 
ATOM   98   C  C   . PRO A 1 14  ? -17.345 -8.279  1.041   1.00 16.06 ? 56  PRO A C   1 
ATOM   99   O  O   . PRO A 1 14  ? -16.125 -8.379  1.192   1.00 17.83 ? 56  PRO A O   1 
ATOM   100  C  CB  . PRO A 1 14  ? -18.360 -10.572 1.276   1.00 15.46 ? 56  PRO A CB  1 
ATOM   101  C  CG  . PRO A 1 14  ? -17.209 -11.483 0.956   1.00 14.81 ? 56  PRO A CG  1 
ATOM   102  C  CD  . PRO A 1 14  ? -16.902 -11.282 -0.518  1.00 15.35 ? 56  PRO A CD  1 
ATOM   103  N  N   . LYS A 1 15  ? -18.047 -7.233  1.462   1.00 14.16 ? 57  LYS A N   1 
ATOM   104  C  CA  . LYS A 1 15  ? -17.420 -6.027  1.971   1.00 17.69 ? 57  LYS A CA  1 
ATOM   105  C  C   . LYS A 1 15  ? -18.056 -5.608  3.288   1.00 18.67 ? 57  LYS A C   1 
ATOM   106  O  O   . LYS A 1 15  ? -19.201 -5.952  3.589   1.00 16.82 ? 57  LYS A O   1 
ATOM   107  C  CB  . LYS A 1 15  ? -17.552 -4.905  0.954   1.00 19.64 ? 57  LYS A CB  1 
ATOM   108  C  CG  . LYS A 1 15  ? -16.909 -5.232  -0.381  1.00 25.31 ? 57  LYS A CG  1 
ATOM   109  C  CD  . LYS A 1 15  ? -17.354 -4.260  -1.447  1.00 23.66 ? 57  LYS A CD  1 
ATOM   110  C  CE  . LYS A 1 15  ? -16.797 -4.658  -2.786  1.00 25.90 ? 57  LYS A CE  1 
ATOM   111  N  NZ  . LYS A 1 15  ? -17.490 -5.854  -3.321  1.00 17.23 ? 57  LYS A NZ  1 
ATOM   112  N  N   . ARG A 1 16  ? -17.299 -4.827  4.059   1.00 16.70 ? 58  ARG A N   1 
ATOM   113  C  CA  . ARG A 1 16  ? -17.717 -4.385  5.380   1.00 15.90 ? 58  ARG A CA  1 
ATOM   114  C  C   . ARG A 1 16  ? -17.144 -3.009  5.655   1.00 19.04 ? 58  ARG A C   1 
ATOM   115  O  O   . ARG A 1 16  ? -16.054 -2.669  5.193   1.00 17.57 ? 58  ARG A O   1 
ATOM   116  C  CB  . ARG A 1 16  ? -17.243 -5.335  6.487   1.00 19.92 ? 58  ARG A CB  1 
ATOM   117  C  CG  . ARG A 1 16  ? -18.114 -6.524  6.706   1.00 21.49 ? 58  ARG A CG  1 
ATOM   118  C  CD  . ARG A 1 16  ? -17.907 -7.096  8.099   1.00 17.79 ? 58  ARG A CD  1 
ATOM   119  N  NE  . ARG A 1 16  ? -16.506 -7.165  8.486   1.00 17.92 ? 58  ARG A NE  1 
ATOM   120  C  CZ  . ARG A 1 16  ? -16.080 -7.743  9.603   1.00 15.05 ? 58  ARG A CZ  1 
ATOM   121  N  NH1 . ARG A 1 16  ? -16.953 -8.309  10.426  1.00 19.29 ? 58  ARG A NH1 1 
ATOM   122  N  NH2 . ARG A 1 16  ? -14.787 -7.763  9.903   1.00 17.94 ? 58  ARG A NH2 1 
ATOM   123  N  N   . GLN A 1 17  ? -17.894 -2.222  6.408   1.00 18.14 ? 59  GLN A N   1 
ATOM   124  C  CA  . GLN A 1 17  ? -17.388 -1.000  7.012   1.00 19.19 ? 59  GLN A CA  1 
ATOM   125  C  C   . GLN A 1 17  ? -17.239 -1.275  8.499   1.00 19.79 ? 59  GLN A C   1 
ATOM   126  O  O   . GLN A 1 17  ? -18.225 -1.590  9.175   1.00 26.14 ? 59  GLN A O   1 
ATOM   127  C  CB  . GLN A 1 17  ? -18.328 0.177   6.754   1.00 20.63 ? 59  GLN A CB  1 
ATOM   128  N  N   . THR A 1 18  ? -16.010 -1.225  8.992   1.00 16.98 ? 60  THR A N   1 
ATOM   129  C  CA  . THR A 1 18  ? -15.743 -1.406  10.410  1.00 12.52 ? 60  THR A CA  1 
ATOM   130  C  C   . THR A 1 18  ? -15.080 -0.149  10.956  1.00 13.98 ? 60  THR A C   1 
ATOM   131  O  O   . THR A 1 18  ? -14.586 0.695   10.199  1.00 14.14 ? 60  THR A O   1 
ATOM   132  C  CB  . THR A 1 18  ? -14.844 -2.617  10.678  1.00 14.76 ? 60  THR A CB  1 
ATOM   133  O  OG1 . THR A 1 18  ? -13.552 -2.361  10.125  1.00 13.93 ? 60  THR A OG1 1 
ATOM   134  C  CG2 . THR A 1 18  ? -15.413 -3.874  10.046  1.00 16.46 ? 60  THR A CG2 1 
ATOM   135  N  N   . ASN A 1 19  ? -15.084 -0.029  12.287  1.00 16.92 ? 61  ASN A N   1 
ATOM   136  C  CA  . ASN A 1 19  ? -14.408 1.097   12.918  1.00 15.10 ? 61  ASN A CA  1 
ATOM   137  C  C   . ASN A 1 19  ? -12.924 1.074   12.609  1.00 13.87 ? 61  ASN A C   1 
ATOM   138  O  O   . ASN A 1 19  ? -12.305 2.124   12.397  1.00 13.67 ? 61  ASN A O   1 
ATOM   139  C  CB  . ASN A 1 19  ? -14.632 1.060   14.422  1.00 15.94 ? 61  ASN A CB  1 
ATOM   140  C  CG  . ASN A 1 19  ? -16.031 1.463   14.803  1.00 24.23 ? 61  ASN A CG  1 
ATOM   141  O  OD1 . ASN A 1 19  ? -16.724 2.137   14.034  1.00 28.84 ? 61  ASN A OD1 1 
ATOM   142  N  ND2 . ASN A 1 19  ? -16.458 1.061   15.996  1.00 25.73 ? 61  ASN A ND2 1 
ATOM   143  N  N   . GLN A 1 20  ? -12.334 -0.119  12.590  1.00 14.66 ? 62  GLN A N   1 
ATOM   144  C  CA  . GLN A 1 20  ? -10.907 -0.219  12.309  1.00 13.16 ? 62  GLN A CA  1 
ATOM   145  C  C   . GLN A 1 20  ? -10.601 0.148   10.861  1.00 13.17 ? 62  GLN A C   1 
ATOM   146  O  O   . GLN A 1 20  ? -9.589  0.802   10.588  1.00 12.97 ? 62  GLN A O   1 
ATOM   147  C  CB  . GLN A 1 20  ? -10.394 -1.617  12.660  1.00 15.19 ? 62  GLN A CB  1 
ATOM   148  C  CG  . GLN A 1 20  ? -10.400 -1.884  14.168  1.00 16.95 ? 62  GLN A CG  1 
ATOM   149  C  CD  . GLN A 1 20  ? -9.747  -3.195  14.557  1.00 20.99 ? 62  GLN A CD  1 
ATOM   150  O  OE1 . GLN A 1 20  ? -9.559  -4.081  13.729  1.00 25.63 ? 62  GLN A OE1 1 
ATOM   151  N  NE2 . GLN A 1 20  ? -9.404  -3.326  15.835  1.00 19.04 ? 62  GLN A NE2 1 
ATOM   152  N  N   . LEU A 1 21  ? -11.472 -0.229  9.917   1.00 12.37 ? 63  LEU A N   1 
ATOM   153  C  CA  . LEU A 1 21  ? -11.236 0.177   8.532   1.00 10.58 ? 63  LEU A CA  1 
ATOM   154  C  C   . LEU A 1 21  ? -11.433 1.677   8.345   1.00 13.40 ? 63  LEU A C   1 
ATOM   155  O  O   . LEU A 1 21  ? -10.691 2.312   7.585   1.00 11.98 ? 63  LEU A O   1 
ATOM   156  C  CB  . LEU A 1 21  ? -12.140 -0.616  7.586   1.00 12.20 ? 63  LEU A CB  1 
ATOM   157  C  CG  . LEU A 1 21  ? -11.691 -2.059  7.349   1.00 9.87  ? 63  LEU A CG  1 
ATOM   158  C  CD1 . LEU A 1 21  ? -12.827 -2.888  6.737   1.00 12.69 ? 63  LEU A CD1 1 
ATOM   159  C  CD2 . LEU A 1 21  ? -10.447 -2.104  6.466   1.00 14.38 ? 63  LEU A CD2 1 
ATOM   160  N  N   . GLN A 1 22  ? -12.446 2.259   8.996   1.00 12.36 ? 64  GLN A N   1 
ATOM   161  C  CA  . GLN A 1 22  ? -12.577 3.714   9.001   1.00 15.96 ? 64  GLN A CA  1 
ATOM   162  C  C   . GLN A 1 22  ? -11.286 4.375   9.469   1.00 13.04 ? 64  GLN A C   1 
ATOM   163  O  O   . GLN A 1 22  ? -10.818 5.348   8.866   1.00 13.93 ? 64  GLN A O   1 
ATOM   164  C  CB  . GLN A 1 22  ? -13.723 4.127   9.917   1.00 15.62 ? 64  GLN A CB  1 
ATOM   165  C  CG  . GLN A 1 22  ? -15.115 3.894   9.376   1.00 24.23 ? 64  GLN A CG  1 
ATOM   166  C  CD  . GLN A 1 22  ? -16.155 4.557   10.266  1.00 28.18 ? 64  GLN A CD  1 
ATOM   167  O  OE1 . GLN A 1 22  ? -16.781 3.906   11.102  1.00 35.74 ? 64  GLN A OE1 1 
ATOM   168  N  NE2 . GLN A 1 22  ? -16.318 5.868   10.108  1.00 35.59 ? 64  GLN A NE2 1 
ATOM   169  N  N   . TYR A 1 23  ? -10.704 3.853   10.549  1.00 11.09 ? 65  TYR A N   1 
ATOM   170  C  CA  . TYR A 1 23  ? -9.477  4.389   11.125  1.00 11.20 ? 65  TYR A CA  1 
ATOM   171  C  C   . TYR A 1 23  ? -8.291  4.212   10.182  1.00 12.66 ? 65  TYR A C   1 
ATOM   172  O  O   . TYR A 1 23  ? -7.453  5.116   10.051  1.00 11.29 ? 65  TYR A O   1 
ATOM   173  C  CB  . TYR A 1 23  ? -9.235  3.689   12.466  1.00 10.24 ? 65  TYR A CB  1 
ATOM   174  C  CG  . TYR A 1 23  ? -7.972  4.080   13.196  1.00 12.94 ? 65  TYR A CG  1 
ATOM   175  C  CD1 . TYR A 1 23  ? -7.967  5.145   14.089  1.00 15.01 ? 65  TYR A CD1 1 
ATOM   176  C  CD2 . TYR A 1 23  ? -6.790  3.363   13.018  1.00 10.95 ? 65  TYR A CD2 1 
ATOM   177  C  CE1 . TYR A 1 23  ? -6.811  5.510   14.758  1.00 13.88 ? 65  TYR A CE1 1 
ATOM   178  C  CE2 . TYR A 1 23  ? -5.624  3.716   13.701  1.00 11.65 ? 65  TYR A CE2 1 
ATOM   179  C  CZ  . TYR A 1 23  ? -5.646  4.788   14.568  1.00 15.72 ? 65  TYR A CZ  1 
ATOM   180  O  OH  . TYR A 1 23  ? -4.501  5.156   15.247  1.00 15.78 ? 65  TYR A OH  1 
ATOM   181  N  N   . LEU A 1 24  ? -8.205  3.057   9.515   1.00 10.02 ? 66  LEU A N   1 
ATOM   182  C  CA  . LEU A 1 24  ? -7.119  2.840   8.569   1.00 11.58 ? 66  LEU A CA  1 
ATOM   183  C  C   . LEU A 1 24  ? -7.150  3.855   7.435   1.00 12.37 ? 66  LEU A C   1 
ATOM   184  O  O   . LEU A 1 24  ? -6.095  4.196   6.885   1.00 13.08 ? 66  LEU A O   1 
ATOM   185  C  CB  . LEU A 1 24  ? -7.177  1.418   8.015   1.00 11.29 ? 66  LEU A CB  1 
ATOM   186  C  CG  . LEU A 1 24  ? -6.550  0.361   8.919   1.00 11.68 ? 66  LEU A CG  1 
ATOM   187  C  CD1 . LEU A 1 24  ? -6.972  -1.033  8.488   1.00 12.60 ? 66  LEU A CD1 1 
ATOM   188  C  CD2 . LEU A 1 24  ? -5.029  0.473   8.909   1.00 14.37 ? 66  LEU A CD2 1 
ATOM   189  N  N   . LEU A 1 25  ? -8.332  4.348   7.063   1.00 10.35 ? 67  LEU A N   1 
ATOM   190  C  CA  . LEU A 1 25  ? -8.379  5.405   6.058   1.00 12.53 ? 67  LEU A CA  1 
ATOM   191  C  C   . LEU A 1 25  ? -8.150  6.775   6.695   1.00 13.34 ? 67  LEU A C   1 
ATOM   192  O  O   . LEU A 1 25  ? -7.234  7.504   6.303   1.00 14.25 ? 67  LEU A O   1 
ATOM   193  C  CB  . LEU A 1 25  ? -9.713  5.372   5.308   1.00 14.61 ? 67  LEU A CB  1 
ATOM   194  C  CG  . LEU A 1 25  ? -9.941  6.502   4.297   1.00 16.30 ? 67  LEU A CG  1 
ATOM   195  C  CD1 . LEU A 1 25  ? -8.884  6.508   3.205   1.00 16.21 ? 67  LEU A CD1 1 
ATOM   196  C  CD2 . LEU A 1 25  ? -11.337 6.360   3.702   1.00 16.81 ? 67  LEU A CD2 1 
ATOM   197  N  N   . ARG A 1 26  ? -8.970  7.130   7.692   1.00 14.28 ? 68  ARG A N   1 
ATOM   198  C  CA  . ARG A 1 26  ? -8.939  8.486   8.234   1.00 13.88 ? 68  ARG A CA  1 
ATOM   199  C  C   . ARG A 1 26  ? -7.587  8.826   8.858   1.00 16.56 ? 68  ARG A C   1 
ATOM   200  O  O   . ARG A 1 26  ? -7.078  9.941   8.682   1.00 15.96 ? 68  ARG A O   1 
ATOM   201  C  CB  . ARG A 1 26  ? -10.059 8.666   9.263   1.00 14.04 ? 68  ARG A CB  1 
ATOM   202  C  CG  . ARG A 1 26  ? -10.117 10.062  9.861   1.00 17.05 ? 68  ARG A CG  1 
ATOM   203  C  CD  . ARG A 1 26  ? -11.219 10.174  10.910  1.00 19.31 ? 68  ARG A CD  1 
ATOM   204  N  NE  . ARG A 1 26  ? -10.977 9.331   12.080  1.00 18.79 ? 68  ARG A NE  1 
ATOM   205  C  CZ  . ARG A 1 26  ? -10.197 9.664   13.101  1.00 19.44 ? 68  ARG A CZ  1 
ATOM   206  N  NH1 . ARG A 1 26  ? -9.565  10.836  13.108  1.00 20.41 ? 68  ARG A NH1 1 
ATOM   207  N  NH2 . ARG A 1 26  ? -10.051 8.821   14.120  1.00 18.61 ? 68  ARG A NH2 1 
ATOM   208  N  N   . VAL A 1 27  ? -6.990  7.890   9.593   1.00 12.18 ? 69  VAL A N   1 
ATOM   209  C  CA  . VAL A 1 27  ? -5.774  8.146   10.372  1.00 13.26 ? 69  VAL A CA  1 
ATOM   210  C  C   . VAL A 1 27  ? -4.552  7.527   9.707   1.00 12.96 ? 69  VAL A C   1 
ATOM   211  O  O   . VAL A 1 27  ? -3.587  8.226   9.401   1.00 15.13 ? 69  VAL A O   1 
ATOM   212  C  CB  . VAL A 1 27  ? -5.923  7.657   11.831  1.00 13.68 ? 69  VAL A CB  1 
ATOM   213  C  CG1 . VAL A 1 27  ? -4.626  7.861   12.600  1.00 14.14 ? 69  VAL A CG1 1 
ATOM   214  C  CG2 . VAL A 1 27  ? -7.054  8.386   12.518  1.00 15.96 ? 69  VAL A CG2 1 
ATOM   215  N  N   . VAL A 1 28  ? -4.572  6.214   9.471   1.00 11.43 ? 70  VAL A N   1 
ATOM   216  C  CA  . VAL A 1 28  ? -3.340  5.538   9.070   1.00 10.16 ? 70  VAL A CA  1 
ATOM   217  C  C   . VAL A 1 28  ? -2.936  5.956   7.654   1.00 11.60 ? 70  VAL A C   1 
ATOM   218  O  O   . VAL A 1 28  ? -1.843  6.493   7.440   1.00 12.53 ? 70  VAL A O   1 
ATOM   219  C  CB  . VAL A 1 28  ? -3.485  4.011   9.202   1.00 11.53 ? 70  VAL A CB  1 
ATOM   220  C  CG1 . VAL A 1 28  ? -2.183  3.343   8.781   1.00 11.20 ? 70  VAL A CG1 1 
ATOM   221  C  CG2 . VAL A 1 28  ? -3.820  3.641   10.640  1.00 11.81 ? 70  VAL A CG2 1 
ATOM   222  N  N   . LEU A 1 29  ? -3.815  5.750   6.669   1.00 11.18 ? 71  LEU A N   1 
ATOM   223  C  CA  . LEU A 1 29  ? -3.434  6.073   5.298   1.00 12.02 ? 71  LEU A CA  1 
ATOM   224  C  C   . LEU A 1 29  ? -3.211  7.571   5.115   1.00 11.89 ? 71  LEU A C   1 
ATOM   225  O  O   . LEU A 1 29  ? -2.208  7.993   4.525   1.00 12.69 ? 71  LEU A O   1 
ATOM   226  C  CB  . LEU A 1 29  ? -4.481  5.574   4.310   1.00 13.36 ? 71  LEU A CB  1 
ATOM   227  C  CG  . LEU A 1 29  ? -3.960  5.891   2.897   1.00 17.19 ? 71  LEU A CG  1 
ATOM   228  C  CD1 . LEU A 1 29  ? -3.747  4.657   2.058   1.00 17.37 ? 71  LEU A CD1 1 
ATOM   229  C  CD2 . LEU A 1 29  ? -4.836  6.920   2.211   1.00 17.79 ? 71  LEU A CD2 1 
ATOM   230  N  N   . LYS A 1 30  ? -4.144  8.390   5.600   1.00 11.44 ? 72  LYS A N   1 
ATOM   231  C  CA  . LYS A 1 30  ? -4.049  9.825   5.358   1.00 13.76 ? 72  LYS A CA  1 
ATOM   232  C  C   . LYS A 1 30  ? -2.885  10.474  6.102   1.00 13.97 ? 72  LYS A C   1 
ATOM   233  O  O   . LYS A 1 30  ? -2.380  11.503  5.645   1.00 17.02 ? 72  LYS A O   1 
ATOM   234  C  CB  . LYS A 1 30  ? -5.386  10.490  5.703   1.00 14.56 ? 72  LYS A CB  1 
ATOM   235  C  CG  . LYS A 1 30  ? -6.435  10.185  4.626   1.00 15.79 ? 72  LYS A CG  1 
ATOM   236  C  CD  . LYS A 1 30  ? -7.752  10.931  4.787   1.00 20.42 ? 72  LYS A CD  1 
ATOM   237  C  CE  . LYS A 1 30  ? -8.578  10.818  3.501   1.00 25.68 ? 72  LYS A CE  1 
ATOM   238  N  NZ  . LYS A 1 30  ? -10.047 10.999  3.716   1.00 30.15 ? 72  LYS A NZ  1 
ATOM   239  N  N   . THR A 1 31  ? -2.415  9.881   7.203   1.00 13.72 ? 73  THR A N   1 
ATOM   240  C  CA  . THR A 1 31  ? -1.188  10.358  7.832   1.00 13.77 ? 73  THR A CA  1 
ATOM   241  C  C   . THR A 1 31  ? 0.031   9.931   7.029   1.00 13.06 ? 73  THR A C   1 
ATOM   242  O  O   . THR A 1 31  ? 0.905   10.751  6.731   1.00 12.87 ? 73  THR A O   1 
ATOM   243  C  CB  . THR A 1 31  ? -1.098  9.844   9.274   1.00 14.93 ? 73  THR A CB  1 
ATOM   244  O  OG1 . THR A 1 31  ? -2.253  10.288  10.001  1.00 17.99 ? 73  THR A OG1 1 
ATOM   245  C  CG2 . THR A 1 31  ? 0.161   10.328  9.970   1.00 16.01 ? 73  THR A CG2 1 
ATOM   246  N  N   . LEU A 1 32  ? 0.108   8.649   6.656   1.00 11.41 ? 74  LEU A N   1 
ATOM   247  C  CA  . LEU A 1 32  ? 1.252   8.190   5.874   1.00 11.10 ? 74  LEU A CA  1 
ATOM   248  C  C   . LEU A 1 32  ? 1.354   8.954   4.571   1.00 10.23 ? 74  LEU A C   1 
ATOM   249  O  O   . LEU A 1 32  ? 2.457   9.236   4.087   1.00 12.09 ? 74  LEU A O   1 
ATOM   250  C  CB  . LEU A 1 32  ? 1.135   6.701   5.575   1.00 12.40 ? 74  LEU A CB  1 
ATOM   251  C  CG  . LEU A 1 32  ? 1.591   5.723   6.656   1.00 19.71 ? 74  LEU A CG  1 
ATOM   252  C  CD1 . LEU A 1 32  ? 1.412   4.292   6.155   1.00 18.42 ? 74  LEU A CD1 1 
ATOM   253  C  CD2 . LEU A 1 32  ? 3.026   5.975   7.042   1.00 20.20 ? 74  LEU A CD2 1 
ATOM   254  N  N   . TRP A 1 33  ? 0.203   9.272   3.982   1.00 11.05 ? 75  TRP A N   1 
ATOM   255  C  CA  . TRP A 1 33  ? 0.165   9.908   2.673   1.00 12.33 ? 75  TRP A CA  1 
ATOM   256  C  C   . TRP A 1 33  ? 0.930   11.222  2.657   1.00 12.39 ? 75  TRP A C   1 
ATOM   257  O  O   . TRP A 1 33  ? 1.505   11.596  1.627   1.00 13.83 ? 75  TRP A O   1 
ATOM   258  C  CB  . TRP A 1 33  ? -1.289  10.148  2.281   1.00 12.00 ? 75  TRP A CB  1 
ATOM   259  C  CG  . TRP A 1 33  ? -1.496  10.541  0.859   1.00 12.88 ? 75  TRP A CG  1 
ATOM   260  C  CD1 . TRP A 1 33  ? -1.474  11.799  0.341   1.00 14.22 ? 75  TRP A CD1 1 
ATOM   261  C  CD2 . TRP A 1 33  ? -1.789  9.659   -0.233  1.00 12.49 ? 75  TRP A CD2 1 
ATOM   262  N  NE1 . TRP A 1 33  ? -1.720  11.758  -1.017  1.00 15.16 ? 75  TRP A NE1 1 
ATOM   263  C  CE2 . TRP A 1 33  ? -1.918  10.454  -1.389  1.00 15.51 ? 75  TRP A CE2 1 
ATOM   264  C  CE3 . TRP A 1 33  ? -1.948  8.273   -0.346  1.00 14.52 ? 75  TRP A CE3 1 
ATOM   265  C  CZ2 . TRP A 1 33  ? -2.199  9.910   -2.640  1.00 13.72 ? 75  TRP A CZ2 1 
ATOM   266  C  CZ3 . TRP A 1 33  ? -2.228  7.734   -1.592  1.00 12.53 ? 75  TRP A CZ3 1 
ATOM   267  C  CH2 . TRP A 1 33  ? -2.352  8.550   -2.718  1.00 14.20 ? 75  TRP A CH2 1 
ATOM   268  N  N   . LYS A 1 34  ? 0.927   11.943  3.776   1.00 11.83 ? 76  LYS A N   1 
ATOM   269  C  CA  . LYS A 1 34  ? 1.551   13.256  3.863   1.00 13.36 ? 76  LYS A CA  1 
ATOM   270  C  C   . LYS A 1 34  ? 3.031   13.205  4.205   1.00 13.47 ? 76  LYS A C   1 
ATOM   271  O  O   . LYS A 1 34  ? 3.698   14.246  4.145   1.00 15.84 ? 76  LYS A O   1 
ATOM   272  C  CB  . LYS A 1 34  ? 0.805   14.103  4.893   1.00 14.53 ? 76  LYS A CB  1 
ATOM   273  C  CG  . LYS A 1 34  ? -0.663  14.286  4.534   1.00 14.42 ? 76  LYS A CG  1 
ATOM   274  C  CD  . LYS A 1 34  ? -1.449  14.877  5.685   1.00 19.38 ? 76  LYS A CD  1 
ATOM   275  C  CE  . LYS A 1 34  ? -2.801  15.394  5.230   1.00 24.05 ? 76  LYS A CE  1 
ATOM   276  N  NZ  . LYS A 1 34  ? -3.647  14.304  4.687   1.00 26.08 ? 76  LYS A NZ  1 
ATOM   277  N  N   . HIS A 1 35  ? 3.563   12.029  4.531   1.00 12.55 ? 77  HIS A N   1 
ATOM   278  C  CA  . HIS A 1 35  ? 4.964   11.912  4.897   1.00 13.00 ? 77  HIS A CA  1 
ATOM   279  C  C   . HIS A 1 35  ? 5.858   12.313  3.728   1.00 11.58 ? 77  HIS A C   1 
ATOM   280  O  O   . HIS A 1 35  ? 5.498   12.155  2.558   1.00 11.33 ? 77  HIS A O   1 
ATOM   281  C  CB  . HIS A 1 35  ? 5.255   10.478  5.344   1.00 13.37 ? 77  HIS A CB  1 
ATOM   282  C  CG  . HIS A 1 35  ? 6.579   10.300  6.011   1.00 12.58 ? 77  HIS A CG  1 
ATOM   283  N  ND1 . HIS A 1 35  ? 7.757   10.227  5.305   1.00 11.38 ? 77  HIS A ND1 1 
ATOM   284  C  CD2 . HIS A 1 35  ? 6.912   10.173  7.318   1.00 14.66 ? 77  HIS A CD2 1 
ATOM   285  C  CE1 . HIS A 1 35  ? 8.763   10.059  6.146   1.00 13.71 ? 77  HIS A CE1 1 
ATOM   286  N  NE2 . HIS A 1 35  ? 8.276   10.018  7.375   1.00 14.56 ? 77  HIS A NE2 1 
ATOM   287  N  N   . GLN A 1 36  ? 7.038   12.843  4.058   1.00 11.12 ? 78  GLN A N   1 
ATOM   288  C  CA  . GLN A 1 36  ? 7.979   13.302  3.039   1.00 13.88 ? 78  GLN A CA  1 
ATOM   289  C  C   . GLN A 1 36  ? 8.447   12.185  2.126   1.00 13.32 ? 78  GLN A C   1 
ATOM   290  O  O   . GLN A 1 36  ? 8.957   12.472  1.036   1.00 11.51 ? 78  GLN A O   1 
ATOM   291  C  CB  . GLN A 1 36  ? 9.212   13.924  3.690   1.00 15.13 ? 78  GLN A CB  1 
ATOM   292  C  CG  . GLN A 1 36  ? 9.073   15.366  4.090   1.00 20.57 ? 78  GLN A CG  1 
ATOM   293  C  CD  . GLN A 1 36  ? 10.241  15.812  4.952   1.00 24.10 ? 78  GLN A CD  1 
ATOM   294  O  OE1 . GLN A 1 36  ? 11.294  15.158  4.977   1.00 26.16 ? 78  GLN A OE1 1 
ATOM   295  N  NE2 . GLN A 1 36  ? 10.059  16.910  5.682   1.00 20.65 ? 78  GLN A NE2 1 
ATOM   296  N  N   . PHE A 1 37  ? 8.322   10.930  2.557   1.00 13.58 ? 79  PHE A N   1 
ATOM   297  C  CA  . PHE A 1 37  ? 8.780   9.769   1.806   1.00 10.71 ? 79  PHE A CA  1 
ATOM   298  C  C   . PHE A 1 37  ? 7.633   9.010   1.142   1.00 10.23 ? 79  PHE A C   1 
ATOM   299  O  O   . PHE A 1 37  ? 7.863   7.938   0.569   1.00 11.51 ? 79  PHE A O   1 
ATOM   300  C  CB  . PHE A 1 37  ? 9.556   8.810   2.718   1.00 14.03 ? 79  PHE A CB  1 
ATOM   301  C  CG  . PHE A 1 37  ? 10.881  9.341   3.202   1.00 13.28 ? 79  PHE A CG  1 
ATOM   302  C  CD1 . PHE A 1 37  ? 11.479  10.437  2.605   1.00 13.49 ? 79  PHE A CD1 1 
ATOM   303  C  CD2 . PHE A 1 37  ? 11.534  8.723   4.254   1.00 14.77 ? 79  PHE A CD2 1 
ATOM   304  C  CE1 . PHE A 1 37  ? 12.695  10.916  3.065   1.00 15.28 ? 79  PHE A CE1 1 
ATOM   305  C  CE2 . PHE A 1 37  ? 12.743  9.186   4.706   1.00 13.33 ? 79  PHE A CE2 1 
ATOM   306  C  CZ  . PHE A 1 37  ? 13.328  10.289  4.116   1.00 15.69 ? 79  PHE A CZ  1 
ATOM   307  N  N   . ALA A 1 38  ? 6.408   9.532   1.208   1.00 10.95 ? 80  ALA A N   1 
ATOM   308  C  CA  . ALA A 1 38  ? 5.256   8.782   0.715   1.00 9.92  ? 80  ALA A CA  1 
ATOM   309  C  C   . ALA A 1 38  ? 5.125   8.823   -0.801  1.00 10.53 ? 80  ALA A C   1 
ATOM   310  O  O   . ALA A 1 38  ? 4.553   7.904   -1.389  1.00 10.28 ? 80  ALA A O   1 
ATOM   311  C  CB  . ALA A 1 38  ? 3.967   9.313   1.352   1.00 12.26 ? 80  ALA A CB  1 
ATOM   312  N  N   . TRP A 1 39  ? 5.648   9.859   -1.451  1.00 9.38  ? 81  TRP A N   1 
ATOM   313  C  CA  . TRP A 1 39  ? 5.309   10.088  -2.851  1.00 11.91 ? 81  TRP A CA  1 
ATOM   314  C  C   . TRP A 1 39  ? 5.624   8.931   -3.807  1.00 11.89 ? 81  TRP A C   1 
ATOM   315  O  O   . TRP A 1 39  ? 4.837   8.750   -4.750  1.00 12.10 ? 81  TRP A O   1 
ATOM   316  C  CB  . TRP A 1 39  ? 5.963   11.396  -3.330  1.00 11.33 ? 81  TRP A CB  1 
ATOM   317  C  CG  . TRP A 1 39  ? 7.459   11.440  -3.210  1.00 11.73 ? 81  TRP A CG  1 
ATOM   318  C  CD1 . TRP A 1 39  ? 8.195   11.893  -2.139  1.00 11.32 ? 81  TRP A CD1 1 
ATOM   319  C  CD2 . TRP A 1 39  ? 8.400   11.006  -4.187  1.00 11.38 ? 81  TRP A CD2 1 
ATOM   320  N  NE1 . TRP A 1 39  ? 9.535   11.767  -2.405  1.00 10.62 ? 81  TRP A NE1 1 
ATOM   321  C  CE2 . TRP A 1 39  ? 9.691   11.231  -3.657  1.00 11.98 ? 81  TRP A CE2 1 
ATOM   322  C  CE3 . TRP A 1 39  ? 8.279   10.450  -5.464  1.00 12.83 ? 81  TRP A CE3 1 
ATOM   323  C  CZ2 . TRP A 1 39  ? 10.846  10.918  -4.357  1.00 12.26 ? 81  TRP A CZ2 1 
ATOM   324  C  CZ3 . TRP A 1 39  ? 9.427   10.146  -6.162  1.00 12.37 ? 81  TRP A CZ3 1 
ATOM   325  C  CH2 . TRP A 1 39  ? 10.699  10.390  -5.611  1.00 11.83 ? 81  TRP A CH2 1 
ATOM   326  N  N   . PRO A 1 40  ? 6.686   8.120   -3.649  1.00 8.85  ? 82  PRO A N   1 
ATOM   327  C  CA  . PRO A 1 40  ? 6.873   6.991   -4.583  1.00 9.01  ? 82  PRO A CA  1 
ATOM   328  C  C   . PRO A 1 40  ? 5.804   5.927   -4.460  1.00 10.45 ? 82  PRO A C   1 
ATOM   329  O  O   . PRO A 1 40  ? 5.700   5.068   -5.351  1.00 11.72 ? 82  PRO A O   1 
ATOM   330  C  CB  . PRO A 1 40  ? 8.242   6.414   -4.193  1.00 8.60  ? 82  PRO A CB  1 
ATOM   331  C  CG  . PRO A 1 40  ? 8.913   7.510   -3.407  1.00 9.37  ? 82  PRO A CG  1 
ATOM   332  C  CD  . PRO A 1 40  ? 7.786   8.176   -2.668  1.00 9.86  ? 82  PRO A CD  1 
ATOM   333  N  N   . PHE A 1 41  ? 5.010   5.965   -3.394  1.00 9.56  ? 83  PHE A N   1 
ATOM   334  C  CA  . PHE A 1 41  ? 4.068   4.904   -3.079  1.00 9.05  ? 83  PHE A CA  1 
ATOM   335  C  C   . PHE A 1 41  ? 2.621   5.330   -3.256  1.00 9.99  ? 83  PHE A C   1 
ATOM   336  O  O   . PHE A 1 41  ? 1.720   4.578   -2.882  1.00 10.74 ? 83  PHE A O   1 
ATOM   337  C  CB  . PHE A 1 41  ? 4.305   4.403   -1.645  1.00 7.91  ? 83  PHE A CB  1 
ATOM   338  C  CG  . PHE A 1 41  ? 5.733   3.981   -1.387  1.00 9.24  ? 83  PHE A CG  1 
ATOM   339  C  CD1 . PHE A 1 41  ? 6.190   2.721   -1.773  1.00 10.14 ? 83  PHE A CD1 1 
ATOM   340  C  CD2 . PHE A 1 41  ? 6.631   4.854   -0.795  1.00 8.59  ? 83  PHE A CD2 1 
ATOM   341  C  CE1 . PHE A 1 41  ? 7.516   2.339   -1.558  1.00 13.04 ? 83  PHE A CE1 1 
ATOM   342  C  CE2 . PHE A 1 41  ? 7.956   4.473   -0.572  1.00 11.12 ? 83  PHE A CE2 1 
ATOM   343  C  CZ  . PHE A 1 41  ? 8.394   3.215   -0.945  1.00 10.81 ? 83  PHE A CZ  1 
ATOM   344  N  N   . GLN A 1 42  ? 2.369   6.508   -3.815  1.00 8.26  ? 84  GLN A N   1 
ATOM   345  C  CA  . GLN A 1 42  ? 1.010   7.023   -3.910  1.00 8.82  ? 84  GLN A CA  1 
ATOM   346  C  C   . GLN A 1 42  ? 0.281   6.542   -5.159  1.00 10.93 ? 84  GLN A C   1 
ATOM   347  O  O   . GLN A 1 42  ? -0.874  6.921   -5.377  1.00 11.69 ? 84  GLN A O   1 
ATOM   348  C  CB  . GLN A 1 42  ? 1.034   8.553   -3.871  1.00 10.71 ? 84  GLN A CB  1 
ATOM   349  C  CG  . GLN A 1 42  ? 1.369   9.116   -2.503  1.00 10.96 ? 84  GLN A CG  1 
ATOM   350  C  CD  . GLN A 1 42  ? 1.574   10.628  -2.522  1.00 13.51 ? 84  GLN A CD  1 
ATOM   351  O  OE1 . GLN A 1 42  ? 1.781   11.234  -3.573  1.00 13.82 ? 84  GLN A OE1 1 
ATOM   352  N  NE2 . GLN A 1 42  ? 1.519   11.238  -1.348  1.00 13.84 ? 84  GLN A NE2 1 
ATOM   353  N  N   . GLN A 1 43  ? 0.923   5.705   -5.966  1.00 9.95  ? 85  GLN A N   1 
ATOM   354  C  CA  . GLN A 1 43  ? 0.354   5.197   -7.204  1.00 9.94  ? 85  GLN A CA  1 
ATOM   355  C  C   . GLN A 1 43  ? 1.090   3.921   -7.569  1.00 9.19  ? 85  GLN A C   1 
ATOM   356  O  O   . GLN A 1 43  ? 2.204   3.689   -7.082  1.00 10.88 ? 85  GLN A O   1 
ATOM   357  C  CB  . GLN A 1 43  ? 0.474   6.228   -8.340  1.00 9.62  ? 85  GLN A CB  1 
ATOM   358  C  CG  . GLN A 1 43  ? 1.910   6.639   -8.652  1.00 12.28 ? 85  GLN A CG  1 
ATOM   359  C  CD  . GLN A 1 43  ? 2.447   7.615   -7.630  1.00 10.20 ? 85  GLN A CD  1 
ATOM   360  O  OE1 . GLN A 1 43  ? 1.759   8.567   -7.253  1.00 15.12 ? 85  GLN A OE1 1 
ATOM   361  N  NE2 . GLN A 1 43  ? 3.657   7.370   -7.153  1.00 12.27 ? 85  GLN A NE2 1 
ATOM   362  N  N   . PRO A 1 44  ? 0.484   3.058   -8.389  1.00 12.24 ? 86  PRO A N   1 
ATOM   363  C  CA  . PRO A 1 44  ? 1.192   1.860   -8.847  1.00 8.85  ? 86  PRO A CA  1 
ATOM   364  C  C   . PRO A 1 44  ? 2.521   2.228   -9.485  1.00 11.87 ? 86  PRO A C   1 
ATOM   365  O  O   . PRO A 1 44  ? 2.648   3.270   -10.138 1.00 14.16 ? 86  PRO A O   1 
ATOM   366  C  CB  . PRO A 1 44  ? 0.232   1.255   -9.877  1.00 11.46 ? 86  PRO A CB  1 
ATOM   367  C  CG  . PRO A 1 44  ? -1.102  1.708   -9.446  1.00 11.90 ? 86  PRO A CG  1 
ATOM   368  C  CD  . PRO A 1 44  ? -0.899  3.099   -8.889  1.00 10.81 ? 86  PRO A CD  1 
ATOM   369  N  N   . VAL A 1 45  ? 3.520   1.367   -9.279  1.00 10.11 ? 87  VAL A N   1 
ATOM   370  C  CA  . VAL A 1 45  ? 4.802   1.545   -9.944  1.00 12.62 ? 87  VAL A CA  1 
ATOM   371  C  C   . VAL A 1 45  ? 4.580   1.540   -11.447 1.00 14.77 ? 87  VAL A C   1 
ATOM   372  O  O   . VAL A 1 45  ? 3.975   0.613   -12.002 1.00 14.84 ? 87  VAL A O   1 
ATOM   373  C  CB  . VAL A 1 45  ? 5.783   0.445   -9.513  1.00 11.81 ? 87  VAL A CB  1 
ATOM   374  C  CG1 . VAL A 1 45  ? 6.991   0.423   -10.434 1.00 17.89 ? 87  VAL A CG1 1 
ATOM   375  C  CG2 . VAL A 1 45  ? 6.217   0.653   -8.059  1.00 13.21 ? 87  VAL A CG2 1 
ATOM   376  N  N   . ASP A 1 46  ? 5.049   2.592   -12.114 1.00 13.80 ? 88  ASP A N   1 
ATOM   377  C  CA  . ASP A 1 46  ? 4.940   2.695   -13.568 1.00 12.45 ? 88  ASP A CA  1 
ATOM   378  C  C   . ASP A 1 46  ? 6.301   2.299   -14.119 1.00 13.93 ? 88  ASP A C   1 
ATOM   379  O  O   . ASP A 1 46  ? 7.239   3.098   -14.117 1.00 13.76 ? 88  ASP A O   1 
ATOM   380  C  CB  . ASP A 1 46  ? 4.520   4.100   -13.996 1.00 17.84 ? 88  ASP A CB  1 
ATOM   381  C  CG  . ASP A 1 46  ? 4.228   4.202   -15.490 1.00 15.79 ? 88  ASP A CG  1 
ATOM   382  O  OD1 . ASP A 1 46  ? 4.872   3.496   -16.292 1.00 15.25 ? 88  ASP A OD1 1 
ATOM   383  O  OD2 . ASP A 1 46  ? 3.354   5.014   -15.869 1.00 21.83 ? 88  ASP A OD2 1 
ATOM   384  N  N   . ALA A 1 47  ? 6.408   1.046   -14.569 1.00 13.70 ? 89  ALA A N   1 
ATOM   385  C  CA  . ALA A 1 47  ? 7.677   0.511   -15.049 1.00 13.77 ? 89  ALA A CA  1 
ATOM   386  C  C   . ALA A 1 47  ? 8.142   1.180   -16.337 1.00 14.64 ? 89  ALA A C   1 
ATOM   387  O  O   . ALA A 1 47  ? 9.341   1.175   -16.627 1.00 14.82 ? 89  ALA A O   1 
ATOM   388  C  CB  . ALA A 1 47  ? 7.553   -1.007  -15.259 1.00 14.41 ? 89  ALA A CB  1 
ATOM   389  N  N   . VAL A 1 48  ? 7.222   1.745   -17.117 1.00 13.08 ? 90  VAL A N   1 
ATOM   390  C  CA  . VAL A 1 48  ? 7.604   2.434   -18.346 1.00 16.32 ? 90  VAL A CA  1 
ATOM   391  C  C   . VAL A 1 48  ? 8.078   3.846   -18.039 1.00 13.54 ? 90  VAL A C   1 
ATOM   392  O  O   . VAL A 1 48  ? 9.121   4.296   -18.539 1.00 14.47 ? 90  VAL A O   1 
ATOM   393  C  CB  . VAL A 1 48  ? 6.432   2.441   -19.343 1.00 15.62 ? 90  VAL A CB  1 
ATOM   394  C  CG1 . VAL A 1 48  ? 6.860   3.100   -20.640 1.00 18.74 ? 90  VAL A CG1 1 
ATOM   395  C  CG2 . VAL A 1 48  ? 5.913   1.009   -19.581 1.00 17.13 ? 90  VAL A CG2 1 
ATOM   396  N  N   . LYS A 1 49  ? 7.314   4.576   -17.222 1.00 13.65 ? 91  LYS A N   1 
ATOM   397  C  CA  . LYS A 1 49  ? 7.750   5.912   -16.836 1.00 13.86 ? 91  LYS A CA  1 
ATOM   398  C  C   . LYS A 1 49  ? 9.071   5.860   -16.091 1.00 13.33 ? 91  LYS A C   1 
ATOM   399  O  O   . LYS A 1 49  ? 10.023  6.564   -16.446 1.00 14.94 ? 91  LYS A O   1 
ATOM   400  C  CB  . LYS A 1 49  ? 6.697   6.607   -15.978 1.00 12.14 ? 91  LYS A CB  1 
ATOM   401  C  CG  . LYS A 1 49  ? 7.194   7.946   -15.467 1.00 18.38 ? 91  LYS A CG  1 
ATOM   402  C  CD  . LYS A 1 49  ? 6.147   8.717   -14.693 1.00 23.17 ? 91  LYS A CD  1 
ATOM   403  C  CE  . LYS A 1 49  ? 6.583   10.169  -14.511 1.00 19.58 ? 91  LYS A CE  1 
ATOM   404  N  NZ  . LYS A 1 49  ? 6.529   10.911  -15.808 1.00 20.84 ? 91  LYS A NZ  1 
ATOM   405  N  N   . LEU A 1 50  ? 9.160   5.013   -15.068 1.00 11.65 ? 92  LEU A N   1 
ATOM   406  C  CA  . LEU A 1 50  ? 10.334  4.964   -14.205 1.00 14.82 ? 92  LEU A CA  1 
ATOM   407  C  C   . LEU A 1 50  ? 11.478  4.140   -14.774 1.00 14.39 ? 92  LEU A C   1 
ATOM   408  O  O   . LEU A 1 50  ? 12.525  4.046   -14.120 1.00 14.70 ? 92  LEU A O   1 
ATOM   409  C  CB  . LEU A 1 50  ? 9.954   4.401   -12.839 1.00 12.95 ? 92  LEU A CB  1 
ATOM   410  C  CG  . LEU A 1 50  ? 9.016   5.266   -12.001 1.00 14.04 ? 92  LEU A CG  1 
ATOM   411  C  CD1 . LEU A 1 50  ? 8.578   4.495   -10.765 1.00 15.83 ? 92  LEU A CD1 1 
ATOM   412  C  CD2 . LEU A 1 50  ? 9.692   6.573   -11.603 1.00 14.75 ? 92  LEU A CD2 1 
ATOM   413  N  N   . ASN A 1 51  ? 11.299  3.518   -15.937 1.00 13.02 ? 93  ASN A N   1 
ATOM   414  C  CA  . ASN A 1 51  ? 12.380  2.800   -16.607 1.00 13.15 ? 93  ASN A CA  1 
ATOM   415  C  C   . ASN A 1 51  ? 12.863  1.632   -15.753 1.00 12.19 ? 93  ASN A C   1 
ATOM   416  O  O   . ASN A 1 51  ? 14.061  1.417   -15.560 1.00 13.41 ? 93  ASN A O   1 
ATOM   417  C  CB  . ASN A 1 51  ? 13.531  3.744   -16.948 1.00 12.51 ? 93  ASN A CB  1 
ATOM   418  C  CG  . ASN A 1 51  ? 13.049  5.019   -17.594 1.00 13.07 ? 93  ASN A CG  1 
ATOM   419  O  OD1 . ASN A 1 51  ? 12.172  4.993   -18.463 1.00 13.74 ? 93  ASN A OD1 1 
ATOM   420  N  ND2 . ASN A 1 51  ? 13.601  6.146   -17.159 1.00 18.55 ? 93  ASN A ND2 1 
ATOM   421  N  N   . LEU A 1 52  ? 11.899  0.871   -15.236 1.00 11.73 ? 94  LEU A N   1 
ATOM   422  C  CA  . LEU A 1 52  ? 12.161  -0.353  -14.481 1.00 14.61 ? 94  LEU A CA  1 
ATOM   423  C  C   . LEU A 1 52  ? 11.529  -1.525  -15.223 1.00 14.12 ? 94  LEU A C   1 
ATOM   424  O  O   . LEU A 1 52  ? 10.559  -2.124  -14.745 1.00 14.14 ? 94  LEU A O   1 
ATOM   425  C  CB  . LEU A 1 52  ? 11.609  -0.261  -13.061 1.00 12.35 ? 94  LEU A CB  1 
ATOM   426  C  CG  . LEU A 1 52  ? 11.791  1.057   -12.304 1.00 11.53 ? 94  LEU A CG  1 
ATOM   427  C  CD1 . LEU A 1 52  ? 10.837  1.099   -11.111 1.00 13.19 ? 94  LEU A CD1 1 
ATOM   428  C  CD2 . LEU A 1 52  ? 13.230  1.221   -11.856 1.00 14.73 ? 94  LEU A CD2 1 
ATOM   429  N  N   . PRO A 1 53  ? 12.059  -1.885  -16.392 1.00 12.24 ? 95  PRO A N   1 
ATOM   430  C  CA  . PRO A 1 53  ? 11.392  -2.909  -17.210 1.00 14.89 ? 95  PRO A CA  1 
ATOM   431  C  C   . PRO A 1 53  ? 11.325  -4.270  -16.544 1.00 13.20 ? 95  PRO A C   1 
ATOM   432  O  O   . PRO A 1 53  ? 10.489  -5.091  -16.939 1.00 16.26 ? 95  PRO A O   1 
ATOM   433  C  CB  . PRO A 1 53  ? 12.240  -2.938  -18.489 1.00 16.21 ? 95  PRO A CB  1 
ATOM   434  C  CG  . PRO A 1 53  ? 13.537  -2.353  -18.089 1.00 15.12 ? 95  PRO A CG  1 
ATOM   435  C  CD  . PRO A 1 53  ? 13.275  -1.360  -17.033 1.00 13.54 ? 95  PRO A CD  1 
ATOM   436  N  N   . ASP A 1 54  ? 12.157  -4.533  -15.541 1.00 14.29 ? 96  ASP A N   1 
ATOM   437  C  CA  . ASP A 1 54  ? 12.093  -5.791  -14.815 1.00 13.26 ? 96  ASP A CA  1 
ATOM   438  C  C   . ASP A 1 54  ? 11.224  -5.727  -13.568 1.00 15.59 ? 96  ASP A C   1 
ATOM   439  O  O   . ASP A 1 54  ? 11.151  -6.731  -12.854 1.00 14.92 ? 96  ASP A O   1 
ATOM   440  C  CB  . ASP A 1 54  ? 13.499  -6.268  -14.419 1.00 15.85 ? 96  ASP A CB  1 
ATOM   441  C  CG  . ASP A 1 54  ? 14.340  -5.180  -13.767 1.00 17.34 ? 96  ASP A CG  1 
ATOM   442  O  OD1 . ASP A 1 54  ? 13.840  -4.051  -13.543 1.00 16.56 ? 96  ASP A OD1 1 
ATOM   443  O  OD2 . ASP A 1 54  ? 15.522  -5.462  -13.482 1.00 18.31 ? 96  ASP A OD2 1 
ATOM   444  N  N   . TYR A 1 55  ? 10.559  -4.597  -13.288 1.00 13.40 ? 97  TYR A N   1 
ATOM   445  C  CA  . TYR A 1 55  ? 9.828   -4.500  -12.023 1.00 12.32 ? 97  TYR A CA  1 
ATOM   446  C  C   . TYR A 1 55  ? 8.763   -5.587  -11.910 1.00 12.69 ? 97  TYR A C   1 
ATOM   447  O  O   . TYR A 1 55  ? 8.711   -6.314  -10.910 1.00 13.22 ? 97  TYR A O   1 
ATOM   448  C  CB  . TYR A 1 55  ? 9.189   -3.118  -11.828 1.00 11.89 ? 97  TYR A CB  1 
ATOM   449  C  CG  . TYR A 1 55  ? 8.555   -3.005  -10.451 1.00 11.43 ? 97  TYR A CG  1 
ATOM   450  C  CD1 . TYR A 1 55  ? 9.312   -2.635  -9.348  1.00 12.65 ? 97  TYR A CD1 1 
ATOM   451  C  CD2 . TYR A 1 55  ? 7.220   -3.309  -10.252 1.00 12.89 ? 97  TYR A CD2 1 
ATOM   452  C  CE1 . TYR A 1 55  ? 8.756   -2.560  -8.085  1.00 12.89 ? 97  TYR A CE1 1 
ATOM   453  C  CE2 . TYR A 1 55  ? 6.653   -3.241  -9.000  1.00 11.87 ? 97  TYR A CE2 1 
ATOM   454  C  CZ  . TYR A 1 55  ? 7.425   -2.868  -7.922  1.00 12.78 ? 97  TYR A CZ  1 
ATOM   455  O  OH  . TYR A 1 55  ? 6.838   -2.800  -6.681  1.00 12.15 ? 97  TYR A OH  1 
ATOM   456  N  N   . TYR A 1 56  ? 7.902   -5.708  -12.917 1.00 11.42 ? 98  TYR A N   1 
ATOM   457  C  CA  . TYR A 1 56  ? 6.826   -6.686  -12.863 1.00 11.86 ? 98  TYR A CA  1 
ATOM   458  C  C   . TYR A 1 56  ? 7.262   -8.053  -13.360 1.00 13.45 ? 98  TYR A C   1 
ATOM   459  O  O   . TYR A 1 56  ? 6.481   -9.007  -13.286 1.00 15.52 ? 98  TYR A O   1 
ATOM   460  C  CB  . TYR A 1 56  ? 5.630   -6.176  -13.648 1.00 13.15 ? 98  TYR A CB  1 
ATOM   461  C  CG  . TYR A 1 56  ? 5.006   -4.989  -12.966 1.00 14.71 ? 98  TYR A CG  1 
ATOM   462  C  CD1 . TYR A 1 56  ? 4.262   -5.154  -11.811 1.00 13.30 ? 98  TYR A CD1 1 
ATOM   463  C  CD2 . TYR A 1 56  ? 5.174   -3.710  -13.463 1.00 11.51 ? 98  TYR A CD2 1 
ATOM   464  C  CE1 . TYR A 1 56  ? 3.697   -4.078  -11.175 1.00 11.72 ? 98  TYR A CE1 1 
ATOM   465  C  CE2 . TYR A 1 56  ? 4.617   -2.622  -12.833 1.00 13.23 ? 98  TYR A CE2 1 
ATOM   466  C  CZ  . TYR A 1 56  ? 3.877   -2.811  -11.698 1.00 14.32 ? 98  TYR A CZ  1 
ATOM   467  O  OH  . TYR A 1 56  ? 3.306   -1.716  -11.099 1.00 12.23 ? 98  TYR A OH  1 
ATOM   468  N  N   . LYS A 1 57  ? 8.494   -8.173  -13.845 1.00 13.77 ? 99  LYS A N   1 
ATOM   469  C  CA  . LYS A 1 57  ? 9.070   -9.494  -14.014 1.00 16.39 ? 99  LYS A CA  1 
ATOM   470  C  C   . LYS A 1 57  ? 9.539   -10.060 -12.681 1.00 14.35 ? 99  LYS A C   1 
ATOM   471  O  O   . LYS A 1 57  ? 9.706   -11.276 -12.563 1.00 17.16 ? 99  LYS A O   1 
ATOM   472  C  CB  . LYS A 1 57  ? 10.201  -9.436  -15.047 1.00 15.67 ? 99  LYS A CB  1 
ATOM   473  C  CG  . LYS A 1 57  ? 9.711   -8.894  -16.392 1.00 17.15 ? 99  LYS A CG  1 
ATOM   474  C  CD  . LYS A 1 57  ? 10.676  -9.125  -17.543 1.00 21.14 ? 99  LYS A CD  1 
ATOM   475  C  CE  . LYS A 1 57  ? 10.608  -10.554 -18.064 1.00 18.71 ? 99  LYS A CE  1 
ATOM   476  N  NZ  . LYS A 1 57  ? 9.272   -10.941 -18.601 1.00 16.31 ? 99  LYS A NZ  1 
ATOM   477  N  N   . ILE A 1 58  ? 9.703   -9.205  -11.670 1.00 14.55 ? 100 ILE A N   1 
ATOM   478  C  CA  . ILE A 1 58  ? 10.111  -9.623  -10.338 1.00 12.01 ? 100 ILE A CA  1 
ATOM   479  C  C   . ILE A 1 58  ? 8.954   -9.573  -9.344  1.00 13.58 ? 100 ILE A C   1 
ATOM   480  O  O   . ILE A 1 58  ? 8.785   -10.493 -8.541  1.00 14.95 ? 100 ILE A O   1 
ATOM   481  C  CB  . ILE A 1 58  ? 11.294  -8.763  -9.844  1.00 12.81 ? 100 ILE A CB  1 
ATOM   482  C  CG1 . ILE A 1 58  ? 12.536  -9.053  -10.689 1.00 14.37 ? 100 ILE A CG1 1 
ATOM   483  C  CG2 . ILE A 1 58  ? 11.577  -9.010  -8.372  1.00 15.67 ? 100 ILE A CG2 1 
ATOM   484  C  CD1 . ILE A 1 58  ? 13.562  -7.950  -10.641 1.00 19.37 ? 100 ILE A CD1 1 
ATOM   485  N  N   . ILE A 1 59  ? 8.150   -8.512  -9.381  1.00 12.35 ? 101 ILE A N   1 
ATOM   486  C  CA  . ILE A 1 59  ? 7.099   -8.274  -8.395  1.00 13.88 ? 101 ILE A CA  1 
ATOM   487  C  C   . ILE A 1 59  ? 5.788   -8.791  -8.977  1.00 12.78 ? 101 ILE A C   1 
ATOM   488  O  O   . ILE A 1 59  ? 5.282   -8.263  -9.975  1.00 12.04 ? 101 ILE A O   1 
ATOM   489  C  CB  . ILE A 1 59  ? 7.003   -6.791  -8.017  1.00 12.94 ? 101 ILE A CB  1 
ATOM   490  C  CG1 . ILE A 1 59  ? 8.300   -6.329  -7.334  1.00 15.02 ? 101 ILE A CG1 1 
ATOM   491  C  CG2 . ILE A 1 59  ? 5.776   -6.537  -7.103  1.00 12.37 ? 101 ILE A CG2 1 
ATOM   492  C  CD1 . ILE A 1 59  ? 8.706   -7.198  -6.128  1.00 12.26 ? 101 ILE A CD1 1 
ATOM   493  N  N   . LYS A 1 60  ? 5.220   -9.820  -8.344  1.00 14.52 ? 102 LYS A N   1 
ATOM   494  C  CA  . LYS A 1 60  ? 4.044   -10.494 -8.875  1.00 12.74 ? 102 LYS A CA  1 
ATOM   495  C  C   . LYS A 1 60  ? 2.756   -10.173 -8.128  1.00 12.47 ? 102 LYS A C   1 
ATOM   496  O  O   . LYS A 1 60  ? 1.677   -10.518 -8.620  1.00 13.68 ? 102 LYS A O   1 
ATOM   497  C  CB  . LYS A 1 60  ? 4.262   -12.018 -8.881  1.00 11.30 ? 102 LYS A CB  1 
ATOM   498  C  CG  . LYS A 1 60  ? 5.514   -12.468 -9.636  1.00 13.19 ? 102 LYS A CG  1 
ATOM   499  C  CD  . LYS A 1 60  ? 5.482   -12.014 -11.089 1.00 15.03 ? 102 LYS A CD  1 
ATOM   500  C  CE  . LYS A 1 60  ? 6.686   -12.516 -11.877 1.00 12.95 ? 102 LYS A CE  1 
ATOM   501  N  NZ  . LYS A 1 60  ? 6.674   -11.960 -13.264 1.00 13.73 ? 102 LYS A NZ  1 
ATOM   502  N  N   . THR A 1 61  ? 2.827   -9.535  -6.962  1.00 14.48 ? 103 THR A N   1 
ATOM   503  C  CA  . THR A 1 61  ? 1.642   -9.030  -6.270  1.00 13.68 ? 103 THR A CA  1 
ATOM   504  C  C   . THR A 1 61  ? 1.891   -7.567  -5.937  1.00 11.90 ? 103 THR A C   1 
ATOM   505  O  O   . THR A 1 61  ? 2.155   -7.217  -4.779  1.00 12.89 ? 103 THR A O   1 
ATOM   506  C  CB  . THR A 1 61  ? 1.321   -9.837  -5.010  1.00 17.82 ? 103 THR A CB  1 
ATOM   507  O  OG1 . THR A 1 61  ? 2.284   -9.542  -3.999  1.00 22.78 ? 103 THR A OG1 1 
ATOM   508  C  CG2 . THR A 1 61  ? 1.349   -11.327 -5.295  1.00 18.19 ? 103 THR A CG2 1 
ATOM   509  N  N   . PRO A 1 62  ? 1.818   -6.682  -6.932  1.00 12.13 ? 104 PRO A N   1 
ATOM   510  C  CA  . PRO A 1 62  ? 2.080   -5.261  -6.671  1.00 14.58 ? 104 PRO A CA  1 
ATOM   511  C  C   . PRO A 1 62  ? 1.039   -4.659  -5.744  1.00 13.74 ? 104 PRO A C   1 
ATOM   512  O  O   . PRO A 1 62  ? -0.104  -5.116  -5.668  1.00 11.90 ? 104 PRO A O   1 
ATOM   513  C  CB  . PRO A 1 62  ? 2.016   -4.619  -8.064  1.00 15.01 ? 104 PRO A CB  1 
ATOM   514  C  CG  . PRO A 1 62  ? 1.296   -5.594  -8.913  1.00 15.96 ? 104 PRO A CG  1 
ATOM   515  C  CD  . PRO A 1 62  ? 1.572   -6.950  -8.359  1.00 15.73 ? 104 PRO A CD  1 
ATOM   516  N  N   . MET A 1 63  ? 1.452   -3.624  -5.019  1.00 9.67  ? 105 MET A N   1 
ATOM   517  C  CA  . MET A 1 63  ? 0.513   -2.893  -4.186  1.00 9.57  ? 105 MET A CA  1 
ATOM   518  C  C   . MET A 1 63  ? 1.097   -1.519  -3.910  1.00 7.21  ? 105 MET A C   1 
ATOM   519  O  O   . MET A 1 63  ? 2.319   -1.341  -3.916  1.00 10.01 ? 105 MET A O   1 
ATOM   520  C  CB  . MET A 1 63  ? 0.218   -3.651  -2.884  1.00 11.04 ? 105 MET A CB  1 
ATOM   521  C  CG  . MET A 1 63  ? -0.908  -3.054  -2.024  1.00 11.07 ? 105 MET A CG  1 
ATOM   522  S  SD  . MET A 1 63  ? -2.464  -2.710  -2.888  1.00 11.00 ? 105 MET A SD  1 
ATOM   523  C  CE  . MET A 1 63  ? -2.838  -4.334  -3.552  1.00 13.05 ? 105 MET A CE  1 
ATOM   524  N  N   . ASP A 1 64  ? 0.213   -0.553  -3.678  1.00 11.30 ? 106 ASP A N   1 
ATOM   525  C  CA  . ASP A 1 64  ? 0.613   0.834   -3.471  1.00 8.81  ? 106 ASP A CA  1 
ATOM   526  C  C   . ASP A 1 64  ? -0.478  1.525   -2.664  1.00 10.34 ? 106 ASP A C   1 
ATOM   527  O  O   . ASP A 1 64  ? -1.614  1.047   -2.582  1.00 9.41  ? 106 ASP A O   1 
ATOM   528  C  CB  . ASP A 1 64  ? 0.812   1.546   -4.811  1.00 8.93  ? 106 ASP A CB  1 
ATOM   529  C  CG  . ASP A 1 64  ? -0.487  1.674   -5.575  1.00 10.10 ? 106 ASP A CG  1 
ATOM   530  O  OD1 . ASP A 1 64  ? -0.899  0.683   -6.226  1.00 12.51 ? 106 ASP A OD1 1 
ATOM   531  O  OD2 . ASP A 1 64  ? -1.131  2.745   -5.489  1.00 11.10 ? 106 ASP A OD2 1 
ATOM   532  N  N   . MET A 1 65  ? -0.128  2.672   -2.081  1.00 9.66  ? 107 MET A N   1 
ATOM   533  C  CA  . MET A 1 65  ? -1.094  3.386   -1.250  1.00 10.50 ? 107 MET A CA  1 
ATOM   534  C  C   . MET A 1 65  ? -2.223  4.012   -2.053  1.00 8.58  ? 107 MET A C   1 
ATOM   535  O  O   . MET A 1 65  ? -3.294  4.249   -1.492  1.00 10.94 ? 107 MET A O   1 
ATOM   536  C  CB  . MET A 1 65  ? -0.403  4.466   -0.431  1.00 10.87 ? 107 MET A CB  1 
ATOM   537  C  CG  . MET A 1 65  ? 0.473   3.885   0.658   1.00 11.59 ? 107 MET A CG  1 
ATOM   538  S  SD  . MET A 1 65  ? 0.810   5.032   2.003   1.00 13.88 ? 107 MET A SD  1 
ATOM   539  C  CE  . MET A 1 65  ? 1.733   6.259   1.092   1.00 9.42  ? 107 MET A CE  1 
ATOM   540  N  N   . GLY A 1 66  ? -2.020  4.313   -3.339  1.00 9.72  ? 108 GLY A N   1 
ATOM   541  C  CA  . GLY A 1 66  ? -3.130  4.823   -4.125  1.00 11.07 ? 108 GLY A CA  1 
ATOM   542  C  C   . GLY A 1 66  ? -4.207  3.768   -4.292  1.00 9.70  ? 108 GLY A C   1 
ATOM   543  O  O   . GLY A 1 66  ? -5.402  4.047   -4.153  1.00 12.63 ? 108 GLY A O   1 
ATOM   544  N  N   . THR A 1 67  ? -3.789  2.533   -4.564  1.00 9.26  ? 109 THR A N   1 
ATOM   545  C  CA  . THR A 1 67  ? -4.729  1.422   -4.620  1.00 10.10 ? 109 THR A CA  1 
ATOM   546  C  C   . THR A 1 67  ? -5.377  1.191   -3.265  1.00 11.04 ? 109 THR A C   1 
ATOM   547  O  O   . THR A 1 67  ? -6.598  0.997   -3.177  1.00 12.24 ? 109 THR A O   1 
ATOM   548  C  CB  . THR A 1 67  ? -4.004  0.162   -5.091  1.00 11.23 ? 109 THR A CB  1 
ATOM   549  O  OG1 . THR A 1 67  ? -3.456  0.396   -6.396  1.00 11.26 ? 109 THR A OG1 1 
ATOM   550  C  CG2 . THR A 1 67  ? -4.964  -1.035  -5.153  1.00 9.56  ? 109 THR A CG2 1 
ATOM   551  N  N   . ILE A 1 68  ? -4.579  1.230   -2.194  1.00 10.46 ? 110 ILE A N   1 
ATOM   552  C  CA  . ILE A 1 68  ? -5.122  1.017   -0.859  1.00 8.21  ? 110 ILE A CA  1 
ATOM   553  C  C   . ILE A 1 68  ? -6.152  2.084   -0.533  1.00 9.51  ? 110 ILE A C   1 
ATOM   554  O  O   . ILE A 1 68  ? -7.224  1.783   0.007   1.00 11.22 ? 110 ILE A O   1 
ATOM   555  C  CB  . ILE A 1 68  ? -3.996  0.995   0.193   1.00 9.06  ? 110 ILE A CB  1 
ATOM   556  C  CG1 . ILE A 1 68  ? -3.116  -0.242  0.014   1.00 9.08  ? 110 ILE A CG1 1 
ATOM   557  C  CG2 . ILE A 1 68  ? -4.584  1.005   1.614   1.00 10.76 ? 110 ILE A CG2 1 
ATOM   558  C  CD1 . ILE A 1 68  ? -1.819  -0.172  0.813   1.00 10.02 ? 110 ILE A CD1 1 
ATOM   559  N  N   . LYS A 1 69  ? -5.832  3.349   -0.836  1.00 11.45 ? 111 LYS A N   1 
ATOM   560  C  CA  . LYS A 1 69  ? -6.759  4.446   -0.571  1.00 10.05 ? 111 LYS A CA  1 
ATOM   561  C  C   . LYS A 1 69  ? -8.067  4.254   -1.332  1.00 13.32 ? 111 LYS A C   1 
ATOM   562  O  O   . LYS A 1 69  ? -9.157  4.422   -0.765  1.00 13.87 ? 111 LYS A O   1 
ATOM   563  C  CB  . LYS A 1 69  ? -6.109  5.783   -0.946  1.00 11.86 ? 111 LYS A CB  1 
ATOM   564  C  CG  . LYS A 1 69  ? -7.018  6.989   -0.736  1.00 15.32 ? 111 LYS A CG  1 
ATOM   565  C  CD  . LYS A 1 69  ? -6.514  8.194   -1.512  1.00 21.74 ? 111 LYS A CD  1 
ATOM   566  C  CE  . LYS A 1 69  ? -5.499  8.980   -0.724  1.00 23.98 ? 111 LYS A CE  1 
ATOM   567  N  NZ  . LYS A 1 69  ? -5.613  10.457  -0.994  1.00 30.01 ? 111 LYS A NZ  1 
ATOM   568  N  N   . LYS A 1 70  ? -7.977  3.881   -2.611  1.00 11.29 ? 112 LYS A N   1 
ATOM   569  C  CA  . LYS A 1 70  ? -9.186  3.641   -3.399  1.00 15.19 ? 112 LYS A CA  1 
ATOM   570  C  C   . LYS A 1 70  ? -9.975  2.452   -2.860  1.00 15.31 ? 112 LYS A C   1 
ATOM   571  O  O   . LYS A 1 70  ? -11.209 2.491   -2.819  1.00 15.87 ? 112 LYS A O   1 
ATOM   572  C  CB  . LYS A 1 70  ? -8.829  3.439   -4.876  1.00 11.43 ? 112 LYS A CB  1 
ATOM   573  N  N   . ARG A 1 71  ? -9.288  1.394   -2.418  1.00 11.56 ? 113 ARG A N   1 
ATOM   574  C  CA  . ARG A 1 71  ? -9.995  0.268   -1.809  1.00 14.17 ? 113 ARG A CA  1 
ATOM   575  C  C   . ARG A 1 71  ? -10.735 0.693   -0.542  1.00 12.70 ? 113 ARG A C   1 
ATOM   576  O  O   . ARG A 1 71  ? -11.890 0.307   -0.332  1.00 13.62 ? 113 ARG A O   1 
ATOM   577  C  CB  . ARG A 1 71  ? -9.017  -0.871  -1.513  1.00 10.52 ? 113 ARG A CB  1 
ATOM   578  C  CG  . ARG A 1 71  ? -8.570  -1.625  -2.756  1.00 11.77 ? 113 ARG A CG  1 
ATOM   579  C  CD  . ARG A 1 71  ? -7.508  -2.689  -2.479  1.00 12.97 ? 113 ARG A CD  1 
ATOM   580  N  NE  . ARG A 1 71  ? -7.297  -3.485  -3.682  1.00 11.22 ? 113 ARG A NE  1 
ATOM   581  C  CZ  . ARG A 1 71  ? -6.716  -4.680  -3.741  1.00 11.50 ? 113 ARG A CZ  1 
ATOM   582  N  NH1 . ARG A 1 71  ? -6.236  -5.271  -2.664  1.00 12.53 ? 113 ARG A NH1 1 
ATOM   583  N  NH2 . ARG A 1 71  ? -6.633  -5.300  -4.908  1.00 10.94 ? 113 ARG A NH2 1 
ATOM   584  N  N   . LEU A 1 72  ? -10.090 1.486   0.317   1.00 12.26 ? 114 LEU A N   1 
ATOM   585  C  CA  . LEU A 1 72  ? -10.757 1.951   1.527   1.00 13.05 ? 114 LEU A CA  1 
ATOM   586  C  C   . LEU A 1 72  ? -11.962 2.819   1.182   1.00 15.76 ? 114 LEU A C   1 
ATOM   587  O  O   . LEU A 1 72  ? -13.050 2.652   1.750   1.00 15.49 ? 114 LEU A O   1 
ATOM   588  C  CB  . LEU A 1 72  ? -9.772  2.722   2.407   1.00 13.05 ? 114 LEU A CB  1 
ATOM   589  C  CG  . LEU A 1 72  ? -8.722  1.833   3.068   1.00 10.00 ? 114 LEU A CG  1 
ATOM   590  C  CD1 . LEU A 1 72  ? -7.575  2.677   3.598   1.00 11.56 ? 114 LEU A CD1 1 
ATOM   591  C  CD2 . LEU A 1 72  ? -9.344  0.969   4.173   1.00 12.38 ? 114 LEU A CD2 1 
ATOM   592  N  N   . GLU A 1 73  ? -11.788 3.750   0.242   1.00 15.54 ? 115 GLU A N   1 
ATOM   593  C  CA  . GLU A 1 73  ? -12.882 4.648   -0.115  1.00 18.27 ? 115 GLU A CA  1 
ATOM   594  C  C   . GLU A 1 73  ? -14.028 3.893   -0.771  1.00 18.98 ? 115 GLU A C   1 
ATOM   595  O  O   . GLU A 1 73  ? -15.193 4.274   -0.616  1.00 19.82 ? 115 GLU A O   1 
ATOM   596  C  CB  . GLU A 1 73  ? -12.362 5.757   -1.024  1.00 16.66 ? 115 GLU A CB  1 
ATOM   597  C  CG  . GLU A 1 73  ? -11.457 6.752   -0.297  1.00 19.58 ? 115 GLU A CG  1 
ATOM   598  C  CD  . GLU A 1 73  ? -10.741 7.698   -1.239  1.00 23.13 ? 115 GLU A CD  1 
ATOM   599  O  OE1 . GLU A 1 73  ? -10.743 7.440   -2.460  1.00 24.56 ? 115 GLU A OE1 1 
ATOM   600  O  OE2 . GLU A 1 73  ? -10.174 8.697   -0.749  1.00 28.77 ? 115 GLU A OE2 1 
ATOM   601  N  N   . ASN A 1 74  ? -13.721 2.816   -1.484  1.00 17.11 ? 116 ASN A N   1 
ATOM   602  C  CA  . ASN A 1 74  ? -14.714 1.986   -2.149  1.00 21.41 ? 116 ASN A CA  1 
ATOM   603  C  C   . ASN A 1 74  ? -15.299 0.909   -1.255  1.00 18.31 ? 116 ASN A C   1 
ATOM   604  O  O   . ASN A 1 74  ? -16.105 0.108   -1.740  1.00 23.99 ? 116 ASN A O   1 
ATOM   605  C  CB  . ASN A 1 74  ? -14.105 1.299   -3.368  1.00 19.87 ? 116 ASN A CB  1 
ATOM   606  C  CG  . ASN A 1 74  ? -13.970 2.216   -4.549  1.00 23.84 ? 116 ASN A CG  1 
ATOM   607  O  OD1 . ASN A 1 74  ? -14.487 3.333   -4.547  1.00 30.41 ? 116 ASN A OD1 1 
ATOM   608  N  ND2 . ASN A 1 74  ? -13.273 1.749   -5.576  1.00 24.13 ? 116 ASN A ND2 1 
ATOM   609  N  N   . ASN A 1 75  ? -14.885 0.830   0.008   1.00 17.89 ? 117 ASN A N   1 
ATOM   610  C  CA  . ASN A 1 75  ? -15.411 -0.178  0.921   1.00 17.36 ? 117 ASN A CA  1 
ATOM   611  C  C   . ASN A 1 75  ? -15.042 -1.585  0.440   1.00 21.37 ? 117 ASN A C   1 
ATOM   612  O  O   . ASN A 1 75  ? -15.788 -2.538  0.620   1.00 22.06 ? 117 ASN A O   1 
ATOM   613  C  CB  . ASN A 1 75  ? -16.932 -0.003  1.070   1.00 19.52 ? 117 ASN A CB  1 
ATOM   614  C  CG  . ASN A 1 75  ? -17.555 -0.961  2.066   1.00 26.01 ? 117 ASN A CG  1 
ATOM   615  O  OD1 . ASN A 1 75  ? -16.865 -1.528  2.902   1.00 29.49 ? 117 ASN A OD1 1 
ATOM   616  N  ND2 . ASN A 1 75  ? -18.873 -1.156  1.967   1.00 27.07 ? 117 ASN A ND2 1 
ATOM   617  N  N   . TYR A 1 76  ? -13.855 -1.725  -0.156  1.00 17.40 ? 118 TYR A N   1 
ATOM   618  C  CA  . TYR A 1 76  ? -13.469 -2.983  -0.797  1.00 14.53 ? 118 TYR A CA  1 
ATOM   619  C  C   . TYR A 1 76  ? -13.132 -4.092  0.196   1.00 14.14 ? 118 TYR A C   1 
ATOM   620  O  O   . TYR A 1 76  ? -13.240 -5.277  -0.147  1.00 14.37 ? 118 TYR A O   1 
ATOM   621  C  CB  . TYR A 1 76  ? -12.268 -2.723  -1.707  1.00 12.36 ? 118 TYR A CB  1 
ATOM   622  C  CG  . TYR A 1 76  ? -11.621 -3.927  -2.358  1.00 11.94 ? 118 TYR A CG  1 
ATOM   623  C  CD1 . TYR A 1 76  ? -12.034 -4.368  -3.610  1.00 13.20 ? 118 TYR A CD1 1 
ATOM   624  C  CD2 . TYR A 1 76  ? -10.547 -4.579  -1.750  1.00 11.77 ? 118 TYR A CD2 1 
ATOM   625  C  CE1 . TYR A 1 76  ? -11.424 -5.446  -4.227  1.00 12.56 ? 118 TYR A CE1 1 
ATOM   626  C  CE2 . TYR A 1 76  ? -9.939  -5.659  -2.353  1.00 11.20 ? 118 TYR A CE2 1 
ATOM   627  C  CZ  . TYR A 1 76  ? -10.375 -6.089  -3.592  1.00 12.94 ? 118 TYR A CZ  1 
ATOM   628  O  OH  . TYR A 1 76  ? -9.760  -7.152  -4.216  1.00 12.56 ? 118 TYR A OH  1 
ATOM   629  N  N   . TYR A 1 77  ? -12.679 -3.742  1.399   1.00 12.44 ? 119 TYR A N   1 
ATOM   630  C  CA  . TYR A 1 77  ? -12.160 -4.731  2.333   1.00 11.44 ? 119 TYR A CA  1 
ATOM   631  C  C   . TYR A 1 77  ? -13.253 -5.329  3.206   1.00 14.47 ? 119 TYR A C   1 
ATOM   632  O  O   . TYR A 1 77  ? -14.260 -4.680  3.506   1.00 13.61 ? 119 TYR A O   1 
ATOM   633  C  CB  . TYR A 1 77  ? -11.116 -4.099  3.242   1.00 12.33 ? 119 TYR A CB  1 
ATOM   634  C  CG  . TYR A 1 77  ? -9.856  -3.638  2.550   1.00 10.39 ? 119 TYR A CG  1 
ATOM   635  C  CD1 . TYR A 1 77  ? -8.930  -4.554  2.058   1.00 9.63  ? 119 TYR A CD1 1 
ATOM   636  C  CD2 . TYR A 1 77  ? -9.578  -2.282  2.414   1.00 10.25 ? 119 TYR A CD2 1 
ATOM   637  C  CE1 . TYR A 1 77  ? -7.755  -4.132  1.443   1.00 8.54  ? 119 TYR A CE1 1 
ATOM   638  C  CE2 . TYR A 1 77  ? -8.413  -1.853  1.805   1.00 9.82  ? 119 TYR A CE2 1 
ATOM   639  C  CZ  . TYR A 1 77  ? -7.509  -2.771  1.330   1.00 10.57 ? 119 TYR A CZ  1 
ATOM   640  O  OH  . TYR A 1 77  ? -6.365  -2.309  0.736   1.00 11.43 ? 119 TYR A OH  1 
ATOM   641  N  N   . TRP A 1 78  ? -13.003 -6.564  3.652   1.00 11.66 ? 120 TRP A N   1 
ATOM   642  C  CA  . TRP A 1 78  ? -13.832 -7.207  4.670   1.00 13.58 ? 120 TRP A CA  1 
ATOM   643  C  C   . TRP A 1 78  ? -13.397 -6.827  6.083   1.00 13.22 ? 120 TRP A C   1 
ATOM   644  O  O   . TRP A 1 78  ? -14.239 -6.626  6.963   1.00 12.67 ? 120 TRP A O   1 
ATOM   645  C  CB  . TRP A 1 78  ? -13.778 -8.725  4.506   1.00 15.40 ? 120 TRP A CB  1 
ATOM   646  C  CG  . TRP A 1 78  ? -14.545 -9.456  5.534   1.00 14.51 ? 120 TRP A CG  1 
ATOM   647  C  CD1 . TRP A 1 78  ? -14.050 -10.085 6.638   1.00 14.18 ? 120 TRP A CD1 1 
ATOM   648  C  CD2 . TRP A 1 78  ? -15.961 -9.641  5.567   1.00 12.75 ? 120 TRP A CD2 1 
ATOM   649  N  NE1 . TRP A 1 78  ? -15.070 -10.648 7.357   1.00 14.98 ? 120 TRP A NE1 1 
ATOM   650  C  CE2 . TRP A 1 78  ? -16.257 -10.386 6.724   1.00 14.08 ? 120 TRP A CE2 1 
ATOM   651  C  CE3 . TRP A 1 78  ? -17.012 -9.244  4.729   1.00 14.96 ? 120 TRP A CE3 1 
ATOM   652  C  CZ2 . TRP A 1 78  ? -17.557 -10.753 7.060   1.00 15.87 ? 120 TRP A CZ2 1 
ATOM   653  C  CZ3 . TRP A 1 78  ? -18.296 -9.610  5.065   1.00 15.64 ? 120 TRP A CZ3 1 
ATOM   654  C  CH2 . TRP A 1 78  ? -18.558 -10.355 6.222   1.00 13.67 ? 120 TRP A CH2 1 
ATOM   655  N  N   . ASN A 1 79  ? -12.092 -6.758  6.341   1.00 12.33 ? 121 ASN A N   1 
ATOM   656  C  CA  . ASN A 1 79  ? -11.660 -6.394  7.678   1.00 11.24 ? 121 ASN A CA  1 
ATOM   657  C  C   . ASN A 1 79  ? -10.317 -5.679  7.626   1.00 11.10 ? 121 ASN A C   1 
ATOM   658  O  O   . ASN A 1 79  ? -9.684  -5.559  6.567   1.00 12.16 ? 121 ASN A O   1 
ATOM   659  C  CB  . ASN A 1 79  ? -11.619 -7.619  8.607   1.00 13.40 ? 121 ASN A CB  1 
ATOM   660  C  CG  . ASN A 1 79  ? -10.621 -8.692  8.168   1.00 13.84 ? 121 ASN A CG  1 
ATOM   661  O  OD1 . ASN A 1 79  ? -9.650  -8.431  7.446   1.00 13.61 ? 121 ASN A OD1 1 
ATOM   662  N  ND2 . ASN A 1 79  ? -10.841 -9.918  8.656   1.00 15.98 ? 121 ASN A ND2 1 
ATOM   663  N  N   . ALA A 1 80  ? -9.910  -5.182  8.796   1.00 10.14 ? 122 ALA A N   1 
ATOM   664  C  CA  . ALA A 1 80  ? -8.699  -4.372  8.887   1.00 11.57 ? 122 ALA A CA  1 
ATOM   665  C  C   . ALA A 1 80  ? -7.462  -5.175  8.519   1.00 9.66  ? 122 ALA A C   1 
ATOM   666  O  O   . ALA A 1 80  ? -6.517  -4.631  7.936   1.00 9.86  ? 122 ALA A O   1 
ATOM   667  C  CB  . ALA A 1 80  ? -8.558  -3.790  10.297  1.00 13.87 ? 122 ALA A CB  1 
ATOM   668  N  N   . GLN A 1 81  ? -7.439  -6.461  8.871   1.00 12.88 ? 123 GLN A N   1 
ATOM   669  C  CA  . GLN A 1 81  ? -6.283  -7.301  8.567   1.00 12.62 ? 123 GLN A CA  1 
ATOM   670  C  C   . GLN A 1 81  ? -6.034  -7.395  7.066   1.00 12.40 ? 123 GLN A C   1 
ATOM   671  O  O   . GLN A 1 81  ? -4.878  -7.420  6.622   1.00 12.31 ? 123 GLN A O   1 
ATOM   672  C  CB  . GLN A 1 81  ? -6.481  -8.698  9.159   1.00 15.38 ? 123 GLN A CB  1 
ATOM   673  C  CG  . GLN A 1 81  ? -5.210  -9.539  9.193   1.00 22.31 ? 123 GLN A CG  1 
ATOM   674  N  N   . GLU A 1 82  ? -7.104  -7.478  6.272   1.00 12.79 ? 124 GLU A N   1 
ATOM   675  C  CA  . GLU A 1 82  ? -6.960  -7.490  4.821   1.00 11.08 ? 124 GLU A CA  1 
ATOM   676  C  C   . GLU A 1 82  ? -6.247  -6.241  4.326   1.00 9.66  ? 124 GLU A C   1 
ATOM   677  O  O   . GLU A 1 82  ? -5.375  -6.314  3.454   1.00 9.58  ? 124 GLU A O   1 
ATOM   678  C  CB  . GLU A 1 82  ? -8.340  -7.598  4.173   1.00 12.04 ? 124 GLU A CB  1 
ATOM   679  C  CG  . GLU A 1 82  ? -8.333  -8.185  2.790   1.00 15.69 ? 124 GLU A CG  1 
ATOM   680  C  CD  . GLU A 1 82  ? -9.702  -8.123  2.135   1.00 16.06 ? 124 GLU A CD  1 
ATOM   681  O  OE1 . GLU A 1 82  ? -9.754  -8.164  0.888   1.00 19.47 ? 124 GLU A OE1 1 
ATOM   682  O  OE2 . GLU A 1 82  ? -10.716 -8.030  2.867   1.00 13.80 ? 124 GLU A OE2 1 
ATOM   683  N  N   . CYS A 1 83  ? -6.603  -5.082  4.879   1.00 9.18  ? 125 CYS A N   1 
ATOM   684  C  CA  . CYS A 1 83  ? -5.960  -3.852  4.444   1.00 10.42 ? 125 CYS A CA  1 
ATOM   685  C  C   . CYS A 1 83  ? -4.518  -3.788  4.946   1.00 9.98  ? 125 CYS A C   1 
ATOM   686  O  O   . CYS A 1 83  ? -3.608  -3.413  4.196   1.00 9.49  ? 125 CYS A O   1 
ATOM   687  C  CB  . CYS A 1 83  ? -6.791  -2.661  4.920   1.00 12.06 ? 125 CYS A CB  1 
ATOM   688  S  SG  . CYS A 1 83  ? -6.000  -1.056  4.710   1.00 11.57 ? 125 CYS A SG  1 
ATOM   689  N  N   . ILE A 1 84  ? -4.284  -4.195  6.196   1.00 9.92  ? 126 ILE A N   1 
ATOM   690  C  CA  . ILE A 1 84  ? -2.929  -4.229  6.739   1.00 9.50  ? 126 ILE A CA  1 
ATOM   691  C  C   . ILE A 1 84  ? -2.030  -5.115  5.886   1.00 11.03 ? 126 ILE A C   1 
ATOM   692  O  O   . ILE A 1 84  ? -0.859  -4.790  5.649   1.00 9.27  ? 126 ILE A O   1 
ATOM   693  C  CB  . ILE A 1 84  ? -2.973  -4.686  8.210   1.00 8.37  ? 126 ILE A CB  1 
ATOM   694  C  CG1 . ILE A 1 84  ? -3.514  -3.548  9.074   1.00 9.81  ? 126 ILE A CG1 1 
ATOM   695  C  CG2 . ILE A 1 84  ? -1.589  -5.108  8.698   1.00 9.23  ? 126 ILE A CG2 1 
ATOM   696  C  CD1 . ILE A 1 84  ? -4.053  -3.986  10.415  1.00 11.96 ? 126 ILE A CD1 1 
ATOM   697  N  N   . GLN A 1 85  ? -2.574  -6.226  5.382   1.00 10.67 ? 127 GLN A N   1 
ATOM   698  C  CA  . GLN A 1 85  ? -1.791  -7.108  4.521   1.00 10.26 ? 127 GLN A CA  1 
ATOM   699  C  C   . GLN A 1 85  ? -1.398  -6.399  3.237   1.00 11.45 ? 127 GLN A C   1 
ATOM   700  O  O   . GLN A 1 85  ? -0.292  -6.608  2.720   1.00 12.35 ? 127 GLN A O   1 
ATOM   701  C  CB  . GLN A 1 85  ? -2.577  -8.383  4.214   1.00 14.09 ? 127 GLN A CB  1 
ATOM   702  N  N   . ASP A 1 86  ? -2.278  -5.537  2.713   1.00 9.41  ? 128 ASP A N   1 
ATOM   703  C  CA  . ASP A 1 86  ? -1.908  -4.768  1.526   1.00 8.97  ? 128 ASP A CA  1 
ATOM   704  C  C   . ASP A 1 86  ? -0.747  -3.821  1.824   1.00 10.20 ? 128 ASP A C   1 
ATOM   705  O  O   . ASP A 1 86  ? 0.181   -3.710  1.021   1.00 8.88  ? 128 ASP A O   1 
ATOM   706  C  CB  . ASP A 1 86  ? -3.114  -4.004  0.974   1.00 9.41  ? 128 ASP A CB  1 
ATOM   707  C  CG  . ASP A 1 86  ? -3.968  -4.850  0.064   1.00 10.38 ? 128 ASP A CG  1 
ATOM   708  O  OD1 . ASP A 1 86  ? -3.568  -5.992  -0.246  1.00 12.62 ? 128 ASP A OD1 1 
ATOM   709  O  OD2 . ASP A 1 86  ? -5.051  -4.373  -0.319  1.00 11.29 ? 128 ASP A OD2 1 
ATOM   710  N  N   . PHE A 1 87  ? -0.754  -3.155  2.989   1.00 9.03  ? 129 PHE A N   1 
ATOM   711  C  CA  . PHE A 1 87  ? 0.390   -2.308  3.330   1.00 8.78  ? 129 PHE A CA  1 
ATOM   712  C  C   . PHE A 1 87  ? 1.655   -3.134  3.422   1.00 10.06 ? 129 PHE A C   1 
ATOM   713  O  O   . PHE A 1 87  ? 2.708   -2.740  2.910   1.00 10.05 ? 129 PHE A O   1 
ATOM   714  C  CB  . PHE A 1 87  ? 0.161   -1.601  4.661   1.00 8.44  ? 129 PHE A CB  1 
ATOM   715  C  CG  . PHE A 1 87  ? -0.650  -0.347  4.557   1.00 7.94  ? 129 PHE A CG  1 
ATOM   716  C  CD1 . PHE A 1 87  ? -0.037  0.854   4.238   1.00 11.78 ? 129 PHE A CD1 1 
ATOM   717  C  CD2 . PHE A 1 87  ? -2.017  -0.359  4.839   1.00 9.65  ? 129 PHE A CD2 1 
ATOM   718  C  CE1 . PHE A 1 87  ? -0.763  2.023   4.174   1.00 8.96  ? 129 PHE A CE1 1 
ATOM   719  C  CE2 . PHE A 1 87  ? -2.748  0.805   4.788   1.00 10.40 ? 129 PHE A CE2 1 
ATOM   720  C  CZ  . PHE A 1 87  ? -2.117  2.003   4.445   1.00 9.62  ? 129 PHE A CZ  1 
ATOM   721  N  N   . ASN A 1 88  ? 1.569   -4.288  4.078   1.00 9.16  ? 130 ASN A N   1 
ATOM   722  C  CA  . ASN A 1 88  ? 2.748   -5.130  4.237   1.00 11.20 ? 130 ASN A CA  1 
ATOM   723  C  C   . ASN A 1 88  ? 3.283   -5.597  2.891   1.00 11.30 ? 130 ASN A C   1 
ATOM   724  O  O   . ASN A 1 88  ? 4.496   -5.613  2.677   1.00 11.34 ? 130 ASN A O   1 
ATOM   725  C  CB  . ASN A 1 88  ? 2.414   -6.316  5.129   1.00 12.34 ? 130 ASN A CB  1 
ATOM   726  C  CG  . ASN A 1 88  ? 2.278   -5.910  6.588   1.00 21.66 ? 130 ASN A CG  1 
ATOM   727  O  OD1 . ASN A 1 88  ? 2.827   -4.885  7.010   1.00 27.66 ? 130 ASN A OD1 1 
ATOM   728  N  ND2 . ASN A 1 88  ? 1.548   -6.709  7.365   1.00 23.78 ? 130 ASN A ND2 1 
ATOM   729  N  N   . THR A 1 89  ? 2.389   -5.976  1.974   1.00 9.68  ? 131 THR A N   1 
ATOM   730  C  CA  . THR A 1 89  ? 2.809   -6.351  0.628   1.00 11.18 ? 131 THR A CA  1 
ATOM   731  C  C   . THR A 1 89  ? 3.524   -5.196  -0.066  1.00 11.49 ? 131 THR A C   1 
ATOM   732  O  O   . THR A 1 89  ? 4.536   -5.406  -0.750  1.00 11.46 ? 131 THR A O   1 
ATOM   733  C  CB  . THR A 1 89  ? 1.593   -6.790  -0.190  1.00 12.29 ? 131 THR A CB  1 
ATOM   734  O  OG1 . THR A 1 89  ? 1.044   -7.973  0.388   1.00 13.36 ? 131 THR A OG1 1 
ATOM   735  C  CG2 . THR A 1 89  ? 1.977   -7.079  -1.632  1.00 11.81 ? 131 THR A CG2 1 
ATOM   736  N  N   . MET A 1 90  ? 3.010   -3.970  0.096   1.00 9.26  ? 132 MET A N   1 
ATOM   737  C  CA  . MET A 1 90  ? 3.647   -2.801  -0.502  1.00 10.10 ? 132 MET A CA  1 
ATOM   738  C  C   . MET A 1 90  ? 5.070   -2.628  0.004   1.00 8.56  ? 132 MET A C   1 
ATOM   739  O  O   . MET A 1 90  ? 5.997   -2.391  -0.786  1.00 10.71 ? 132 MET A O   1 
ATOM   740  C  CB  . MET A 1 90  ? 2.823   -1.544  -0.215  1.00 11.05 ? 132 MET A CB  1 
ATOM   741  C  CG  . MET A 1 90  ? 3.448   -0.254  -0.719  1.00 9.70  ? 132 MET A CG  1 
ATOM   742  S  SD  . MET A 1 90  ? 2.512   1.214   -0.229  1.00 10.96 ? 132 MET A SD  1 
ATOM   743  C  CE  . MET A 1 90  ? 2.946   1.327   1.508   1.00 13.52 ? 132 MET A CE  1 
ATOM   744  N  N   . PHE A 1 91  ? 5.267   -2.747  1.322   1.00 8.71  ? 133 PHE A N   1 
ATOM   745  C  CA  . PHE A 1 91  ? 6.610   -2.575  1.870   1.00 9.95  ? 133 PHE A CA  1 
ATOM   746  C  C   . PHE A 1 91  ? 7.521   -3.708  1.433   1.00 9.97  ? 133 PHE A C   1 
ATOM   747  O  O   . PHE A 1 91  ? 8.651   -3.468  0.992   1.00 13.02 ? 133 PHE A O   1 
ATOM   748  C  CB  . PHE A 1 91  ? 6.579   -2.489  3.403   1.00 10.61 ? 133 PHE A CB  1 
ATOM   749  C  CG  . PHE A 1 91  ? 5.871   -1.276  3.926   1.00 12.24 ? 133 PHE A CG  1 
ATOM   750  C  CD1 . PHE A 1 91  ? 6.231   -0.014  3.497   1.00 12.80 ? 133 PHE A CD1 1 
ATOM   751  C  CD2 . PHE A 1 91  ? 4.843   -1.401  4.841   1.00 11.77 ? 133 PHE A CD2 1 
ATOM   752  C  CE1 . PHE A 1 91  ? 5.584   1.102   3.966   1.00 13.48 ? 133 PHE A CE1 1 
ATOM   753  C  CE2 . PHE A 1 91  ? 4.177   -0.277  5.310   1.00 11.29 ? 133 PHE A CE2 1 
ATOM   754  C  CZ  . PHE A 1 91  ? 4.552   0.972   4.867   1.00 10.76 ? 133 PHE A CZ  1 
ATOM   755  N  N   . THR A 1 92  ? 7.040   -4.949  1.515   1.00 12.25 ? 134 THR A N   1 
ATOM   756  C  CA  . THR A 1 92  ? 7.913   -6.071  1.181   1.00 12.16 ? 134 THR A CA  1 
ATOM   757  C  C   . THR A 1 92  ? 8.279   -6.071  -0.301  1.00 11.49 ? 134 THR A C   1 
ATOM   758  O  O   . THR A 1 92  ? 9.422   -6.388  -0.649  1.00 13.78 ? 134 THR A O   1 
ATOM   759  C  CB  . THR A 1 92  ? 7.275   -7.397  1.595   1.00 16.20 ? 134 THR A CB  1 
ATOM   760  O  OG1 . THR A 1 92  ? 6.021   -7.553  0.940   1.00 20.35 ? 134 THR A OG1 1 
ATOM   761  C  CG2 . THR A 1 92  ? 7.070   -7.441  3.102   1.00 16.64 ? 134 THR A CG2 1 
ATOM   762  N  N   . ASN A 1 93  ? 7.347   -5.691  -1.187  1.00 10.66 ? 135 ASN A N   1 
ATOM   763  C  CA  . ASN A 1 93  ? 7.689   -5.550  -2.606  1.00 9.89  ? 135 ASN A CA  1 
ATOM   764  C  C   . ASN A 1 93  ? 8.872   -4.614  -2.806  1.00 11.01 ? 135 ASN A C   1 
ATOM   765  O  O   . ASN A 1 93  ? 9.739   -4.856  -3.654  1.00 11.40 ? 135 ASN A O   1 
ATOM   766  C  CB  . ASN A 1 93  ? 6.513   -4.988  -3.412  1.00 10.55 ? 135 ASN A CB  1 
ATOM   767  C  CG  . ASN A 1 93  ? 5.391   -5.983  -3.607  1.00 10.54 ? 135 ASN A CG  1 
ATOM   768  O  OD1 . ASN A 1 93  ? 5.547   -7.176  -3.353  1.00 12.71 ? 135 ASN A OD1 1 
ATOM   769  N  ND2 . ASN A 1 93  ? 4.246   -5.489  -4.076  1.00 11.67 ? 135 ASN A ND2 1 
ATOM   770  N  N   . CYS A 1 94  ? 8.896   -3.502  -2.070  1.00 11.88 ? 136 CYS A N   1 
ATOM   771  C  CA  . CYS A 1 94  ? 9.979   -2.546  -2.252  1.00 11.94 ? 136 CYS A CA  1 
ATOM   772  C  C   . CYS A 1 94  ? 11.307  -3.159  -1.815  1.00 13.23 ? 136 CYS A C   1 
ATOM   773  O  O   . CYS A 1 94  ? 12.330  -3.004  -2.493  1.00 11.69 ? 136 CYS A O   1 
ATOM   774  C  CB  . CYS A 1 94  ? 9.658   -1.267  -1.473  1.00 10.32 ? 136 CYS A CB  1 
ATOM   775  S  SG  . CYS A 1 94  ? 10.883  0.029   -1.669  1.00 12.75 ? 136 CYS A SG  1 
ATOM   776  N  N   . TYR A 1 95  ? 11.301  -3.900  -0.711  1.00 11.38 ? 137 TYR A N   1 
ATOM   777  C  CA  . TYR A 1 95  ? 12.525  -4.562  -0.265  1.00 11.71 ? 137 TYR A CA  1 
ATOM   778  C  C   . TYR A 1 95  ? 12.967  -5.630  -1.258  1.00 14.13 ? 137 TYR A C   1 
ATOM   779  O  O   . TYR A 1 95  ? 14.169  -5.820  -1.490  1.00 14.34 ? 137 TYR A O   1 
ATOM   780  C  CB  . TYR A 1 95  ? 12.308  -5.167  1.121   1.00 12.45 ? 137 TYR A CB  1 
ATOM   781  C  CG  . TYR A 1 95  ? 11.778  -4.166  2.129   1.00 12.95 ? 137 TYR A CG  1 
ATOM   782  C  CD1 . TYR A 1 95  ? 12.210  -2.847  2.112   1.00 12.20 ? 137 TYR A CD1 1 
ATOM   783  C  CD2 . TYR A 1 95  ? 10.849  -4.538  3.091   1.00 12.87 ? 137 TYR A CD2 1 
ATOM   784  C  CE1 . TYR A 1 95  ? 11.729  -1.919  3.029   1.00 10.93 ? 137 TYR A CE1 1 
ATOM   785  C  CE2 . TYR A 1 95  ? 10.366  -3.623  4.016   1.00 10.97 ? 137 TYR A CE2 1 
ATOM   786  C  CZ  . TYR A 1 95  ? 10.798  -2.318  3.979   1.00 10.25 ? 137 TYR A CZ  1 
ATOM   787  O  OH  . TYR A 1 95  ? 10.312  -1.409  4.903   1.00 13.77 ? 137 TYR A OH  1 
ATOM   788  N  N   . ILE A 1 96  ? 12.010  -6.337  -1.852  1.00 13.07 ? 138 ILE A N   1 
ATOM   789  C  CA  . ILE A 1 96  ? 12.343  -7.403  -2.791  1.00 13.70 ? 138 ILE A CA  1 
ATOM   790  C  C   . ILE A 1 96  ? 12.942  -6.830  -4.073  1.00 15.03 ? 138 ILE A C   1 
ATOM   791  O  O   . ILE A 1 96  ? 13.971  -7.311  -4.561  1.00 14.07 ? 138 ILE A O   1 
ATOM   792  C  CB  . ILE A 1 96  ? 11.096  -8.257  -3.078  1.00 12.37 ? 138 ILE A CB  1 
ATOM   793  C  CG1 . ILE A 1 96  ? 10.711  -9.062  -1.836  1.00 13.07 ? 138 ILE A CG1 1 
ATOM   794  C  CG2 . ILE A 1 96  ? 11.325  -9.175  -4.273  1.00 16.33 ? 138 ILE A CG2 1 
ATOM   795  C  CD1 . ILE A 1 96  ? 9.314   -9.638  -1.915  1.00 18.15 ? 138 ILE A CD1 1 
ATOM   796  N  N   . TYR A 1 97  ? 12.303  -5.804  -4.648  1.00 13.66 ? 139 TYR A N   1 
ATOM   797  C  CA  . TYR A 1 97  ? 12.752  -5.312  -5.945  1.00 12.80 ? 139 TYR A CA  1 
ATOM   798  C  C   . TYR A 1 97  ? 14.075  -4.573  -5.857  1.00 14.91 ? 139 TYR A C   1 
ATOM   799  O  O   . TYR A 1 97  ? 14.792  -4.502  -6.862  1.00 15.32 ? 139 TYR A O   1 
ATOM   800  C  CB  . TYR A 1 97  ? 11.713  -4.387  -6.591  1.00 11.90 ? 139 TYR A CB  1 
ATOM   801  C  CG  . TYR A 1 97  ? 12.217  -3.833  -7.909  1.00 12.68 ? 139 TYR A CG  1 
ATOM   802  C  CD1 . TYR A 1 97  ? 12.346  -4.662  -9.016  1.00 15.50 ? 139 TYR A CD1 1 
ATOM   803  C  CD2 . TYR A 1 97  ? 12.625  -2.511  -8.025  1.00 12.72 ? 139 TYR A CD2 1 
ATOM   804  C  CE1 . TYR A 1 97  ? 12.833  -4.178  -10.217 1.00 15.07 ? 139 TYR A CE1 1 
ATOM   805  C  CE2 . TYR A 1 97  ? 13.118  -2.012  -9.222  1.00 13.76 ? 139 TYR A CE2 1 
ATOM   806  C  CZ  . TYR A 1 97  ? 13.219  -2.854  -10.314 1.00 12.34 ? 139 TYR A CZ  1 
ATOM   807  O  OH  . TYR A 1 97  ? 13.717  -2.380  -11.505 1.00 14.22 ? 139 TYR A OH  1 
ATOM   808  N  N   . ASN A 1 98  ? 14.413  -4.028  -4.688  1.00 13.92 ? 140 ASN A N   1 
ATOM   809  C  CA  . ASN A 1 98  ? 15.605  -3.217  -4.509  1.00 13.90 ? 140 ASN A CA  1 
ATOM   810  C  C   . ASN A 1 98  ? 16.602  -3.974  -3.627  1.00 15.49 ? 140 ASN A C   1 
ATOM   811  O  O   . ASN A 1 98  ? 16.665  -5.214  -3.687  1.00 15.55 ? 140 ASN A O   1 
ATOM   812  C  CB  . ASN A 1 98  ? 15.192  -1.856  -3.967  1.00 12.16 ? 140 ASN A CB  1 
ATOM   813  C  CG  . ASN A 1 98  ? 14.184  -1.165  -4.862  1.00 13.82 ? 140 ASN A CG  1 
ATOM   814  O  OD1 . ASN A 1 98  ? 12.982  -1.132  -4.567  1.00 16.25 ? 140 ASN A OD1 1 
ATOM   815  N  ND2 . ASN A 1 98  ? 14.658  -0.619  -5.966  1.00 11.11 ? 140 ASN A ND2 1 
ATOM   816  N  N   . LYS A 1 99  ? 17.385  -3.247  -2.839  1.00 18.89 ? 141 LYS A N   1 
ATOM   817  C  CA  . LYS A 1 99  ? 18.376  -3.858  -1.967  1.00 17.42 ? 141 LYS A CA  1 
ATOM   818  C  C   . LYS A 1 99  ? 18.639  -2.925  -0.794  1.00 17.88 ? 141 LYS A C   1 
ATOM   819  O  O   . LYS A 1 99  ? 18.284  -1.740  -0.846  1.00 16.72 ? 141 LYS A O   1 
ATOM   820  C  CB  . LYS A 1 99  ? 19.676  -4.161  -2.732  1.00 20.09 ? 141 LYS A CB  1 
ATOM   821  C  CG  . LYS A 1 99  ? 20.406  -2.942  -3.221  1.00 18.69 ? 141 LYS A CG  1 
ATOM   822  C  CD  . LYS A 1 99  ? 21.368  -3.322  -4.344  1.00 21.80 ? 141 LYS A CD  1 
ATOM   823  C  CE  . LYS A 1 99  ? 22.781  -2.885  -4.043  1.00 27.91 ? 141 LYS A CE  1 
ATOM   824  N  NZ  . LYS A 1 99  ? 23.740  -3.273  -5.129  1.00 25.16 ? 141 LYS A NZ  1 
ATOM   825  N  N   . PRO A 1 100 ? 19.252  -3.426  0.282   1.00 19.39 ? 142 PRO A N   1 
ATOM   826  C  CA  . PRO A 1 100 ? 19.508  -2.571  1.448   1.00 15.64 ? 142 PRO A CA  1 
ATOM   827  C  C   . PRO A 1 100 ? 20.335  -1.340  1.104   1.00 16.67 ? 142 PRO A C   1 
ATOM   828  O  O   . PRO A 1 100 ? 21.257  -1.386  0.289   1.00 20.35 ? 142 PRO A O   1 
ATOM   829  C  CB  . PRO A 1 100 ? 20.261  -3.501  2.408   1.00 17.70 ? 142 PRO A CB  1 
ATOM   830  C  CG  . PRO A 1 100 ? 19.762  -4.872  2.041   1.00 15.95 ? 142 PRO A CG  1 
ATOM   831  C  CD  . PRO A 1 100 ? 19.598  -4.836  0.549   1.00 21.83 ? 142 PRO A CD  1 
ATOM   832  N  N   . GLY A 1 101 ? 19.978  -0.223  1.731   1.00 14.54 ? 143 GLY A N   1 
ATOM   833  C  CA  . GLY A 1 101 ? 20.701  1.012   1.563   1.00 18.09 ? 143 GLY A CA  1 
ATOM   834  C  C   . GLY A 1 101 ? 20.233  1.880   0.420   1.00 15.50 ? 143 GLY A C   1 
ATOM   835  O  O   . GLY A 1 101 ? 20.620  3.053   0.367   1.00 18.86 ? 143 GLY A O   1 
ATOM   836  N  N   . ASP A 1 102 ? 19.420  1.349   -0.498  1.00 15.03 ? 144 ASP A N   1 
ATOM   837  C  CA  . ASP A 1 102 ? 18.877  2.170   -1.573  1.00 13.73 ? 144 ASP A CA  1 
ATOM   838  C  C   . ASP A 1 102 ? 17.985  3.271   -1.007  1.00 11.32 ? 144 ASP A C   1 
ATOM   839  O  O   . ASP A 1 102 ? 17.325  3.102   0.021   1.00 11.67 ? 144 ASP A O   1 
ATOM   840  C  CB  . ASP A 1 102 ? 18.056  1.326   -2.552  1.00 14.73 ? 144 ASP A CB  1 
ATOM   841  C  CG  . ASP A 1 102 ? 18.904  0.455   -3.440  1.00 17.40 ? 144 ASP A CG  1 
ATOM   842  O  OD1 . ASP A 1 102 ? 20.134  0.673   -3.528  1.00 18.75 ? 144 ASP A OD1 1 
ATOM   843  O  OD2 . ASP A 1 102 ? 18.316  -0.444  -4.071  1.00 17.13 ? 144 ASP A OD2 1 
ATOM   844  N  N   . ASP A 1 103 ? 17.935  4.400   -1.714  1.00 12.29 ? 145 ASP A N   1 
ATOM   845  C  CA  . ASP A 1 103 ? 17.106  5.512   -1.254  1.00 13.92 ? 145 ASP A CA  1 
ATOM   846  C  C   . ASP A 1 103 ? 15.649  5.087   -1.093  1.00 11.52 ? 145 ASP A C   1 
ATOM   847  O  O   . ASP A 1 103 ? 15.007  5.431   -0.091  1.00 11.21 ? 145 ASP A O   1 
ATOM   848  C  CB  . ASP A 1 103 ? 17.212  6.688   -2.225  1.00 13.67 ? 145 ASP A CB  1 
ATOM   849  C  CG  . ASP A 1 103 ? 18.442  7.543   -1.980  1.00 16.46 ? 145 ASP A CG  1 
ATOM   850  O  OD1 . ASP A 1 103 ? 19.096  7.382   -0.925  1.00 16.65 ? 145 ASP A OD1 1 
ATOM   851  O  OD2 . ASP A 1 103 ? 18.754  8.383   -2.855  1.00 17.63 ? 145 ASP A OD2 1 
ATOM   852  N  N   . ILE A 1 104 ? 15.107  4.341   -2.064  1.00 12.60 ? 146 ILE A N   1 
ATOM   853  C  CA  . ILE A 1 104 ? 13.704  3.929   -1.979  1.00 13.13 ? 146 ILE A CA  1 
ATOM   854  C  C   . ILE A 1 104 ? 13.491  3.009   -0.787  1.00 11.90 ? 146 ILE A C   1 
ATOM   855  O  O   . ILE A 1 104 ? 12.428  3.030   -0.155  1.00 10.10 ? 146 ILE A O   1 
ATOM   856  C  CB  . ILE A 1 104 ? 13.256  3.271   -3.303  1.00 13.56 ? 146 ILE A CB  1 
ATOM   857  C  CG1 . ILE A 1 104 ? 11.723  3.105   -3.372  1.00 11.90 ? 146 ILE A CG1 1 
ATOM   858  C  CG2 . ILE A 1 104 ? 13.946  1.930   -3.514  1.00 13.33 ? 146 ILE A CG2 1 
ATOM   859  C  CD1 . ILE A 1 104 ? 10.966  4.393   -3.168  1.00 15.48 ? 146 ILE A CD1 1 
ATOM   860  N  N   . VAL A 1 105 ? 14.490  2.194   -0.453  1.00 10.55 ? 147 VAL A N   1 
ATOM   861  C  CA  . VAL A 1 105 ? 14.362  1.290   0.684   1.00 11.33 ? 147 VAL A CA  1 
ATOM   862  C  C   . VAL A 1 105 ? 14.407  2.065   1.997   1.00 11.81 ? 147 VAL A C   1 
ATOM   863  O  O   . VAL A 1 105 ? 13.652  1.772   2.927   1.00 11.96 ? 147 VAL A O   1 
ATOM   864  C  CB  . VAL A 1 105 ? 15.450  0.202   0.611   1.00 11.92 ? 147 VAL A CB  1 
ATOM   865  C  CG1 . VAL A 1 105 ? 15.564  -0.548  1.927   1.00 13.64 ? 147 VAL A CG1 1 
ATOM   866  C  CG2 . VAL A 1 105 ? 15.147  -0.764  -0.535  1.00 12.43 ? 147 VAL A CG2 1 
ATOM   867  N  N   . LEU A 1 106 ? 15.281  3.070   2.097   1.00 12.20 ? 148 LEU A N   1 
ATOM   868  C  CA  . LEU A 1 106 ? 15.282  3.923   3.279   1.00 10.18 ? 148 LEU A CA  1 
ATOM   869  C  C   . LEU A 1 106 ? 13.925  4.588   3.467   1.00 9.40  ? 148 LEU A C   1 
ATOM   870  O  O   . LEU A 1 106 ? 13.442  4.740   4.597   1.00 11.01 ? 148 LEU A O   1 
ATOM   871  C  CB  . LEU A 1 106 ? 16.387  4.980   3.165   1.00 11.90 ? 148 LEU A CB  1 
ATOM   872  C  CG  . LEU A 1 106 ? 17.824  4.467   3.029   1.00 18.21 ? 148 LEU A CG  1 
ATOM   873  C  CD1 . LEU A 1 106 ? 18.770  5.628   2.750   1.00 15.40 ? 148 LEU A CD1 1 
ATOM   874  C  CD2 . LEU A 1 106 ? 18.247  3.722   4.273   1.00 18.47 ? 148 LEU A CD2 1 
ATOM   875  N  N   . MET A 1 107 ? 13.301  5.001   2.363   1.00 11.41 ? 149 MET A N   1 
ATOM   876  C  CA  . MET A 1 107 ? 11.973  5.592   2.432   1.00 11.03 ? 149 MET A CA  1 
ATOM   877  C  C   . MET A 1 107 ? 10.951  4.577   2.941   1.00 11.40 ? 149 MET A C   1 
ATOM   878  O  O   . MET A 1 107 ? 10.193  4.855   3.877   1.00 11.18 ? 149 MET A O   1 
ATOM   879  C  CB  . MET A 1 107 ? 11.595  6.130   1.050   1.00 10.14 ? 149 MET A CB  1 
ATOM   880  C  CG  . MET A 1 107 ? 12.495  7.262   0.622   1.00 10.67 ? 149 MET A CG  1 
ATOM   881  S  SD  . MET A 1 107 ? 12.290  7.752   -1.098  1.00 16.38 ? 149 MET A SD  1 
ATOM   882  C  CE  . MET A 1 107 ? 10.955  8.880   -0.914  1.00 12.82 ? 149 MET A CE  1 
ATOM   883  N  N   . ALA A 1 108 ? 10.942  3.379   2.356   1.00 9.76  ? 150 ALA A N   1 
ATOM   884  C  CA  . ALA A 1 108 ? 10.006  2.345   2.800   1.00 9.06  ? 150 ALA A CA  1 
ATOM   885  C  C   . ALA A 1 108 ? 10.193  2.004   4.274   1.00 9.55  ? 150 ALA A C   1 
ATOM   886  O  O   . ALA A 1 108 ? 9.208   1.844   5.003   1.00 11.63 ? 150 ALA A O   1 
ATOM   887  C  CB  . ALA A 1 108 ? 10.163  1.090   1.948   1.00 10.94 ? 150 ALA A CB  1 
ATOM   888  N  N   . GLU A 1 109 ? 11.453  1.906   4.734   1.00 11.67 ? 151 GLU A N   1 
ATOM   889  C  CA  . GLU A 1 109 ? 11.724  1.565   6.131   1.00 10.17 ? 151 GLU A CA  1 
ATOM   890  C  C   . GLU A 1 109 ? 11.126  2.598   7.078   1.00 12.55 ? 151 GLU A C   1 
ATOM   891  O  O   . GLU A 1 109 ? 10.539  2.251   8.110   1.00 11.28 ? 151 GLU A O   1 
ATOM   892  C  CB  . GLU A 1 109 ? 13.235  1.443   6.358   1.00 12.85 ? 151 GLU A CB  1 
ATOM   893  C  CG  . GLU A 1 109 ? 13.872  0.224   5.689   1.00 11.60 ? 151 GLU A CG  1 
ATOM   894  C  CD  . GLU A 1 109 ? 15.394  0.311   5.637   1.00 15.23 ? 151 GLU A CD  1 
ATOM   895  O  OE1 . GLU A 1 109 ? 15.931  1.401   5.906   1.00 16.83 ? 151 GLU A OE1 1 
ATOM   896  O  OE2 . GLU A 1 109 ? 16.055  -0.706  5.311   1.00 16.48 ? 151 GLU A OE2 1 
ATOM   897  N  N   . ALA A 1 110 ? 11.263  3.876   6.741   1.00 11.59 ? 152 ALA A N   1 
ATOM   898  C  CA  . ALA A 1 110 ? 10.699  4.919   7.587   1.00 12.07 ? 152 ALA A CA  1 
ATOM   899  C  C   . ALA A 1 110 ? 9.178   4.872   7.583   1.00 10.76 ? 152 ALA A C   1 
ATOM   900  O  O   . ALA A 1 110 ? 8.549   4.998   8.639   1.00 11.06 ? 152 ALA A O   1 
ATOM   901  C  CB  . ALA A 1 110 ? 11.205  6.287   7.129   1.00 14.66 ? 152 ALA A CB  1 
ATOM   902  N  N   . LEU A 1 111 ? 8.570   4.685   6.407   1.00 10.98 ? 153 LEU A N   1 
ATOM   903  C  CA  . LEU A 1 111 ? 7.115   4.585   6.335   1.00 10.51 ? 153 LEU A CA  1 
ATOM   904  C  C   . LEU A 1 111 ? 6.605   3.361   7.073   1.00 10.68 ? 153 LEU A C   1 
ATOM   905  O  O   . LEU A 1 111 ? 5.533   3.400   7.689   1.00 11.95 ? 153 LEU A O   1 
ATOM   906  C  CB  . LEU A 1 111 ? 6.658   4.523   4.878   1.00 11.23 ? 153 LEU A CB  1 
ATOM   907  C  CG  . LEU A 1 111 ? 6.864   5.767   4.027   1.00 14.95 ? 153 LEU A CG  1 
ATOM   908  C  CD1 . LEU A 1 111 ? 6.518   5.424   2.602   1.00 16.28 ? 153 LEU A CD1 1 
ATOM   909  C  CD2 . LEU A 1 111 ? 6.012   6.932   4.521   1.00 15.07 ? 153 LEU A CD2 1 
ATOM   910  N  N   . GLU A 1 112 ? 7.329   2.243   6.975   1.00 10.15 ? 154 GLU A N   1 
ATOM   911  C  CA  . GLU A 1 112 ? 6.872   1.034   7.647   1.00 8.88  ? 154 GLU A CA  1 
ATOM   912  C  C   . GLU A 1 112 ? 6.885   1.217   9.157   1.00 10.53 ? 154 GLU A C   1 
ATOM   913  O  O   . GLU A 1 112 ? 5.969   0.761   9.856   1.00 12.67 ? 154 GLU A O   1 
ATOM   914  C  CB  . GLU A 1 112 ? 7.735   -0.164  7.245   1.00 9.41  ? 154 GLU A CB  1 
ATOM   915  C  CG  . GLU A 1 112 ? 7.302   -1.426  7.961   1.00 12.63 ? 154 GLU A CG  1 
ATOM   916  C  CD  . GLU A 1 112 ? 8.127   -2.639  7.611   1.00 20.74 ? 154 GLU A CD  1 
ATOM   917  O  OE1 . GLU A 1 112 ? 9.113   -2.494  6.865   1.00 21.16 ? 154 GLU A OE1 1 
ATOM   918  O  OE2 . GLU A 1 112 ? 7.791   -3.743  8.096   1.00 20.75 ? 154 GLU A OE2 1 
ATOM   919  N  N   . LYS A 1 113 ? 7.901   1.905   9.677   1.00 9.95  ? 155 LYS A N   1 
ATOM   920  C  CA  . LYS A 1 113 ? 7.933   2.151   11.115  1.00 10.70 ? 155 LYS A CA  1 
ATOM   921  C  C   . LYS A 1 113 ? 6.787   3.061   11.542  1.00 11.04 ? 155 LYS A C   1 
ATOM   922  O  O   . LYS A 1 113 ? 6.139   2.809   12.565  1.00 11.23 ? 155 LYS A O   1 
ATOM   923  C  CB  . LYS A 1 113 ? 9.291   2.723   11.522  1.00 13.53 ? 155 LYS A CB  1 
ATOM   924  C  CG  . LYS A 1 113 ? 10.388  1.652   11.498  1.00 14.39 ? 155 LYS A CG  1 
ATOM   925  C  CD  . LYS A 1 113 ? 11.673  2.122   12.152  1.00 18.07 ? 155 LYS A CD  1 
ATOM   926  C  CE  . LYS A 1 113 ? 12.542  2.918   11.204  1.00 20.41 ? 155 LYS A CE  1 
ATOM   927  N  NZ  . LYS A 1 113 ? 13.720  3.480   11.933  1.00 20.71 ? 155 LYS A NZ  1 
ATOM   928  N  N   . LEU A 1 114 ? 6.490   4.099   10.750  1.00 10.37 ? 156 LEU A N   1 
ATOM   929  C  CA  . LEU A 1 114 ? 5.347   4.954   11.065  1.00 9.68  ? 156 LEU A CA  1 
ATOM   930  C  C   . LEU A 1 114 ? 4.037   4.175   10.981  1.00 10.09 ? 156 LEU A C   1 
ATOM   931  O  O   . LEU A 1 114 ? 3.167   4.313   11.851  1.00 11.02 ? 156 LEU A O   1 
ATOM   932  C  CB  . LEU A 1 114 ? 5.319   6.164   10.129  1.00 11.19 ? 156 LEU A CB  1 
ATOM   933  C  CG  . LEU A 1 114 ? 4.179   7.166   10.336  1.00 15.41 ? 156 LEU A CG  1 
ATOM   934  C  CD1 . LEU A 1 114 ? 4.077   7.614   11.785  1.00 14.70 ? 156 LEU A CD1 1 
ATOM   935  C  CD2 . LEU A 1 114 ? 4.354   8.369   9.417   1.00 15.60 ? 156 LEU A CD2 1 
ATOM   936  N  N   . PHE A 1 115 ? 3.887   3.351   9.941   1.00 9.55  ? 157 PHE A N   1 
ATOM   937  C  CA  . PHE A 1 115 ? 2.716   2.489   9.809   1.00 10.29 ? 157 PHE A CA  1 
ATOM   938  C  C   . PHE A 1 115 ? 2.519   1.615   11.044  1.00 9.97  ? 157 PHE A C   1 
ATOM   939  O  O   . PHE A 1 115 ? 1.424   1.564   11.617  1.00 10.40 ? 157 PHE A O   1 
ATOM   940  C  CB  . PHE A 1 115 ? 2.868   1.632   8.547   1.00 8.86  ? 157 PHE A CB  1 
ATOM   941  C  CG  . PHE A 1 115 ? 1.810   0.581   8.395   1.00 10.43 ? 157 PHE A CG  1 
ATOM   942  C  CD1 . PHE A 1 115 ? 0.519   0.941   8.082   1.00 9.68  ? 157 PHE A CD1 1 
ATOM   943  C  CD2 . PHE A 1 115 ? 2.110   -0.769  8.537   1.00 11.18 ? 157 PHE A CD2 1 
ATOM   944  C  CE1 . PHE A 1 115 ? -0.469  -0.015  7.930   1.00 10.05 ? 157 PHE A CE1 1 
ATOM   945  C  CE2 . PHE A 1 115 ? 1.113   -1.740  8.393   1.00 12.31 ? 157 PHE A CE2 1 
ATOM   946  C  CZ  . PHE A 1 115 ? -0.173  -1.354  8.087   1.00 11.80 ? 157 PHE A CZ  1 
ATOM   947  N  N   . LEU A 1 116 ? 3.567   0.904   11.462  1.00 10.66 ? 158 LEU A N   1 
ATOM   948  C  CA  . LEU A 1 116 ? 3.430   0.029   12.620  1.00 11.71 ? 158 LEU A CA  1 
ATOM   949  C  C   . LEU A 1 116 ? 3.115   0.830   13.872  1.00 9.60  ? 158 LEU A C   1 
ATOM   950  O  O   . LEU A 1 116 ? 2.344   0.381   14.727  1.00 11.65 ? 158 LEU A O   1 
ATOM   951  C  CB  . LEU A 1 116 ? 4.703   -0.788  12.807  1.00 11.49 ? 158 LEU A CB  1 
ATOM   952  C  CG  . LEU A 1 116 ? 4.901   -1.889  11.779  1.00 15.18 ? 158 LEU A CG  1 
ATOM   953  C  CD1 . LEU A 1 116 ? 6.280   -2.476  11.970  1.00 17.68 ? 158 LEU A CD1 1 
ATOM   954  C  CD2 . LEU A 1 116 ? 3.844   -2.952  11.918  1.00 17.13 ? 158 LEU A CD2 1 
ATOM   955  N  N   . GLN A 1 117 ? 3.695   2.028   13.995  1.00 11.38 ? 159 GLN A N   1 
ATOM   956  C  CA  . GLN A 1 117 ? 3.368   2.893   15.124  1.00 12.65 ? 159 GLN A CA  1 
ATOM   957  C  C   . GLN A 1 117 ? 1.882   3.213   15.150  1.00 12.54 ? 159 GLN A C   1 
ATOM   958  O  O   . GLN A 1 117 ? 1.259   3.226   16.218  1.00 13.75 ? 159 GLN A O   1 
ATOM   959  C  CB  . GLN A 1 117 ? 4.198   4.177   15.051  1.00 15.74 ? 159 GLN A CB  1 
ATOM   960  C  CG  . GLN A 1 117 ? 4.108   5.057   16.281  1.00 19.83 ? 159 GLN A CG  1 
ATOM   961  C  CD  . GLN A 1 117 ? 4.569   4.349   17.542  1.00 28.97 ? 159 GLN A CD  1 
ATOM   962  O  OE1 . GLN A 1 117 ? 5.504   3.543   17.512  1.00 29.95 ? 159 GLN A OE1 1 
ATOM   963  N  NE2 . GLN A 1 117 ? 3.913   4.648   18.664  1.00 29.28 ? 159 GLN A NE2 1 
ATOM   964  N  N   . LYS A 1 118 ? 1.291   3.453   13.975  1.00 11.75 ? 160 LYS A N   1 
ATOM   965  C  CA  . LYS A 1 118 ? -0.112  3.841   13.903  1.00 10.31 ? 160 LYS A CA  1 
ATOM   966  C  C   . LYS A 1 118 ? -1.070  2.679   14.125  1.00 9.89  ? 160 LYS A C   1 
ATOM   967  O  O   . LYS A 1 118 ? -2.163  2.892   14.659  1.00 11.35 ? 160 LYS A O   1 
ATOM   968  C  CB  . LYS A 1 118 ? -0.415  4.480   12.548  1.00 11.98 ? 160 LYS A CB  1 
ATOM   969  C  CG  . LYS A 1 118 ? 0.246   5.816   12.348  1.00 17.46 ? 160 LYS A CG  1 
ATOM   970  C  CD  . LYS A 1 118 ? -0.025  6.732   13.509  1.00 16.74 ? 160 LYS A CD  1 
ATOM   971  C  CE  . LYS A 1 118 ? 0.303   8.172   13.128  1.00 20.66 ? 160 LYS A CE  1 
ATOM   972  N  NZ  . LYS A 1 118 ? 0.154   9.077   14.295  1.00 23.36 ? 160 LYS A NZ  1 
ATOM   973  N  N   . ILE A 1 119 ? -0.725  1.458   13.698  1.00 10.58 ? 161 ILE A N   1 
ATOM   974  C  CA  . ILE A 1 119 ? -1.639  0.335   13.898  1.00 10.95 ? 161 ILE A CA  1 
ATOM   975  C  C   . ILE A 1 119 ? -1.334  -0.443  15.165  1.00 11.51 ? 161 ILE A C   1 
ATOM   976  O  O   . ILE A 1 119 ? -1.980  -1.469  15.426  1.00 14.21 ? 161 ILE A O   1 
ATOM   977  C  CB  . ILE A 1 119 ? -1.649  -0.643  12.703  1.00 10.76 ? 161 ILE A CB  1 
ATOM   978  C  CG1 . ILE A 1 119 ? -0.311  -1.372  12.565  1.00 10.28 ? 161 ILE A CG1 1 
ATOM   979  C  CG2 . ILE A 1 119 ? -1.983  0.079   11.422  1.00 11.12 ? 161 ILE A CG2 1 
ATOM   980  C  CD1 . ILE A 1 119 ? -0.399  -2.613  11.681  1.00 12.24 ? 161 ILE A CD1 1 
ATOM   981  N  N   . ASN A 1 120 ? -0.372  0.013   15.967  1.00 12.12 ? 162 ASN A N   1 
ATOM   982  C  CA  . ASN A 1 120 ? -0.087  -0.666  17.226  1.00 14.79 ? 162 ASN A CA  1 
ATOM   983  C  C   . ASN A 1 120 ? -1.326  -0.718  18.105  1.00 17.49 ? 162 ASN A C   1 
ATOM   984  O  O   . ASN A 1 120 ? -1.573  -1.717  18.794  1.00 16.49 ? 162 ASN A O   1 
ATOM   985  C  CB  . ASN A 1 120 ? 1.047   0.056   17.938  1.00 11.90 ? 162 ASN A CB  1 
ATOM   986  C  CG  . ASN A 1 120 ? 1.419   -0.589  19.251  1.00 17.76 ? 162 ASN A CG  1 
ATOM   987  O  OD1 . ASN A 1 120 ? 2.216   -1.527  19.293  1.00 23.57 ? 162 ASN A OD1 1 
ATOM   988  N  ND2 . ASN A 1 120 ? 0.860   -0.079  20.329  1.00 16.13 ? 162 ASN A ND2 1 
ATOM   989  N  N   . GLU A 1 121 ? -2.121  0.345   18.079  1.00 11.63 ? 163 GLU A N   1 
ATOM   990  C  CA  . GLU A 1 121 ? -3.361  0.435   18.832  1.00 14.59 ? 163 GLU A CA  1 
ATOM   991  C  C   . GLU A 1 121 ? -4.463  0.873   17.882  1.00 14.50 ? 163 GLU A C   1 
ATOM   992  O  O   . GLU A 1 121 ? -4.379  1.949   17.280  1.00 15.96 ? 163 GLU A O   1 
ATOM   993  C  CB  . GLU A 1 121 ? -3.202  1.424   19.981  1.00 17.43 ? 163 GLU A CB  1 
ATOM   994  C  CG  . GLU A 1 121 ? -4.120  1.208   21.132  1.00 21.98 ? 163 GLU A CG  1 
ATOM   995  C  CD  . GLU A 1 121 ? -3.584  1.900   22.353  1.00 24.24 ? 163 GLU A CD  1 
ATOM   996  O  OE1 . GLU A 1 121 ? -3.055  1.208   23.251  1.00 25.16 ? 163 GLU A OE1 1 
ATOM   997  O  OE2 . GLU A 1 121 ? -3.652  3.146   22.376  1.00 23.27 ? 163 GLU A OE2 1 
ATOM   998  N  N   . LEU A 1 122 ? -5.476  0.038   17.724  1.00 13.85 ? 164 LEU A N   1 
ATOM   999  C  CA  . LEU A 1 122 ? -6.604  0.361   16.869  1.00 10.97 ? 164 LEU A CA  1 
ATOM   1000 C  C   . LEU A 1 122 ? -7.854  0.583   17.703  1.00 17.10 ? 164 LEU A C   1 
ATOM   1001 O  O   . LEU A 1 122 ? -7.931  0.142   18.854  1.00 15.45 ? 164 LEU A O   1 
ATOM   1002 C  CB  . LEU A 1 122 ? -6.863  -0.768  15.864  1.00 15.24 ? 164 LEU A CB  1 
ATOM   1003 C  CG  . LEU A 1 122 ? -5.694  -1.088  14.944  1.00 12.65 ? 164 LEU A CG  1 
ATOM   1004 C  CD1 . LEU A 1 122 ? -6.000  -2.362  14.197  1.00 17.22 ? 164 LEU A CD1 1 
ATOM   1005 C  CD2 . LEU A 1 122 ? -5.456  0.071   13.986  1.00 14.78 ? 164 LEU A CD2 1 
ATOM   1006 N  N   . PRO A 1 123 ? -8.863  1.260   17.156  1.00 15.21 ? 165 PRO A N   1 
ATOM   1007 C  CA  . PRO A 1 123 ? -10.145 1.346   17.863  1.00 15.36 ? 165 PRO A CA  1 
ATOM   1008 C  C   . PRO A 1 123 ? -10.803 -0.020  17.996  1.00 18.15 ? 165 PRO A C   1 
ATOM   1009 O  O   . PRO A 1 123 ? -10.464 -0.981  17.304  1.00 20.27 ? 165 PRO A O   1 
ATOM   1010 C  CB  . PRO A 1 123 ? -10.982 2.287   16.986  1.00 19.82 ? 165 PRO A CB  1 
ATOM   1011 C  CG  . PRO A 1 123 ? -10.292 2.309   15.661  1.00 17.83 ? 165 PRO A CG  1 
ATOM   1012 C  CD  . PRO A 1 123 ? -8.846  2.086   15.934  1.00 15.12 ? 165 PRO A CD  1 
ATOM   1013 N  N   . THR A 1 124 ? -11.745 -0.099  18.929  1.00 19.64 ? 166 THR A N   1 
ATOM   1014 C  CA  . THR A 1 124 ? -12.496 -1.329  19.163  1.00 23.58 ? 166 THR A CA  1 
ATOM   1015 C  C   . THR A 1 124 ? -13.689 -1.397  18.223  1.00 26.77 ? 166 THR A C   1 
ATOM   1016 O  O   . THR A 1 124 ? -14.270 -0.366  17.880  1.00 23.80 ? 166 THR A O   1 
ATOM   1017 C  CB  . THR A 1 124 ? -12.995 -1.423  20.611  1.00 23.80 ? 166 THR A CB  1 
ATOM   1018 O  OG1 . THR A 1 124 ? -13.762 -0.253  20.914  1.00 28.18 ? 166 THR A OG1 1 
ATOM   1019 C  CG2 . THR A 1 124 ? -11.825 -1.532  21.574  1.00 25.11 ? 166 THR A CG2 1 
HETATM 1020 C  C   . FMT B 2 .   ? -12.071 -5.127  11.655  1.00 19.17 ? 201 FMT A C   1 
HETATM 1021 O  O1  . FMT B 2 .   ? -12.063 -4.534  10.583  1.00 14.29 ? 201 FMT A O1  1 
HETATM 1022 O  O2  . FMT B 2 .   ? -11.452 -6.169  11.864  1.00 24.51 ? 201 FMT A O2  1 
HETATM 1023 C  C   . FMT C 2 .   ? 8.404   -12.846 -15.821 1.00 17.87 ? 202 FMT A C   1 
HETATM 1024 O  O1  . FMT C 2 .   ? 7.812   -11.834 -16.174 1.00 13.81 ? 202 FMT A O1  1 
HETATM 1025 O  O2  . FMT C 2 .   ? 8.175   -13.455 -14.775 1.00 29.11 ? 202 FMT A O2  1 
HETATM 1026 NA NA  . NA  D 3 .   ? -3.130  3.745   16.540  1.00 11.58 ? 203 NA  A NA  1 
HETATM 1027 C  C4  . KC3 E 4 .   ? 13.505  6.480   -7.358  1.00 16.47 ? 204 KC3 A C4  1 
HETATM 1028 C  C5  . KC3 E 4 .   ? 12.457  6.646   -6.244  1.00 20.52 ? 204 KC3 A C5  1 
HETATM 1029 C  C6  . KC3 E 4 .   ? 11.329  1.341   -6.748  1.00 12.51 ? 204 KC3 A C6  1 
HETATM 1030 C  C11 . KC3 E 4 .   ? 12.940  7.687   -5.234  1.00 19.92 ? 204 KC3 A C11 1 
HETATM 1031 C  C7  . KC3 E 4 .   ? 12.485  1.673   -7.413  1.00 14.15 ? 204 KC3 A C7  1 
HETATM 1032 C  C8  . KC3 E 4 .   ? 12.623  2.964   -7.898  1.00 15.78 ? 204 KC3 A C8  1 
HETATM 1033 C  C9  . KC3 E 4 .   ? 11.565  3.856   -7.720  1.00 17.26 ? 204 KC3 A C9  1 
HETATM 1034 C  C10 . KC3 E 4 .   ? 9.372   1.825   -5.972  1.00 11.63 ? 204 KC3 A C10 1 
HETATM 1035 C  C12 . KC3 E 4 .   ? 8.103   2.620   -5.621  1.00 11.16 ? 204 KC3 A C12 1 
HETATM 1036 N  N1  . KC3 E 4 .   ? 11.704  5.218   -8.172  1.00 17.26 ? 204 KC3 A N1  1 
HETATM 1037 N  N2  . KC3 E 4 .   ? 10.484  3.482   -7.054  1.00 14.02 ? 204 KC3 A N2  1 
HETATM 1038 C  C3  . KC3 E 4 .   ? 12.995  5.702   -8.568  1.00 13.78 ? 204 KC3 A C3  1 
HETATM 1039 N  N3  . KC3 E 4 .   ? 10.420  2.208   -6.601  1.00 15.37 ? 204 KC3 A N3  1 
HETATM 1040 C  C1  . KC3 E 4 .   ? 11.060  7.009   -6.773  1.00 17.66 ? 204 KC3 A C1  1 
HETATM 1041 C  C2  . KC3 E 4 .   ? 10.657  6.194   -8.008  1.00 14.81 ? 204 KC3 A C2  1 
HETATM 1042 N  N4  . KC3 E 4 .   ? 10.882  0.228   -6.157  1.00 11.53 ? 204 KC3 A N4  1 
HETATM 1043 N  N5  . KC3 E 4 .   ? 9.600   0.562   -5.642  1.00 12.38 ? 204 KC3 A N5  1 
HETATM 1044 O  O   . HOH F 5 .   ? -15.035 -2.239  3.528   1.00 20.16 ? 301 HOH A O   1 
HETATM 1045 O  O   . HOH F 5 .   ? 8.415   -2.381  -19.255 1.00 30.29 ? 302 HOH A O   1 
HETATM 1046 O  O   . HOH F 5 .   ? 16.195  -7.406  -4.392  1.00 8.58  ? 303 HOH A O   1 
HETATM 1047 O  O   . HOH F 5 .   ? 11.085  3.564   -19.989 1.00 16.31 ? 304 HOH A O   1 
HETATM 1048 O  O   . HOH F 5 .   ? 15.185  -3.046  5.415   1.00 20.13 ? 305 HOH A O   1 
HETATM 1049 O  O   . HOH F 5 .   ? -2.432  4.387   24.205  1.00 14.99 ? 306 HOH A O   1 
HETATM 1050 O  O   . HOH F 5 .   ? 5.267   -8.831  -1.111  1.00 19.93 ? 307 HOH A O   1 
HETATM 1051 O  O   . HOH F 5 .   ? -0.834  -4.859  -11.009 1.00 20.21 ? 308 HOH A O   1 
HETATM 1052 O  O   . HOH F 5 .   ? -1.592  -7.041  -6.535  1.00 25.60 ? 309 HOH A O   1 
HETATM 1053 O  O   . HOH F 5 .   ? 1.108   4.612   -11.734 1.00 18.73 ? 310 HOH A O   1 
HETATM 1054 O  O   . HOH F 5 .   ? -16.795 -3.707  -5.597  1.00 24.26 ? 311 HOH A O   1 
HETATM 1055 O  O   . HOH F 5 .   ? 2.053   -2.186  15.253  1.00 13.78 ? 312 HOH A O   1 
HETATM 1056 O  O   . HOH F 5 .   ? 4.449   -2.721  -5.545  1.00 12.76 ? 313 HOH A O   1 
HETATM 1057 O  O   . HOH F 5 .   ? -7.506  -8.146  -0.529  1.00 24.14 ? 314 HOH A O   1 
HETATM 1058 O  O   . HOH F 5 .   ? 8.269   -1.689  -4.733  1.00 12.61 ? 315 HOH A O   1 
HETATM 1059 O  O   . HOH F 5 .   ? -8.353  0.648   21.452  1.00 25.24 ? 316 HOH A O   1 
HETATM 1060 O  O   . HOH F 5 .   ? -13.940 -9.949  1.244   1.00 19.38 ? 317 HOH A O   1 
HETATM 1061 O  O   . HOH F 5 .   ? 18.439  -0.259  4.142   1.00 20.21 ? 318 HOH A O   1 
HETATM 1062 O  O   . HOH F 5 .   ? -4.865  -7.600  -2.582  1.00 25.07 ? 319 HOH A O   1 
HETATM 1063 O  O   . HOH F 5 .   ? 5.449   12.689  -0.097  1.00 15.99 ? 320 HOH A O   1 
HETATM 1064 O  O   . HOH F 5 .   ? 17.272  -3.523  -12.761 1.00 28.72 ? 321 HOH A O   1 
HETATM 1065 O  O   . HOH F 5 .   ? -5.039  0.076   -8.607  1.00 17.75 ? 322 HOH A O   1 
HETATM 1066 O  O   . HOH F 5 .   ? 4.426   2.597   -5.908  1.00 10.94 ? 323 HOH A O   1 
HETATM 1067 O  O   . HOH F 5 .   ? -7.862  -8.916  -3.295  1.00 28.45 ? 324 HOH A O   1 
HETATM 1068 O  O   . HOH F 5 .   ? 9.398   6.614   10.699  1.00 20.51 ? 325 HOH A O   1 
HETATM 1069 O  O   . HOH F 5 .   ? -9.122  -7.445  11.140  1.00 15.84 ? 326 HOH A O   1 
HETATM 1070 O  O   . HOH F 5 .   ? 4.289   0.587   -4.043  1.00 12.86 ? 327 HOH A O   1 
HETATM 1071 O  O   . HOH F 5 .   ? -20.380 -13.520 -3.997  1.00 20.33 ? 328 HOH A O   1 
HETATM 1072 O  O   . HOH F 5 .   ? 22.246  0.177   -1.765  1.00 25.08 ? 329 HOH A O   1 
HETATM 1073 O  O   . HOH F 5 .   ? 5.815   -1.235  -3.306  1.00 13.61 ? 330 HOH A O   1 
HETATM 1074 O  O   . HOH F 5 .   ? -1.161  3.138   17.580  1.00 12.06 ? 331 HOH A O   1 
HETATM 1075 O  O   . HOH F 5 .   ? 4.900   4.895   -10.326 1.00 16.45 ? 332 HOH A O   1 
HETATM 1076 O  O   . HOH F 5 .   ? -5.218  -7.843  1.038   1.00 20.17 ? 333 HOH A O   1 
HETATM 1077 O  O   . HOH F 5 .   ? 7.992   -4.887  -15.685 1.00 18.03 ? 334 HOH A O   1 
HETATM 1078 O  O   . HOH F 5 .   ? -2.839  11.295  12.552  1.00 21.92 ? 335 HOH A O   1 
HETATM 1079 O  O   . HOH F 5 .   ? -5.506  -2.407  19.102  1.00 21.90 ? 336 HOH A O   1 
HETATM 1080 O  O   . HOH F 5 .   ? 0.339   -1.580  -7.335  1.00 13.43 ? 337 HOH A O   1 
HETATM 1081 O  O   . HOH F 5 .   ? 6.248   5.811   -8.028  1.00 16.20 ? 338 HOH A O   1 
HETATM 1082 O  O   . HOH F 5 .   ? 10.895  1.029   -18.999 1.00 25.14 ? 339 HOH A O   1 
HETATM 1083 O  O   . HOH F 5 .   ? 19.793  4.811   -3.830  1.00 22.31 ? 340 HOH A O   1 
HETATM 1084 O  O   . HOH F 5 .   ? -7.690  -6.227  13.454  1.00 27.32 ? 341 HOH A O   1 
HETATM 1085 O  O   . HOH F 5 .   ? 15.020  5.716   6.782   1.00 22.01 ? 342 HOH A O   1 
HETATM 1086 O  O   . HOH F 5 .   ? -0.042  -1.359  -12.929 1.00 18.11 ? 343 HOH A O   1 
HETATM 1087 O  O   . HOH F 5 .   ? -20.811 -2.727  3.405   1.00 30.09 ? 344 HOH A O   1 
HETATM 1088 O  O   . HOH F 5 .   ? 5.206   -9.543  -4.991  1.00 17.71 ? 345 HOH A O   1 
HETATM 1089 O  O   . HOH F 5 .   ? 3.046   10.973  -6.256  1.00 23.27 ? 346 HOH A O   1 
HETATM 1090 O  O   . HOH F 5 .   ? -1.803  13.693  -3.213  1.00 32.41 ? 347 HOH A O   1 
HETATM 1091 O  O   . HOH F 5 .   ? -13.601 -2.431  13.868  1.00 20.97 ? 348 HOH A O   1 
HETATM 1092 O  O   . HOH F 5 .   ? -13.104 -1.512  3.253   1.00 19.28 ? 349 HOH A O   1 
HETATM 1093 O  O   . HOH F 5 .   ? 5.118   -5.030  8.835   1.00 33.15 ? 350 HOH A O   1 
HETATM 1094 O  O   . HOH F 5 .   ? -16.092 -2.125  14.079  1.00 26.87 ? 351 HOH A O   1 
HETATM 1095 O  O   . HOH F 5 .   ? 2.934   -0.727  -7.288  1.00 12.28 ? 352 HOH A O   1 
HETATM 1096 O  O   . HOH F 5 .   ? 16.336  4.021   -4.737  1.00 17.32 ? 353 HOH A O   1 
HETATM 1097 O  O   . HOH F 5 .   ? 17.975  -5.492  -15.137 1.00 18.00 ? 354 HOH A O   1 
HETATM 1098 O  O   . HOH F 5 .   ? -4.671  -7.323  -5.851  1.00 27.91 ? 355 HOH A O   1 
HETATM 1099 O  O   . HOH F 5 .   ? 7.530   14.061  6.727   1.00 15.48 ? 356 HOH A O   1 
HETATM 1100 O  O   . HOH F 5 .   ? 16.442  1.761   -6.233  1.00 26.20 ? 357 HOH A O   1 
HETATM 1101 O  O   . HOH F 5 .   ? 15.354  4.072   -13.160 1.00 21.79 ? 358 HOH A O   1 
HETATM 1102 O  O   . HOH F 5 .   ? 15.989  5.720   -15.411 1.00 18.69 ? 359 HOH A O   1 
HETATM 1103 O  O   . HOH F 5 .   ? -11.150 -2.340  -10.235 1.00 20.21 ? 360 HOH A O   1 
HETATM 1104 O  O   . HOH F 5 .   ? 14.566  4.865   9.418   1.00 19.21 ? 361 HOH A O   1 
HETATM 1105 O  O   . HOH F 5 .   ? 0.511   -2.272  -10.147 1.00 14.31 ? 362 HOH A O   1 
HETATM 1106 O  O   . HOH F 5 .   ? 1.551   0.769   -13.782 1.00 25.99 ? 363 HOH A O   1 
HETATM 1107 O  O   . HOH F 5 .   ? 8.994   15.186  -0.291  1.00 26.23 ? 364 HOH A O   1 
HETATM 1108 O  O   . HOH F 5 .   ? 9.303   9.237   10.125  1.00 25.63 ? 365 HOH A O   1 
HETATM 1109 O  O   . HOH F 5 .   ? -6.189  -7.320  -8.421  1.00 24.25 ? 366 HOH A O   1 
HETATM 1110 O  O   . HOH F 5 .   ? 6.609   -11.264 -6.054  1.00 21.04 ? 367 HOH A O   1 
HETATM 1111 O  O   . HOH F 5 .   ? -3.458  -7.072  -11.974 1.00 24.06 ? 368 HOH A O   1 
HETATM 1112 O  O   . HOH F 5 .   ? 0.863   -9.401  3.172   1.00 25.33 ? 369 HOH A O   1 
HETATM 1113 O  O   . HOH F 5 .   ? -8.089  -0.604  -10.777 1.00 29.78 ? 370 HOH A O   1 
HETATM 1114 O  O   . HOH F 5 .   ? -12.611 2.909   5.247   1.00 24.51 ? 371 HOH A O   1 
HETATM 1115 O  O   . HOH F 5 .   ? 15.869  -1.869  -14.378 1.00 27.72 ? 372 HOH A O   1 
HETATM 1116 O  O   . HOH F 5 .   ? -3.166  5.747   17.998  1.00 25.55 ? 373 HOH A O   1 
HETATM 1117 O  O   . HOH F 5 .   ? -12.962 -10.366 10.978  1.00 29.01 ? 374 HOH A O   1 
HETATM 1118 O  O   . HOH F 5 .   ? -20.827 -3.300  7.045   1.00 22.09 ? 375 HOH A O   1 
HETATM 1119 O  O   . HOH F 5 .   ? -15.267 -2.061  -3.963  1.00 25.56 ? 376 HOH A O   1 
HETATM 1120 O  O   . HOH F 5 .   ? -11.583 9.518   6.177   1.00 28.42 ? 377 HOH A O   1 
HETATM 1121 O  O   . HOH F 5 .   ? -11.069 6.337   15.967  1.00 28.08 ? 378 HOH A O   1 
HETATM 1122 O  O   . HOH F 5 .   ? -11.966 6.337   12.913  1.00 27.67 ? 379 HOH A O   1 
HETATM 1123 O  O   . HOH F 5 .   ? -13.646 0.572   4.198   1.00 24.88 ? 380 HOH A O   1 
HETATM 1124 O  O   . HOH F 5 .   ? 1.388   6.698   17.775  1.00 31.91 ? 381 HOH A O   1 
HETATM 1125 O  O   . HOH F 5 .   ? 2.041   1.776   -20.165 1.00 26.73 ? 382 HOH A O   1 
HETATM 1126 O  O   . HOH F 5 .   ? -15.672 -12.249 10.590  1.00 26.31 ? 383 HOH A O   1 
HETATM 1127 O  O   . HOH F 5 .   ? -14.854 -12.397 -4.835  1.00 29.71 ? 384 HOH A O   1 
HETATM 1128 O  O   . HOH F 5 .   ? 8.388   13.208  9.259   1.00 28.89 ? 385 HOH A O   1 
HETATM 1129 O  O   . HOH F 5 .   ? 5.644   10.411  -7.964  1.00 23.76 ? 386 HOH A O   1 
# 
loop_
_pdbx_poly_seq_scheme.asym_id 
_pdbx_poly_seq_scheme.entity_id 
_pdbx_poly_seq_scheme.seq_id 
_pdbx_poly_seq_scheme.mon_id 
_pdbx_poly_seq_scheme.ndb_seq_num 
_pdbx_poly_seq_scheme.pdb_seq_num 
_pdbx_poly_seq_scheme.auth_seq_num 
_pdbx_poly_seq_scheme.pdb_mon_id 
_pdbx_poly_seq_scheme.auth_mon_id 
_pdbx_poly_seq_scheme.pdb_strand_id 
_pdbx_poly_seq_scheme.pdb_ins_code 
_pdbx_poly_seq_scheme.hetero 
A 1 1   MET 1   43  43  MET MET A . n 
A 1 2   ASN 2   44  44  ASN ASN A . n 
A 1 3   PRO 3   45  45  PRO PRO A . n 
A 1 4   PRO 4   46  46  PRO PRO A . n 
A 1 5   PRO 5   47  47  PRO PRO A . n 
A 1 6   PRO 6   48  48  PRO PRO A . n 
A 1 7   GLU 7   49  49  GLU GLU A . n 
A 1 8   THR 8   50  50  THR THR A . n 
A 1 9   SER 9   51  51  SER SER A . n 
A 1 10  ASN 10  52  52  ASN ASN A . n 
A 1 11  PRO 11  53  53  PRO PRO A . n 
A 1 12  ASN 12  54  54  ASN ASN A . n 
A 1 13  LYS 13  55  55  LYS LYS A . n 
A 1 14  PRO 14  56  56  PRO PRO A . n 
A 1 15  LYS 15  57  57  LYS LYS A . n 
A 1 16  ARG 16  58  58  ARG ARG A . n 
A 1 17  GLN 17  59  59  GLN GLN A . n 
A 1 18  THR 18  60  60  THR THR A . n 
A 1 19  ASN 19  61  61  ASN ASN A . n 
A 1 20  GLN 20  62  62  GLN GLN A . n 
A 1 21  LEU 21  63  63  LEU LEU A . n 
A 1 22  GLN 22  64  64  GLN GLN A . n 
A 1 23  TYR 23  65  65  TYR TYR A . n 
A 1 24  LEU 24  66  66  LEU LEU A . n 
A 1 25  LEU 25  67  67  LEU LEU A . n 
A 1 26  ARG 26  68  68  ARG ARG A . n 
A 1 27  VAL 27  69  69  VAL VAL A . n 
A 1 28  VAL 28  70  70  VAL VAL A . n 
A 1 29  LEU 29  71  71  LEU LEU A . n 
A 1 30  LYS 30  72  72  LYS LYS A . n 
A 1 31  THR 31  73  73  THR THR A . n 
A 1 32  LEU 32  74  74  LEU LEU A . n 
A 1 33  TRP 33  75  75  TRP TRP A . n 
A 1 34  LYS 34  76  76  LYS LYS A . n 
A 1 35  HIS 35  77  77  HIS HIS A . n 
A 1 36  GLN 36  78  78  GLN GLN A . n 
A 1 37  PHE 37  79  79  PHE PHE A . n 
A 1 38  ALA 38  80  80  ALA ALA A . n 
A 1 39  TRP 39  81  81  TRP TRP A . n 
A 1 40  PRO 40  82  82  PRO PRO A . n 
A 1 41  PHE 41  83  83  PHE PHE A . n 
A 1 42  GLN 42  84  84  GLN GLN A . n 
A 1 43  GLN 43  85  85  GLN GLN A . n 
A 1 44  PRO 44  86  86  PRO PRO A . n 
A 1 45  VAL 45  87  87  VAL VAL A . n 
A 1 46  ASP 46  88  88  ASP ASP A . n 
A 1 47  ALA 47  89  89  ALA ALA A . n 
A 1 48  VAL 48  90  90  VAL VAL A . n 
A 1 49  LYS 49  91  91  LYS LYS A . n 
A 1 50  LEU 50  92  92  LEU LEU A . n 
A 1 51  ASN 51  93  93  ASN ASN A . n 
A 1 52  LEU 52  94  94  LEU LEU A . n 
A 1 53  PRO 53  95  95  PRO PRO A . n 
A 1 54  ASP 54  96  96  ASP ASP A . n 
A 1 55  TYR 55  97  97  TYR TYR A . n 
A 1 56  TYR 56  98  98  TYR TYR A . n 
A 1 57  LYS 57  99  99  LYS LYS A . n 
A 1 58  ILE 58  100 100 ILE ILE A . n 
A 1 59  ILE 59  101 101 ILE ILE A . n 
A 1 60  LYS 60  102 102 LYS LYS A . n 
A 1 61  THR 61  103 103 THR THR A . n 
A 1 62  PRO 62  104 104 PRO PRO A . n 
A 1 63  MET 63  105 105 MET MET A . n 
A 1 64  ASP 64  106 106 ASP ASP A . n 
A 1 65  MET 65  107 107 MET MET A . n 
A 1 66  GLY 66  108 108 GLY GLY A . n 
A 1 67  THR 67  109 109 THR THR A . n 
A 1 68  ILE 68  110 110 ILE ILE A . n 
A 1 69  LYS 69  111 111 LYS LYS A . n 
A 1 70  LYS 70  112 112 LYS LYS A . n 
A 1 71  ARG 71  113 113 ARG ARG A . n 
A 1 72  LEU 72  114 114 LEU LEU A . n 
A 1 73  GLU 73  115 115 GLU GLU A . n 
A 1 74  ASN 74  116 116 ASN ASN A . n 
A 1 75  ASN 75  117 117 ASN ASN A . n 
A 1 76  TYR 76  118 118 TYR TYR A . n 
A 1 77  TYR 77  119 119 TYR TYR A . n 
A 1 78  TRP 78  120 120 TRP TRP A . n 
A 1 79  ASN 79  121 121 ASN ASN A . n 
A 1 80  ALA 80  122 122 ALA ALA A . n 
A 1 81  GLN 81  123 123 GLN GLN A . n 
A 1 82  GLU 82  124 124 GLU GLU A . n 
A 1 83  CYS 83  125 125 CYS CYS A . n 
A 1 84  ILE 84  126 126 ILE ILE A . n 
A 1 85  GLN 85  127 127 GLN GLN A . n 
A 1 86  ASP 86  128 128 ASP ASP A . n 
A 1 87  PHE 87  129 129 PHE PHE A . n 
A 1 88  ASN 88  130 130 ASN ASN A . n 
A 1 89  THR 89  131 131 THR THR A . n 
A 1 90  MET 90  132 132 MET MET A . n 
A 1 91  PHE 91  133 133 PHE PHE A . n 
A 1 92  THR 92  134 134 THR THR A . n 
A 1 93  ASN 93  135 135 ASN ASN A . n 
A 1 94  CYS 94  136 136 CYS CYS A . n 
A 1 95  TYR 95  137 137 TYR TYR A . n 
A 1 96  ILE 96  138 138 ILE ILE A . n 
A 1 97  TYR 97  139 139 TYR TYR A . n 
A 1 98  ASN 98  140 140 ASN ASN A . n 
A 1 99  LYS 99  141 141 LYS LYS A . n 
A 1 100 PRO 100 142 142 PRO PRO A . n 
A 1 101 GLY 101 143 143 GLY GLY A . n 
A 1 102 ASP 102 144 144 ASP ASP A . n 
A 1 103 ASP 103 145 145 ASP ASP A . n 
A 1 104 ILE 104 146 146 ILE ILE A . n 
A 1 105 VAL 105 147 147 VAL VAL A . n 
A 1 106 LEU 106 148 148 LEU LEU A . n 
A 1 107 MET 107 149 149 MET MET A . n 
A 1 108 ALA 108 150 150 ALA ALA A . n 
A 1 109 GLU 109 151 151 GLU GLU A . n 
A 1 110 ALA 110 152 152 ALA ALA A . n 
A 1 111 LEU 111 153 153 LEU LEU A . n 
A 1 112 GLU 112 154 154 GLU GLU A . n 
A 1 113 LYS 113 155 155 LYS LYS A . n 
A 1 114 LEU 114 156 156 LEU LEU A . n 
A 1 115 PHE 115 157 157 PHE PHE A . n 
A 1 116 LEU 116 158 158 LEU LEU A . n 
A 1 117 GLN 117 159 159 GLN GLN A . n 
A 1 118 LYS 118 160 160 LYS LYS A . n 
A 1 119 ILE 119 161 161 ILE ILE A . n 
A 1 120 ASN 120 162 162 ASN ASN A . n 
A 1 121 GLU 121 163 163 GLU GLU A . n 
A 1 122 LEU 122 164 164 LEU LEU A . n 
A 1 123 PRO 123 165 165 PRO PRO A . n 
A 1 124 THR 124 166 166 THR THR A . n 
# 
_pdbx_contact_author.id                 2 
_pdbx_contact_author.email              bilee@ncc.re.kr 
_pdbx_contact_author.name_first         'Byung Il' 
_pdbx_contact_author.name_last          Lee 
_pdbx_contact_author.name_mi            ? 
_pdbx_contact_author.role               'principal investigator/group leader' 
_pdbx_contact_author.identifier_ORCID   0000-0003-1270-8439 
# 
loop_
_pdbx_nonpoly_scheme.asym_id 
_pdbx_nonpoly_scheme.entity_id 
_pdbx_nonpoly_scheme.mon_id 
_pdbx_nonpoly_scheme.ndb_seq_num 
_pdbx_nonpoly_scheme.pdb_seq_num 
_pdbx_nonpoly_scheme.auth_seq_num 
_pdbx_nonpoly_scheme.pdb_mon_id 
_pdbx_nonpoly_scheme.auth_mon_id 
_pdbx_nonpoly_scheme.pdb_strand_id 
_pdbx_nonpoly_scheme.pdb_ins_code 
B 2 FMT 1  201 1  FMT FMT A . 
C 2 FMT 1  202 2  FMT FMT A . 
D 3 NA  1  203 1  NA  NA  A . 
E 4 KC3 1  204 1  KC3 DRG A . 
F 5 HOH 1  301 72 HOH HOH A . 
F 5 HOH 2  302 88 HOH HOH A . 
F 5 HOH 3  303 84 HOH HOH A . 
F 5 HOH 4  304 9  HOH HOH A . 
F 5 HOH 5  305 2  HOH HOH A . 
F 5 HOH 6  306 69 HOH HOH A . 
F 5 HOH 7  307 48 HOH HOH A . 
F 5 HOH 8  308 44 HOH HOH A . 
F 5 HOH 9  309 43 HOH HOH A . 
F 5 HOH 10 310 36 HOH HOH A . 
F 5 HOH 11 311 80 HOH HOH A . 
F 5 HOH 12 312 4  HOH HOH A . 
F 5 HOH 13 313 10 HOH HOH A . 
F 5 HOH 14 314 40 HOH HOH A . 
F 5 HOH 15 315 18 HOH HOH A . 
F 5 HOH 16 316 92 HOH HOH A . 
F 5 HOH 17 317 58 HOH HOH A . 
F 5 HOH 18 318 33 HOH HOH A . 
F 5 HOH 19 319 39 HOH HOH A . 
F 5 HOH 20 320 17 HOH HOH A . 
F 5 HOH 21 321 74 HOH HOH A . 
F 5 HOH 22 322 25 HOH HOH A . 
F 5 HOH 23 323 5  HOH HOH A . 
F 5 HOH 24 324 96 HOH HOH A . 
F 5 HOH 25 325 26 HOH HOH A . 
F 5 HOH 26 326 7  HOH HOH A . 
F 5 HOH 27 327 12 HOH HOH A . 
F 5 HOH 28 328 56 HOH HOH A . 
F 5 HOH 29 329 53 HOH HOH A . 
F 5 HOH 30 330 20 HOH HOH A . 
F 5 HOH 31 331 14 HOH HOH A . 
F 5 HOH 32 332 28 HOH HOH A . 
F 5 HOH 33 333 75 HOH HOH A . 
F 5 HOH 34 334 51 HOH HOH A . 
F 5 HOH 35 335 65 HOH HOH A . 
F 5 HOH 36 336 60 HOH HOH A . 
F 5 HOH 37 337 8  HOH HOH A . 
F 5 HOH 38 338 23 HOH HOH A . 
F 5 HOH 39 339 94 HOH HOH A . 
F 5 HOH 40 340 79 HOH HOH A . 
F 5 HOH 41 341 47 HOH HOH A . 
F 5 HOH 42 342 31 HOH HOH A . 
F 5 HOH 43 343 37 HOH HOH A . 
F 5 HOH 44 344 67 HOH HOH A . 
F 5 HOH 45 345 15 HOH HOH A . 
F 5 HOH 46 346 42 HOH HOH A . 
F 5 HOH 47 347 87 HOH HOH A . 
F 5 HOH 48 348 63 HOH HOH A . 
F 5 HOH 49 349 32 HOH HOH A . 
F 5 HOH 50 350 49 HOH HOH A . 
F 5 HOH 51 351 59 HOH HOH A . 
F 5 HOH 52 352 21 HOH HOH A . 
F 5 HOH 53 353 46 HOH HOH A . 
F 5 HOH 54 354 16 HOH HOH A . 
F 5 HOH 55 355 76 HOH HOH A . 
F 5 HOH 56 356 19 HOH HOH A . 
F 5 HOH 57 357 62 HOH HOH A . 
F 5 HOH 58 358 35 HOH HOH A . 
F 5 HOH 59 359 64 HOH HOH A . 
F 5 HOH 60 360 11 HOH HOH A . 
F 5 HOH 61 361 57 HOH HOH A . 
F 5 HOH 62 362 29 HOH HOH A . 
F 5 HOH 63 363 50 HOH HOH A . 
F 5 HOH 64 364 70 HOH HOH A . 
F 5 HOH 65 365 89 HOH HOH A . 
F 5 HOH 66 366 22 HOH HOH A . 
F 5 HOH 67 367 24 HOH HOH A . 
F 5 HOH 68 368 45 HOH HOH A . 
F 5 HOH 69 369 95 HOH HOH A . 
F 5 HOH 70 370 97 HOH HOH A . 
F 5 HOH 71 371 66 HOH HOH A . 
F 5 HOH 72 372 73 HOH HOH A . 
F 5 HOH 73 373 41 HOH HOH A . 
F 5 HOH 74 374 54 HOH HOH A . 
F 5 HOH 75 375 13 HOH HOH A . 
F 5 HOH 76 376 81 HOH HOH A . 
F 5 HOH 77 377 91 HOH HOH A . 
F 5 HOH 78 378 52 HOH HOH A . 
F 5 HOH 79 379 86 HOH HOH A . 
F 5 HOH 80 380 68 HOH HOH A . 
F 5 HOH 81 381 77 HOH HOH A . 
F 5 HOH 82 382 85 HOH HOH A . 
F 5 HOH 83 383 78 HOH HOH A . 
F 5 HOH 84 384 93 HOH HOH A . 
F 5 HOH 85 385 90 HOH HOH A . 
F 5 HOH 86 386 38 HOH HOH A . 
# 
_pdbx_struct_assembly.id                   1 
_pdbx_struct_assembly.details              author_defined_assembly 
_pdbx_struct_assembly.method_details       ? 
_pdbx_struct_assembly.oligomeric_details   monomeric 
_pdbx_struct_assembly.oligomeric_count     1 
# 
_pdbx_struct_assembly_gen.assembly_id       1 
_pdbx_struct_assembly_gen.oper_expression   1 
_pdbx_struct_assembly_gen.asym_id_list      A,B,C,D,E,F 
# 
loop_
_pdbx_struct_assembly_prop.biol_id 
_pdbx_struct_assembly_prop.type 
_pdbx_struct_assembly_prop.value 
_pdbx_struct_assembly_prop.details 
1 'ABSA (A^2)' 420  ? 
1 MORE         -9   ? 
1 'SSA (A^2)'  7220 ? 
# 
_pdbx_struct_oper_list.id                   1 
_pdbx_struct_oper_list.type                 'identity operation' 
_pdbx_struct_oper_list.name                 1_555 
_pdbx_struct_oper_list.symmetry_operation   x,y,z 
_pdbx_struct_oper_list.matrix[1][1]         1.0000000000 
_pdbx_struct_oper_list.matrix[1][2]         0.0000000000 
_pdbx_struct_oper_list.matrix[1][3]         0.0000000000 
_pdbx_struct_oper_list.vector[1]            0.0000000000 
_pdbx_struct_oper_list.matrix[2][1]         0.0000000000 
_pdbx_struct_oper_list.matrix[2][2]         1.0000000000 
_pdbx_struct_oper_list.matrix[2][3]         0.0000000000 
_pdbx_struct_oper_list.vector[2]            0.0000000000 
_pdbx_struct_oper_list.matrix[3][1]         0.0000000000 
_pdbx_struct_oper_list.matrix[3][2]         0.0000000000 
_pdbx_struct_oper_list.matrix[3][3]         1.0000000000 
_pdbx_struct_oper_list.vector[3]            0.0000000000 
# 
loop_
_pdbx_struct_conn_angle.id 
_pdbx_struct_conn_angle.ptnr1_label_atom_id 
_pdbx_struct_conn_angle.ptnr1_label_alt_id 
_pdbx_struct_conn_angle.ptnr1_label_asym_id 
_pdbx_struct_conn_angle.ptnr1_label_comp_id 
_pdbx_struct_conn_angle.ptnr1_label_seq_id 
_pdbx_struct_conn_angle.ptnr1_auth_atom_id 
_pdbx_struct_conn_angle.ptnr1_auth_asym_id 
_pdbx_struct_conn_angle.ptnr1_auth_comp_id 
_pdbx_struct_conn_angle.ptnr1_auth_seq_id 
_pdbx_struct_conn_angle.ptnr1_PDB_ins_code 
_pdbx_struct_conn_angle.ptnr1_symmetry 
_pdbx_struct_conn_angle.ptnr2_label_atom_id 
_pdbx_struct_conn_angle.ptnr2_label_alt_id 
_pdbx_struct_conn_angle.ptnr2_label_asym_id 
_pdbx_struct_conn_angle.ptnr2_label_comp_id 
_pdbx_struct_conn_angle.ptnr2_label_seq_id 
_pdbx_struct_conn_angle.ptnr2_auth_atom_id 
_pdbx_struct_conn_angle.ptnr2_auth_asym_id 
_pdbx_struct_conn_angle.ptnr2_auth_comp_id 
_pdbx_struct_conn_angle.ptnr2_auth_seq_id 
_pdbx_struct_conn_angle.ptnr2_PDB_ins_code 
_pdbx_struct_conn_angle.ptnr2_symmetry 
_pdbx_struct_conn_angle.ptnr3_label_atom_id 
_pdbx_struct_conn_angle.ptnr3_label_alt_id 
_pdbx_struct_conn_angle.ptnr3_label_asym_id 
_pdbx_struct_conn_angle.ptnr3_label_comp_id 
_pdbx_struct_conn_angle.ptnr3_label_seq_id 
_pdbx_struct_conn_angle.ptnr3_auth_atom_id 
_pdbx_struct_conn_angle.ptnr3_auth_asym_id 
_pdbx_struct_conn_angle.ptnr3_auth_comp_id 
_pdbx_struct_conn_angle.ptnr3_auth_seq_id 
_pdbx_struct_conn_angle.ptnr3_PDB_ins_code 
_pdbx_struct_conn_angle.ptnr3_symmetry 
_pdbx_struct_conn_angle.value 
_pdbx_struct_conn_angle.value_esd 
1  OH ? A TYR 23  ? A TYR 65  ? 1_555 NA ? D NA . ? A NA 203 ? 1_555 O ? A LYS 118 ? A LYS 160 ? 1_555 91.0  ? 
2  OH ? A TYR 23  ? A TYR 65  ? 1_555 NA ? D NA . ? A NA 203 ? 1_555 O ? A GLU 121 ? A GLU 163 ? 1_555 109.1 ? 
3  O  ? A LYS 118 ? A LYS 160 ? 1_555 NA ? D NA . ? A NA 203 ? 1_555 O ? A GLU 121 ? A GLU 163 ? 1_555 101.7 ? 
4  OH ? A TYR 23  ? A TYR 65  ? 1_555 NA ? D NA . ? A NA 203 ? 1_555 O ? F HOH .   ? A HOH 331 ? 1_555 154.4 ? 
5  O  ? A LYS 118 ? A LYS 160 ? 1_555 NA ? D NA . ? A NA 203 ? 1_555 O ? F HOH .   ? A HOH 331 ? 1_555 84.9  ? 
6  O  ? A GLU 121 ? A GLU 163 ? 1_555 NA ? D NA . ? A NA 203 ? 1_555 O ? F HOH .   ? A HOH 331 ? 1_555 96.4  ? 
7  OH ? A TYR 23  ? A TYR 65  ? 1_555 NA ? D NA . ? A NA 203 ? 1_555 O ? F HOH .   ? A HOH 373 ? 1_555 80.3  ? 
8  O  ? A LYS 118 ? A LYS 160 ? 1_555 NA ? D NA . ? A NA 203 ? 1_555 O ? F HOH .   ? A HOH 373 ? 1_555 142.6 ? 
9  O  ? A GLU 121 ? A GLU 163 ? 1_555 NA ? D NA . ? A NA 203 ? 1_555 O ? F HOH .   ? A HOH 373 ? 1_555 115.6 ? 
10 O  ? F HOH .   ? A HOH 331 ? 1_555 NA ? D NA . ? A NA 203 ? 1_555 O ? F HOH .   ? A HOH 373 ? 1_555 87.7  ? 
# 
loop_
_pdbx_audit_revision_history.ordinal 
_pdbx_audit_revision_history.data_content_type 
_pdbx_audit_revision_history.major_revision 
_pdbx_audit_revision_history.minor_revision 
_pdbx_audit_revision_history.revision_date 
1 'Structure model' 1 0 2023-01-18 
2 'Structure model' 1 1 2023-08-02 
3 'Structure model' 1 2 2023-11-29 
# 
_pdbx_audit_revision_details.ordinal             1 
_pdbx_audit_revision_details.revision_ordinal    1 
_pdbx_audit_revision_details.data_content_type   'Structure model' 
_pdbx_audit_revision_details.provider            repository 
_pdbx_audit_revision_details.type                'Initial release' 
_pdbx_audit_revision_details.description         ? 
_pdbx_audit_revision_details.details             ? 
# 
loop_
_pdbx_audit_revision_group.ordinal 
_pdbx_audit_revision_group.revision_ordinal 
_pdbx_audit_revision_group.data_content_type 
_pdbx_audit_revision_group.group 
1 2 'Structure model' 'Database references'    
2 3 'Structure model' 'Data collection'        
3 3 'Structure model' 'Refinement description' 
# 
loop_
_pdbx_audit_revision_category.ordinal 
_pdbx_audit_revision_category.revision_ordinal 
_pdbx_audit_revision_category.data_content_type 
_pdbx_audit_revision_category.category 
1 2 'Structure model' citation                      
2 2 'Structure model' citation_author               
3 3 'Structure model' chem_comp_atom                
4 3 'Structure model' chem_comp_bond                
5 3 'Structure model' pdbx_initial_refinement_model 
# 
loop_
_pdbx_audit_revision_item.ordinal 
_pdbx_audit_revision_item.revision_ordinal 
_pdbx_audit_revision_item.data_content_type 
_pdbx_audit_revision_item.item 
1  2 'Structure model' '_citation.country'                 
2  2 'Structure model' '_citation.journal_abbrev'          
3  2 'Structure model' '_citation.journal_id_CSD'          
4  2 'Structure model' '_citation.journal_id_ISSN'         
5  2 'Structure model' '_citation.journal_volume'          
6  2 'Structure model' '_citation.page_first'              
7  2 'Structure model' '_citation.page_last'               
8  2 'Structure model' '_citation.pdbx_database_id_DOI'    
9  2 'Structure model' '_citation.pdbx_database_id_PubMed' 
10 2 'Structure model' '_citation.title'                   
11 2 'Structure model' '_citation.year'                    
# 
loop_
_software.citation_id 
_software.classification 
_software.compiler_name 
_software.compiler_version 
_software.contact_author 
_software.contact_author_email 
_software.date 
_software.description 
_software.dependencies 
_software.hardware 
_software.language 
_software.location 
_software.mods 
_software.name 
_software.os 
_software.os_version 
_software.type 
_software.version 
_software.pdbx_ordinal 
? refinement        ? ? ? ? ? ? ? ? ? ? ? PHENIX      ? ? ? 1.14_3260 1 
? 'data extraction' ? ? ? ? ? ? ? ? ? ? ? PDB_EXTRACT ? ? ? 3.27      2 
? 'data reduction'  ? ? ? ? ? ? ? ? ? ? ? HKL-2000    ? ? ? .         3 
? 'data scaling'    ? ? ? ? ? ? ? ? ? ? ? HKL-2000    ? ? ? .         4 
? phasing           ? ? ? ? ? ? ? ? ? ? ? PHASER      ? ? ? .         5 
# 
_pdbx_entry_details.entry_id                 8GPZ 
_pdbx_entry_details.has_ligand_of_interest   Y 
_pdbx_entry_details.compound_details         ? 
_pdbx_entry_details.source_details           ? 
_pdbx_entry_details.nonpolymer_details       ? 
_pdbx_entry_details.sequence_details         ? 
# 
loop_
_pdbx_validate_close_contact.id 
_pdbx_validate_close_contact.PDB_model_num 
_pdbx_validate_close_contact.auth_atom_id_1 
_pdbx_validate_close_contact.auth_asym_id_1 
_pdbx_validate_close_contact.auth_comp_id_1 
_pdbx_validate_close_contact.auth_seq_id_1 
_pdbx_validate_close_contact.PDB_ins_code_1 
_pdbx_validate_close_contact.label_alt_id_1 
_pdbx_validate_close_contact.auth_atom_id_2 
_pdbx_validate_close_contact.auth_asym_id_2 
_pdbx_validate_close_contact.auth_comp_id_2 
_pdbx_validate_close_contact.auth_seq_id_2 
_pdbx_validate_close_contact.PDB_ins_code_2 
_pdbx_validate_close_contact.label_alt_id_2 
_pdbx_validate_close_contact.dist 
1 1 O   A ARG 58  ? ? O A HOH 301 ? ? 2.00 
2 1 OD1 A ASN 117 ? ? O A HOH 301 ? ? 2.06 
3 1 O   A HOH 301 ? ? O A HOH 349 ? ? 2.08 
4 1 N   A MET 43  ? ? O A HOH 302 ? ? 2.16 
# 
loop_
_pdbx_validate_torsion.id 
_pdbx_validate_torsion.PDB_model_num 
_pdbx_validate_torsion.auth_comp_id 
_pdbx_validate_torsion.auth_asym_id 
_pdbx_validate_torsion.auth_seq_id 
_pdbx_validate_torsion.PDB_ins_code 
_pdbx_validate_torsion.label_alt_id 
_pdbx_validate_torsion.phi 
_pdbx_validate_torsion.psi 
1 1 ASN A 52  ? ? -168.14 95.64   
2 1 LEU A 94  ? ? -118.33 68.61   
3 1 ASN A 140 ? ? -111.41 -147.98 
# 
loop_
_pdbx_unobs_or_zero_occ_atoms.id 
_pdbx_unobs_or_zero_occ_atoms.PDB_model_num 
_pdbx_unobs_or_zero_occ_atoms.polymer_flag 
_pdbx_unobs_or_zero_occ_atoms.occupancy_flag 
_pdbx_unobs_or_zero_occ_atoms.auth_asym_id 
_pdbx_unobs_or_zero_occ_atoms.auth_comp_id 
_pdbx_unobs_or_zero_occ_atoms.auth_seq_id 
_pdbx_unobs_or_zero_occ_atoms.PDB_ins_code 
_pdbx_unobs_or_zero_occ_atoms.auth_atom_id 
_pdbx_unobs_or_zero_occ_atoms.label_alt_id 
_pdbx_unobs_or_zero_occ_atoms.label_asym_id 
_pdbx_unobs_or_zero_occ_atoms.label_comp_id 
_pdbx_unobs_or_zero_occ_atoms.label_seq_id 
_pdbx_unobs_or_zero_occ_atoms.label_atom_id 
1  1 Y 1 A MET 43  ? CG  ? A MET 1  CG  
2  1 Y 1 A MET 43  ? SD  ? A MET 1  SD  
3  1 Y 1 A MET 43  ? CE  ? A MET 1  CE  
4  1 Y 1 A GLN 59  ? CG  ? A GLN 17 CG  
5  1 Y 1 A GLN 59  ? CD  ? A GLN 17 CD  
6  1 Y 1 A GLN 59  ? OE1 ? A GLN 17 OE1 
7  1 Y 1 A GLN 59  ? NE2 ? A GLN 17 NE2 
8  1 Y 1 A LYS 112 ? CG  ? A LYS 70 CG  
9  1 Y 1 A LYS 112 ? CD  ? A LYS 70 CD  
10 1 Y 1 A LYS 112 ? CE  ? A LYS 70 CE  
11 1 Y 1 A LYS 112 ? NZ  ? A LYS 70 NZ  
12 1 Y 1 A GLN 123 ? CD  ? A GLN 81 CD  
13 1 Y 1 A GLN 123 ? OE1 ? A GLN 81 OE1 
14 1 Y 1 A GLN 123 ? NE2 ? A GLN 81 NE2 
15 1 Y 1 A GLN 127 ? CG  ? A GLN 85 CG  
16 1 Y 1 A GLN 127 ? CD  ? A GLN 85 CD  
17 1 Y 1 A GLN 127 ? OE1 ? A GLN 85 OE1 
18 1 Y 1 A GLN 127 ? NE2 ? A GLN 85 NE2 
# 
loop_
_chem_comp_atom.comp_id 
_chem_comp_atom.atom_id 
_chem_comp_atom.type_symbol 
_chem_comp_atom.pdbx_aromatic_flag 
_chem_comp_atom.pdbx_stereo_config 
_chem_comp_atom.pdbx_ordinal 
ALA N    N  N N 1   
ALA CA   C  N S 2   
ALA C    C  N N 3   
ALA O    O  N N 4   
ALA CB   C  N N 5   
ALA OXT  O  N N 6   
ALA H    H  N N 7   
ALA H2   H  N N 8   
ALA HA   H  N N 9   
ALA HB1  H  N N 10  
ALA HB2  H  N N 11  
ALA HB3  H  N N 12  
ALA HXT  H  N N 13  
ARG N    N  N N 14  
ARG CA   C  N S 15  
ARG C    C  N N 16  
ARG O    O  N N 17  
ARG CB   C  N N 18  
ARG CG   C  N N 19  
ARG CD   C  N N 20  
ARG NE   N  N N 21  
ARG CZ   C  N N 22  
ARG NH1  N  N N 23  
ARG NH2  N  N N 24  
ARG OXT  O  N N 25  
ARG H    H  N N 26  
ARG H2   H  N N 27  
ARG HA   H  N N 28  
ARG HB2  H  N N 29  
ARG HB3  H  N N 30  
ARG HG2  H  N N 31  
ARG HG3  H  N N 32  
ARG HD2  H  N N 33  
ARG HD3  H  N N 34  
ARG HE   H  N N 35  
ARG HH11 H  N N 36  
ARG HH12 H  N N 37  
ARG HH21 H  N N 38  
ARG HH22 H  N N 39  
ARG HXT  H  N N 40  
ASN N    N  N N 41  
ASN CA   C  N S 42  
ASN C    C  N N 43  
ASN O    O  N N 44  
ASN CB   C  N N 45  
ASN CG   C  N N 46  
ASN OD1  O  N N 47  
ASN ND2  N  N N 48  
ASN OXT  O  N N 49  
ASN H    H  N N 50  
ASN H2   H  N N 51  
ASN HA   H  N N 52  
ASN HB2  H  N N 53  
ASN HB3  H  N N 54  
ASN HD21 H  N N 55  
ASN HD22 H  N N 56  
ASN HXT  H  N N 57  
ASP N    N  N N 58  
ASP CA   C  N S 59  
ASP C    C  N N 60  
ASP O    O  N N 61  
ASP CB   C  N N 62  
ASP CG   C  N N 63  
ASP OD1  O  N N 64  
ASP OD2  O  N N 65  
ASP OXT  O  N N 66  
ASP H    H  N N 67  
ASP H2   H  N N 68  
ASP HA   H  N N 69  
ASP HB2  H  N N 70  
ASP HB3  H  N N 71  
ASP HD2  H  N N 72  
ASP HXT  H  N N 73  
CYS N    N  N N 74  
CYS CA   C  N R 75  
CYS C    C  N N 76  
CYS O    O  N N 77  
CYS CB   C  N N 78  
CYS SG   S  N N 79  
CYS OXT  O  N N 80  
CYS H    H  N N 81  
CYS H2   H  N N 82  
CYS HA   H  N N 83  
CYS HB2  H  N N 84  
CYS HB3  H  N N 85  
CYS HG   H  N N 86  
CYS HXT  H  N N 87  
FMT C    C  N N 88  
FMT O1   O  N N 89  
FMT O2   O  N N 90  
FMT H    H  N N 91  
FMT HO2  H  N N 92  
GLN N    N  N N 93  
GLN CA   C  N S 94  
GLN C    C  N N 95  
GLN O    O  N N 96  
GLN CB   C  N N 97  
GLN CG   C  N N 98  
GLN CD   C  N N 99  
GLN OE1  O  N N 100 
GLN NE2  N  N N 101 
GLN OXT  O  N N 102 
GLN H    H  N N 103 
GLN H2   H  N N 104 
GLN HA   H  N N 105 
GLN HB2  H  N N 106 
GLN HB3  H  N N 107 
GLN HG2  H  N N 108 
GLN HG3  H  N N 109 
GLN HE21 H  N N 110 
GLN HE22 H  N N 111 
GLN HXT  H  N N 112 
GLU N    N  N N 113 
GLU CA   C  N S 114 
GLU C    C  N N 115 
GLU O    O  N N 116 
GLU CB   C  N N 117 
GLU CG   C  N N 118 
GLU CD   C  N N 119 
GLU OE1  O  N N 120 
GLU OE2  O  N N 121 
GLU OXT  O  N N 122 
GLU H    H  N N 123 
GLU H2   H  N N 124 
GLU HA   H  N N 125 
GLU HB2  H  N N 126 
GLU HB3  H  N N 127 
GLU HG2  H  N N 128 
GLU HG3  H  N N 129 
GLU HE2  H  N N 130 
GLU HXT  H  N N 131 
GLY N    N  N N 132 
GLY CA   C  N N 133 
GLY C    C  N N 134 
GLY O    O  N N 135 
GLY OXT  O  N N 136 
GLY H    H  N N 137 
GLY H2   H  N N 138 
GLY HA2  H  N N 139 
GLY HA3  H  N N 140 
GLY HXT  H  N N 141 
HIS N    N  N N 142 
HIS CA   C  N S 143 
HIS C    C  N N 144 
HIS O    O  N N 145 
HIS CB   C  N N 146 
HIS CG   C  Y N 147 
HIS ND1  N  Y N 148 
HIS CD2  C  Y N 149 
HIS CE1  C  Y N 150 
HIS NE2  N  Y N 151 
HIS OXT  O  N N 152 
HIS H    H  N N 153 
HIS H2   H  N N 154 
HIS HA   H  N N 155 
HIS HB2  H  N N 156 
HIS HB3  H  N N 157 
HIS HD1  H  N N 158 
HIS HD2  H  N N 159 
HIS HE1  H  N N 160 
HIS HE2  H  N N 161 
HIS HXT  H  N N 162 
HOH O    O  N N 163 
HOH H1   H  N N 164 
HOH H2   H  N N 165 
ILE N    N  N N 166 
ILE CA   C  N S 167 
ILE C    C  N N 168 
ILE O    O  N N 169 
ILE CB   C  N S 170 
ILE CG1  C  N N 171 
ILE CG2  C  N N 172 
ILE CD1  C  N N 173 
ILE OXT  O  N N 174 
ILE H    H  N N 175 
ILE H2   H  N N 176 
ILE HA   H  N N 177 
ILE HB   H  N N 178 
ILE HG12 H  N N 179 
ILE HG13 H  N N 180 
ILE HG21 H  N N 181 
ILE HG22 H  N N 182 
ILE HG23 H  N N 183 
ILE HD11 H  N N 184 
ILE HD12 H  N N 185 
ILE HD13 H  N N 186 
ILE HXT  H  N N 187 
KC3 C4   C  N N 188 
KC3 C5   C  N N 189 
KC3 C6   C  Y N 190 
KC3 C11  C  N N 191 
KC3 C7   C  Y N 192 
KC3 C8   C  Y N 193 
KC3 C9   C  Y N 194 
KC3 C10  C  Y N 195 
KC3 C12  C  N N 196 
KC3 N1   N  N N 197 
KC3 N2   N  Y N 198 
KC3 C3   C  N N 199 
KC3 N3   N  Y N 200 
KC3 C1   C  N N 201 
KC3 C2   C  N N 202 
KC3 N4   N  Y N 203 
KC3 N5   N  Y N 204 
KC3 H1   H  N N 205 
KC3 H2   H  N N 206 
KC3 H3   H  N N 207 
KC3 H4   H  N N 208 
KC3 H5   H  N N 209 
KC3 H6   H  N N 210 
KC3 H7   H  N N 211 
KC3 H8   H  N N 212 
KC3 H9   H  N N 213 
KC3 H10  H  N N 214 
KC3 H11  H  N N 215 
KC3 H12  H  N N 216 
KC3 H13  H  N N 217 
KC3 H14  H  N N 218 
KC3 H15  H  N N 219 
KC3 H16  H  N N 220 
KC3 H17  H  N N 221 
LEU N    N  N N 222 
LEU CA   C  N S 223 
LEU C    C  N N 224 
LEU O    O  N N 225 
LEU CB   C  N N 226 
LEU CG   C  N N 227 
LEU CD1  C  N N 228 
LEU CD2  C  N N 229 
LEU OXT  O  N N 230 
LEU H    H  N N 231 
LEU H2   H  N N 232 
LEU HA   H  N N 233 
LEU HB2  H  N N 234 
LEU HB3  H  N N 235 
LEU HG   H  N N 236 
LEU HD11 H  N N 237 
LEU HD12 H  N N 238 
LEU HD13 H  N N 239 
LEU HD21 H  N N 240 
LEU HD22 H  N N 241 
LEU HD23 H  N N 242 
LEU HXT  H  N N 243 
LYS N    N  N N 244 
LYS CA   C  N S 245 
LYS C    C  N N 246 
LYS O    O  N N 247 
LYS CB   C  N N 248 
LYS CG   C  N N 249 
LYS CD   C  N N 250 
LYS CE   C  N N 251 
LYS NZ   N  N N 252 
LYS OXT  O  N N 253 
LYS H    H  N N 254 
LYS H2   H  N N 255 
LYS HA   H  N N 256 
LYS HB2  H  N N 257 
LYS HB3  H  N N 258 
LYS HG2  H  N N 259 
LYS HG3  H  N N 260 
LYS HD2  H  N N 261 
LYS HD3  H  N N 262 
LYS HE2  H  N N 263 
LYS HE3  H  N N 264 
LYS HZ1  H  N N 265 
LYS HZ2  H  N N 266 
LYS HZ3  H  N N 267 
LYS HXT  H  N N 268 
MET N    N  N N 269 
MET CA   C  N S 270 
MET C    C  N N 271 
MET O    O  N N 272 
MET CB   C  N N 273 
MET CG   C  N N 274 
MET SD   S  N N 275 
MET CE   C  N N 276 
MET OXT  O  N N 277 
MET H    H  N N 278 
MET H2   H  N N 279 
MET HA   H  N N 280 
MET HB2  H  N N 281 
MET HB3  H  N N 282 
MET HG2  H  N N 283 
MET HG3  H  N N 284 
MET HE1  H  N N 285 
MET HE2  H  N N 286 
MET HE3  H  N N 287 
MET HXT  H  N N 288 
NA  NA   NA N N 289 
PHE N    N  N N 290 
PHE CA   C  N S 291 
PHE C    C  N N 292 
PHE O    O  N N 293 
PHE CB   C  N N 294 
PHE CG   C  Y N 295 
PHE CD1  C  Y N 296 
PHE CD2  C  Y N 297 
PHE CE1  C  Y N 298 
PHE CE2  C  Y N 299 
PHE CZ   C  Y N 300 
PHE OXT  O  N N 301 
PHE H    H  N N 302 
PHE H2   H  N N 303 
PHE HA   H  N N 304 
PHE HB2  H  N N 305 
PHE HB3  H  N N 306 
PHE HD1  H  N N 307 
PHE HD2  H  N N 308 
PHE HE1  H  N N 309 
PHE HE2  H  N N 310 
PHE HZ   H  N N 311 
PHE HXT  H  N N 312 
PRO N    N  N N 313 
PRO CA   C  N S 314 
PRO C    C  N N 315 
PRO O    O  N N 316 
PRO CB   C  N N 317 
PRO CG   C  N N 318 
PRO CD   C  N N 319 
PRO OXT  O  N N 320 
PRO H    H  N N 321 
PRO HA   H  N N 322 
PRO HB2  H  N N 323 
PRO HB3  H  N N 324 
PRO HG2  H  N N 325 
PRO HG3  H  N N 326 
PRO HD2  H  N N 327 
PRO HD3  H  N N 328 
PRO HXT  H  N N 329 
SER N    N  N N 330 
SER CA   C  N S 331 
SER C    C  N N 332 
SER O    O  N N 333 
SER CB   C  N N 334 
SER OG   O  N N 335 
SER OXT  O  N N 336 
SER H    H  N N 337 
SER H2   H  N N 338 
SER HA   H  N N 339 
SER HB2  H  N N 340 
SER HB3  H  N N 341 
SER HG   H  N N 342 
SER HXT  H  N N 343 
THR N    N  N N 344 
THR CA   C  N S 345 
THR C    C  N N 346 
THR O    O  N N 347 
THR CB   C  N R 348 
THR OG1  O  N N 349 
THR CG2  C  N N 350 
THR OXT  O  N N 351 
THR H    H  N N 352 
THR H2   H  N N 353 
THR HA   H  N N 354 
THR HB   H  N N 355 
THR HG1  H  N N 356 
THR HG21 H  N N 357 
THR HG22 H  N N 358 
THR HG23 H  N N 359 
THR HXT  H  N N 360 
TRP N    N  N N 361 
TRP CA   C  N S 362 
TRP C    C  N N 363 
TRP O    O  N N 364 
TRP CB   C  N N 365 
TRP CG   C  Y N 366 
TRP CD1  C  Y N 367 
TRP CD2  C  Y N 368 
TRP NE1  N  Y N 369 
TRP CE2  C  Y N 370 
TRP CE3  C  Y N 371 
TRP CZ2  C  Y N 372 
TRP CZ3  C  Y N 373 
TRP CH2  C  Y N 374 
TRP OXT  O  N N 375 
TRP H    H  N N 376 
TRP H2   H  N N 377 
TRP HA   H  N N 378 
TRP HB2  H  N N 379 
TRP HB3  H  N N 380 
TRP HD1  H  N N 381 
TRP HE1  H  N N 382 
TRP HE3  H  N N 383 
TRP HZ2  H  N N 384 
TRP HZ3  H  N N 385 
TRP HH2  H  N N 386 
TRP HXT  H  N N 387 
TYR N    N  N N 388 
TYR CA   C  N S 389 
TYR C    C  N N 390 
TYR O    O  N N 391 
TYR CB   C  N N 392 
TYR CG   C  Y N 393 
TYR CD1  C  Y N 394 
TYR CD2  C  Y N 395 
TYR CE1  C  Y N 396 
TYR CE2  C  Y N 397 
TYR CZ   C  Y N 398 
TYR OH   O  N N 399 
TYR OXT  O  N N 400 
TYR H    H  N N 401 
TYR H2   H  N N 402 
TYR HA   H  N N 403 
TYR HB2  H  N N 404 
TYR HB3  H  N N 405 
TYR HD1  H  N N 406 
TYR HD2  H  N N 407 
TYR HE1  H  N N 408 
TYR HE2  H  N N 409 
TYR HH   H  N N 410 
TYR HXT  H  N N 411 
VAL N    N  N N 412 
VAL CA   C  N S 413 
VAL C    C  N N 414 
VAL O    O  N N 415 
VAL CB   C  N N 416 
VAL CG1  C  N N 417 
VAL CG2  C  N N 418 
VAL OXT  O  N N 419 
VAL H    H  N N 420 
VAL H2   H  N N 421 
VAL HA   H  N N 422 
VAL HB   H  N N 423 
VAL HG11 H  N N 424 
VAL HG12 H  N N 425 
VAL HG13 H  N N 426 
VAL HG21 H  N N 427 
VAL HG22 H  N N 428 
VAL HG23 H  N N 429 
VAL HXT  H  N N 430 
# 
loop_
_chem_comp_bond.comp_id 
_chem_comp_bond.atom_id_1 
_chem_comp_bond.atom_id_2 
_chem_comp_bond.value_order 
_chem_comp_bond.pdbx_aromatic_flag 
_chem_comp_bond.pdbx_stereo_config 
_chem_comp_bond.pdbx_ordinal 
ALA N   CA   sing N N 1   
ALA N   H    sing N N 2   
ALA N   H2   sing N N 3   
ALA CA  C    sing N N 4   
ALA CA  CB   sing N N 5   
ALA CA  HA   sing N N 6   
ALA C   O    doub N N 7   
ALA C   OXT  sing N N 8   
ALA CB  HB1  sing N N 9   
ALA CB  HB2  sing N N 10  
ALA CB  HB3  sing N N 11  
ALA OXT HXT  sing N N 12  
ARG N   CA   sing N N 13  
ARG N   H    sing N N 14  
ARG N   H2   sing N N 15  
ARG CA  C    sing N N 16  
ARG CA  CB   sing N N 17  
ARG CA  HA   sing N N 18  
ARG C   O    doub N N 19  
ARG C   OXT  sing N N 20  
ARG CB  CG   sing N N 21  
ARG CB  HB2  sing N N 22  
ARG CB  HB3  sing N N 23  
ARG CG  CD   sing N N 24  
ARG CG  HG2  sing N N 25  
ARG CG  HG3  sing N N 26  
ARG CD  NE   sing N N 27  
ARG CD  HD2  sing N N 28  
ARG CD  HD3  sing N N 29  
ARG NE  CZ   sing N N 30  
ARG NE  HE   sing N N 31  
ARG CZ  NH1  sing N N 32  
ARG CZ  NH2  doub N N 33  
ARG NH1 HH11 sing N N 34  
ARG NH1 HH12 sing N N 35  
ARG NH2 HH21 sing N N 36  
ARG NH2 HH22 sing N N 37  
ARG OXT HXT  sing N N 38  
ASN N   CA   sing N N 39  
ASN N   H    sing N N 40  
ASN N   H2   sing N N 41  
ASN CA  C    sing N N 42  
ASN CA  CB   sing N N 43  
ASN CA  HA   sing N N 44  
ASN C   O    doub N N 45  
ASN C   OXT  sing N N 46  
ASN CB  CG   sing N N 47  
ASN CB  HB2  sing N N 48  
ASN CB  HB3  sing N N 49  
ASN CG  OD1  doub N N 50  
ASN CG  ND2  sing N N 51  
ASN ND2 HD21 sing N N 52  
ASN ND2 HD22 sing N N 53  
ASN OXT HXT  sing N N 54  
ASP N   CA   sing N N 55  
ASP N   H    sing N N 56  
ASP N   H2   sing N N 57  
ASP CA  C    sing N N 58  
ASP CA  CB   sing N N 59  
ASP CA  HA   sing N N 60  
ASP C   O    doub N N 61  
ASP C   OXT  sing N N 62  
ASP CB  CG   sing N N 63  
ASP CB  HB2  sing N N 64  
ASP CB  HB3  sing N N 65  
ASP CG  OD1  doub N N 66  
ASP CG  OD2  sing N N 67  
ASP OD2 HD2  sing N N 68  
ASP OXT HXT  sing N N 69  
CYS N   CA   sing N N 70  
CYS N   H    sing N N 71  
CYS N   H2   sing N N 72  
CYS CA  C    sing N N 73  
CYS CA  CB   sing N N 74  
CYS CA  HA   sing N N 75  
CYS C   O    doub N N 76  
CYS C   OXT  sing N N 77  
CYS CB  SG   sing N N 78  
CYS CB  HB2  sing N N 79  
CYS CB  HB3  sing N N 80  
CYS SG  HG   sing N N 81  
CYS OXT HXT  sing N N 82  
FMT C   O1   doub N N 83  
FMT C   O2   sing N N 84  
FMT C   H    sing N N 85  
FMT O2  HO2  sing N N 86  
GLN N   CA   sing N N 87  
GLN N   H    sing N N 88  
GLN N   H2   sing N N 89  
GLN CA  C    sing N N 90  
GLN CA  CB   sing N N 91  
GLN CA  HA   sing N N 92  
GLN C   O    doub N N 93  
GLN C   OXT  sing N N 94  
GLN CB  CG   sing N N 95  
GLN CB  HB2  sing N N 96  
GLN CB  HB3  sing N N 97  
GLN CG  CD   sing N N 98  
GLN CG  HG2  sing N N 99  
GLN CG  HG3  sing N N 100 
GLN CD  OE1  doub N N 101 
GLN CD  NE2  sing N N 102 
GLN NE2 HE21 sing N N 103 
GLN NE2 HE22 sing N N 104 
GLN OXT HXT  sing N N 105 
GLU N   CA   sing N N 106 
GLU N   H    sing N N 107 
GLU N   H2   sing N N 108 
GLU CA  C    sing N N 109 
GLU CA  CB   sing N N 110 
GLU CA  HA   sing N N 111 
GLU C   O    doub N N 112 
GLU C   OXT  sing N N 113 
GLU CB  CG   sing N N 114 
GLU CB  HB2  sing N N 115 
GLU CB  HB3  sing N N 116 
GLU CG  CD   sing N N 117 
GLU CG  HG2  sing N N 118 
GLU CG  HG3  sing N N 119 
GLU CD  OE1  doub N N 120 
GLU CD  OE2  sing N N 121 
GLU OE2 HE2  sing N N 122 
GLU OXT HXT  sing N N 123 
GLY N   CA   sing N N 124 
GLY N   H    sing N N 125 
GLY N   H2   sing N N 126 
GLY CA  C    sing N N 127 
GLY CA  HA2  sing N N 128 
GLY CA  HA3  sing N N 129 
GLY C   O    doub N N 130 
GLY C   OXT  sing N N 131 
GLY OXT HXT  sing N N 132 
HIS N   CA   sing N N 133 
HIS N   H    sing N N 134 
HIS N   H2   sing N N 135 
HIS CA  C    sing N N 136 
HIS CA  CB   sing N N 137 
HIS CA  HA   sing N N 138 
HIS C   O    doub N N 139 
HIS C   OXT  sing N N 140 
HIS CB  CG   sing N N 141 
HIS CB  HB2  sing N N 142 
HIS CB  HB3  sing N N 143 
HIS CG  ND1  sing Y N 144 
HIS CG  CD2  doub Y N 145 
HIS ND1 CE1  doub Y N 146 
HIS ND1 HD1  sing N N 147 
HIS CD2 NE2  sing Y N 148 
HIS CD2 HD2  sing N N 149 
HIS CE1 NE2  sing Y N 150 
HIS CE1 HE1  sing N N 151 
HIS NE2 HE2  sing N N 152 
HIS OXT HXT  sing N N 153 
HOH O   H1   sing N N 154 
HOH O   H2   sing N N 155 
ILE N   CA   sing N N 156 
ILE N   H    sing N N 157 
ILE N   H2   sing N N 158 
ILE CA  C    sing N N 159 
ILE CA  CB   sing N N 160 
ILE CA  HA   sing N N 161 
ILE C   O    doub N N 162 
ILE C   OXT  sing N N 163 
ILE CB  CG1  sing N N 164 
ILE CB  CG2  sing N N 165 
ILE CB  HB   sing N N 166 
ILE CG1 CD1  sing N N 167 
ILE CG1 HG12 sing N N 168 
ILE CG1 HG13 sing N N 169 
ILE CG2 HG21 sing N N 170 
ILE CG2 HG22 sing N N 171 
ILE CG2 HG23 sing N N 172 
ILE CD1 HD11 sing N N 173 
ILE CD1 HD12 sing N N 174 
ILE CD1 HD13 sing N N 175 
ILE OXT HXT  sing N N 176 
KC3 C11 C5   sing N N 177 
KC3 C4  C5   sing N N 178 
KC3 C4  C3   sing N N 179 
KC3 C5  C1   sing N N 180 
KC3 C3  N1   sing N N 181 
KC3 C1  C2   sing N N 182 
KC3 C8  C7   doub Y N 183 
KC3 C8  C9   sing Y N 184 
KC3 N1  C9   sing N N 185 
KC3 N1  C2   sing N N 186 
KC3 C7  C6   sing Y N 187 
KC3 C9  N2   doub Y N 188 
KC3 C6  N3   sing Y N 189 
KC3 C6  N4   doub Y N 190 
KC3 N2  N3   sing Y N 191 
KC3 N3  C10  sing Y N 192 
KC3 N4  N5   sing Y N 193 
KC3 C10 N5   doub Y N 194 
KC3 C10 C12  sing N N 195 
KC3 C4  H1   sing N N 196 
KC3 C4  H2   sing N N 197 
KC3 C5  H3   sing N N 198 
KC3 C11 H4   sing N N 199 
KC3 C11 H5   sing N N 200 
KC3 C11 H6   sing N N 201 
KC3 C7  H7   sing N N 202 
KC3 C8  H8   sing N N 203 
KC3 C12 H9   sing N N 204 
KC3 C12 H10  sing N N 205 
KC3 C12 H11  sing N N 206 
KC3 C3  H12  sing N N 207 
KC3 C3  H13  sing N N 208 
KC3 C1  H14  sing N N 209 
KC3 C1  H15  sing N N 210 
KC3 C2  H16  sing N N 211 
KC3 C2  H17  sing N N 212 
LEU N   CA   sing N N 213 
LEU N   H    sing N N 214 
LEU N   H2   sing N N 215 
LEU CA  C    sing N N 216 
LEU CA  CB   sing N N 217 
LEU CA  HA   sing N N 218 
LEU C   O    doub N N 219 
LEU C   OXT  sing N N 220 
LEU CB  CG   sing N N 221 
LEU CB  HB2  sing N N 222 
LEU CB  HB3  sing N N 223 
LEU CG  CD1  sing N N 224 
LEU CG  CD2  sing N N 225 
LEU CG  HG   sing N N 226 
LEU CD1 HD11 sing N N 227 
LEU CD1 HD12 sing N N 228 
LEU CD1 HD13 sing N N 229 
LEU CD2 HD21 sing N N 230 
LEU CD2 HD22 sing N N 231 
LEU CD2 HD23 sing N N 232 
LEU OXT HXT  sing N N 233 
LYS N   CA   sing N N 234 
LYS N   H    sing N N 235 
LYS N   H2   sing N N 236 
LYS CA  C    sing N N 237 
LYS CA  CB   sing N N 238 
LYS CA  HA   sing N N 239 
LYS C   O    doub N N 240 
LYS C   OXT  sing N N 241 
LYS CB  CG   sing N N 242 
LYS CB  HB2  sing N N 243 
LYS CB  HB3  sing N N 244 
LYS CG  CD   sing N N 245 
LYS CG  HG2  sing N N 246 
LYS CG  HG3  sing N N 247 
LYS CD  CE   sing N N 248 
LYS CD  HD2  sing N N 249 
LYS CD  HD3  sing N N 250 
LYS CE  NZ   sing N N 251 
LYS CE  HE2  sing N N 252 
LYS CE  HE3  sing N N 253 
LYS NZ  HZ1  sing N N 254 
LYS NZ  HZ2  sing N N 255 
LYS NZ  HZ3  sing N N 256 
LYS OXT HXT  sing N N 257 
MET N   CA   sing N N 258 
MET N   H    sing N N 259 
MET N   H2   sing N N 260 
MET CA  C    sing N N 261 
MET CA  CB   sing N N 262 
MET CA  HA   sing N N 263 
MET C   O    doub N N 264 
MET C   OXT  sing N N 265 
MET CB  CG   sing N N 266 
MET CB  HB2  sing N N 267 
MET CB  HB3  sing N N 268 
MET CG  SD   sing N N 269 
MET CG  HG2  sing N N 270 
MET CG  HG3  sing N N 271 
MET SD  CE   sing N N 272 
MET CE  HE1  sing N N 273 
MET CE  HE2  sing N N 274 
MET CE  HE3  sing N N 275 
MET OXT HXT  sing N N 276 
PHE N   CA   sing N N 277 
PHE N   H    sing N N 278 
PHE N   H2   sing N N 279 
PHE CA  C    sing N N 280 
PHE CA  CB   sing N N 281 
PHE CA  HA   sing N N 282 
PHE C   O    doub N N 283 
PHE C   OXT  sing N N 284 
PHE CB  CG   sing N N 285 
PHE CB  HB2  sing N N 286 
PHE CB  HB3  sing N N 287 
PHE CG  CD1  doub Y N 288 
PHE CG  CD2  sing Y N 289 
PHE CD1 CE1  sing Y N 290 
PHE CD1 HD1  sing N N 291 
PHE CD2 CE2  doub Y N 292 
PHE CD2 HD2  sing N N 293 
PHE CE1 CZ   doub Y N 294 
PHE CE1 HE1  sing N N 295 
PHE CE2 CZ   sing Y N 296 
PHE CE2 HE2  sing N N 297 
PHE CZ  HZ   sing N N 298 
PHE OXT HXT  sing N N 299 
PRO N   CA   sing N N 300 
PRO N   CD   sing N N 301 
PRO N   H    sing N N 302 
PRO CA  C    sing N N 303 
PRO CA  CB   sing N N 304 
PRO CA  HA   sing N N 305 
PRO C   O    doub N N 306 
PRO C   OXT  sing N N 307 
PRO CB  CG   sing N N 308 
PRO CB  HB2  sing N N 309 
PRO CB  HB3  sing N N 310 
PRO CG  CD   sing N N 311 
PRO CG  HG2  sing N N 312 
PRO CG  HG3  sing N N 313 
PRO CD  HD2  sing N N 314 
PRO CD  HD3  sing N N 315 
PRO OXT HXT  sing N N 316 
SER N   CA   sing N N 317 
SER N   H    sing N N 318 
SER N   H2   sing N N 319 
SER CA  C    sing N N 320 
SER CA  CB   sing N N 321 
SER CA  HA   sing N N 322 
SER C   O    doub N N 323 
SER C   OXT  sing N N 324 
SER CB  OG   sing N N 325 
SER CB  HB2  sing N N 326 
SER CB  HB3  sing N N 327 
SER OG  HG   sing N N 328 
SER OXT HXT  sing N N 329 
THR N   CA   sing N N 330 
THR N   H    sing N N 331 
THR N   H2   sing N N 332 
THR CA  C    sing N N 333 
THR CA  CB   sing N N 334 
THR CA  HA   sing N N 335 
THR C   O    doub N N 336 
THR C   OXT  sing N N 337 
THR CB  OG1  sing N N 338 
THR CB  CG2  sing N N 339 
THR CB  HB   sing N N 340 
THR OG1 HG1  sing N N 341 
THR CG2 HG21 sing N N 342 
THR CG2 HG22 sing N N 343 
THR CG2 HG23 sing N N 344 
THR OXT HXT  sing N N 345 
TRP N   CA   sing N N 346 
TRP N   H    sing N N 347 
TRP N   H2   sing N N 348 
TRP CA  C    sing N N 349 
TRP CA  CB   sing N N 350 
TRP CA  HA   sing N N 351 
TRP C   O    doub N N 352 
TRP C   OXT  sing N N 353 
TRP CB  CG   sing N N 354 
TRP CB  HB2  sing N N 355 
TRP CB  HB3  sing N N 356 
TRP CG  CD1  doub Y N 357 
TRP CG  CD2  sing Y N 358 
TRP CD1 NE1  sing Y N 359 
TRP CD1 HD1  sing N N 360 
TRP CD2 CE2  doub Y N 361 
TRP CD2 CE3  sing Y N 362 
TRP NE1 CE2  sing Y N 363 
TRP NE1 HE1  sing N N 364 
TRP CE2 CZ2  sing Y N 365 
TRP CE3 CZ3  doub Y N 366 
TRP CE3 HE3  sing N N 367 
TRP CZ2 CH2  doub Y N 368 
TRP CZ2 HZ2  sing N N 369 
TRP CZ3 CH2  sing Y N 370 
TRP CZ3 HZ3  sing N N 371 
TRP CH2 HH2  sing N N 372 
TRP OXT HXT  sing N N 373 
TYR N   CA   sing N N 374 
TYR N   H    sing N N 375 
TYR N   H2   sing N N 376 
TYR CA  C    sing N N 377 
TYR CA  CB   sing N N 378 
TYR CA  HA   sing N N 379 
TYR C   O    doub N N 380 
TYR C   OXT  sing N N 381 
TYR CB  CG   sing N N 382 
TYR CB  HB2  sing N N 383 
TYR CB  HB3  sing N N 384 
TYR CG  CD1  doub Y N 385 
TYR CG  CD2  sing Y N 386 
TYR CD1 CE1  sing Y N 387 
TYR CD1 HD1  sing N N 388 
TYR CD2 CE2  doub Y N 389 
TYR CD2 HD2  sing N N 390 
TYR CE1 CZ   doub Y N 391 
TYR CE1 HE1  sing N N 392 
TYR CE2 CZ   sing Y N 393 
TYR CE2 HE2  sing N N 394 
TYR CZ  OH   sing N N 395 
TYR OH  HH   sing N N 396 
TYR OXT HXT  sing N N 397 
VAL N   CA   sing N N 398 
VAL N   H    sing N N 399 
VAL N   H2   sing N N 400 
VAL CA  C    sing N N 401 
VAL CA  CB   sing N N 402 
VAL CA  HA   sing N N 403 
VAL C   O    doub N N 404 
VAL C   OXT  sing N N 405 
VAL CB  CG1  sing N N 406 
VAL CB  CG2  sing N N 407 
VAL CB  HB   sing N N 408 
VAL CG1 HG11 sing N N 409 
VAL CG1 HG12 sing N N 410 
VAL CG1 HG13 sing N N 411 
VAL CG2 HG21 sing N N 412 
VAL CG2 HG22 sing N N 413 
VAL CG2 HG23 sing N N 414 
VAL OXT HXT  sing N N 415 
# 
loop_
_pdbx_audit_support.funding_organization 
_pdbx_audit_support.country 
_pdbx_audit_support.grant_number 
_pdbx_audit_support.ordinal 
'National Research Foundation (NRF, Korea)' 'Korea, Republic Of' NRF-2019R1A2C1002545 1 
'National Research Foundation (NRF, Korea)' 'Korea, Republic Of' NRF-2018R1A5A2023127 2 
# 
loop_
_pdbx_entity_instance_feature.ordinal 
_pdbx_entity_instance_feature.comp_id 
_pdbx_entity_instance_feature.asym_id 
_pdbx_entity_instance_feature.seq_num 
_pdbx_entity_instance_feature.auth_comp_id 
_pdbx_entity_instance_feature.auth_asym_id 
_pdbx_entity_instance_feature.auth_seq_num 
_pdbx_entity_instance_feature.feature_type 
_pdbx_entity_instance_feature.details 
1 KC3 ? ? KC3 ? ? 'SUBJECT OF INVESTIGATION' ? 
2 NA  ? ? NA  ? ? 'SUBJECT OF INVESTIGATION' ? 
3 FMT ? ? FMT ? ? 'SUBJECT OF INVESTIGATION' ? 
# 
loop_
_pdbx_entity_nonpoly.entity_id 
_pdbx_entity_nonpoly.name 
_pdbx_entity_nonpoly.comp_id 
2 'FORMIC ACID'                                                          FMT 
3 'SODIUM ION'                                                           NA  
4 '3-methyl-6-(4-methylpiperidin-1-yl)-[1,2,4]triazolo[4,3-b]pyridazine' KC3 
5 water                                                                  HOH 
# 
_pdbx_initial_refinement_model.id               1 
_pdbx_initial_refinement_model.entity_id_list   ? 
_pdbx_initial_refinement_model.type             'experimental model' 
_pdbx_initial_refinement_model.source_name      PDB 
_pdbx_initial_refinement_model.accession_code   6KEI 
_pdbx_initial_refinement_model.details          ? 
# 
_pdbx_struct_assembly_auth_evidence.id                     1 
_pdbx_struct_assembly_auth_evidence.assembly_id            1 
_pdbx_struct_assembly_auth_evidence.experimental_support   'gel filtration' 
_pdbx_struct_assembly_auth_evidence.details                ? 
# 
